data_2XDA
# 
_entry.id   2XDA 
# 
_audit_conform.dict_name       mmcif_pdbx.dic 
_audit_conform.dict_version    5.383 
_audit_conform.dict_location   http://mmcif.pdb.org/dictionaries/ascii/mmcif_pdbx.dic 
# 
loop_
_database_2.database_id 
_database_2.database_code 
_database_2.pdbx_database_accession 
_database_2.pdbx_DOI 
PDB   2XDA         pdb_00002xda 10.2210/pdb2xda/pdb 
PDBE  EBI-43780    ?            ?                   
WWPDB D_1290043780 ?            ?                   
# 
loop_
_pdbx_database_related.db_name 
_pdbx_database_related.db_id 
_pdbx_database_related.content_type 
_pdbx_database_related.details 
PDB 2C57 unspecified 'H.PYLORI TYPE II DEHYDROQUINASE IN COMPLEX WITH FA1' 
PDB 2WKS unspecified 'STRUCTURE OF HELICOBACTER PYLORI TYPE II DEHYDROQUINASE WITH A NEW CARBASUGAR-THIOPHENE INHIBITOR.' 
PDB 2C4V unspecified 'H. PYLORI TYPE II DHQASE IN COMPLEX WITH CITRATE' 
PDB 1J2Y unspecified 'CRYSTAL STRUCTURE OF THE TYPE II 3- DEHYDROQUINASE' 
PDB 2XB9 unspecified 
;STRUCTURE OF HELICOBACTER PYLORI TYPE II DEHYDROQUINASE IN COMPLEX WITH INHIBITOR COMPOUND (2R)-2-(4-METHOXYBENZYL)-3- DEHYDROQUINIC ACID
;
PDB 2C4W unspecified 'TYPE II DEHYDROQUINASE FROM H. PYLORI IN COMPLEX WITH AH9095' 
PDB 2XD9 unspecified 
;STRUCTURE OF HELICOBACTER PYLORI TYPE II DEHYDROQUINASE IN COMPLEX WITH INHIBITOR COMPOUND (4R,6R,7S)-4,6,7-TRIHYDROXY-2 -((E)-PROP-1-ENYL)-4,5,6,7- TETRAHYDROBENZO(B)THIOPHENE-4-CARBOXYLIC ACID
;
# 
_pdbx_database_status.status_code                     REL 
_pdbx_database_status.entry_id                        2XDA 
_pdbx_database_status.deposit_site                    PDBE 
_pdbx_database_status.process_site                    PDBE 
_pdbx_database_status.SG_entry                        . 
_pdbx_database_status.recvd_initial_deposition_date   2010-04-30 
_pdbx_database_status.pdb_format_compatible           Y 
_pdbx_database_status.status_code_sf                  REL 
_pdbx_database_status.status_code_mr                  ? 
_pdbx_database_status.status_code_cs                  ? 
_pdbx_database_status.methods_development_category    ? 
_pdbx_database_status.status_code_nmr_data            ? 
# 
loop_
_audit_author.name 
_audit_author.pdbx_ordinal 
_audit_author.identifier_ORCID 
'Paz, S.'            1  ? 
'Tizon, L.'          2  ? 
'Otero, J.M.'        3  ? 
'Llamas-Saiz, A.L.'  4  ? 
'Fox, G.C.'          5  ? 
'van Raaij, M.J.'    6  ? 
'Lamb, H.'           7  ? 
'Hawkins, A.R.'      8  ? 
'Castedo, L.'        9  ? 
'Gonzalez-Bello, C.' 10 ? 
# 
_citation.id                        primary 
_citation.title                     
'Tetrahydrobenzothiophene derivatives: conformationally restricted inhibitors of type II dehydroquinase.' 
_citation.journal_abbrev            ChemMedChem 
_citation.journal_volume            6 
_citation.page_first                266 
_citation.page_last                 272 
_citation.year                      2011 
_citation.journal_id_ASTM           ? 
_citation.country                   DE 
_citation.journal_id_ISSN           1860-7187 
_citation.journal_id_CSD            ? 
_citation.book_publisher            ? 
_citation.pdbx_database_id_PubMed   21275050 
_citation.pdbx_database_id_DOI      10.1002/cmdc.201000343 
# 
loop_
_citation_author.citation_id 
_citation_author.name 
_citation_author.ordinal 
_citation_author.identifier_ORCID 
primary 'Paz, S.'            1  ? 
primary 'Tizon, L.'          2  ? 
primary 'Otero, J.M.'        3  ? 
primary 'Llamas-Saiz, A.L.'  4  ? 
primary 'Fox, G.C.'          5  ? 
primary 'van Raaij, M.J.'    6  ? 
primary 'Lamb, H.'           7  ? 
primary 'Hawkins, A.R.'      8  ? 
primary 'Lapthorn, A.J.'     9  ? 
primary 'Castedo, L.'        10 ? 
primary 'Gonzalez-Bello, C.' 11 ? 
# 
_cell.entry_id           2XDA 
_cell.length_a           99.640 
_cell.length_b           99.640 
_cell.length_c           99.640 
_cell.angle_alpha        90.00 
_cell.angle_beta         90.00 
_cell.angle_gamma        90.00 
_cell.Z_PDB              24 
_cell.pdbx_unique_axis   ? 
# 
_symmetry.entry_id                         2XDA 
_symmetry.space_group_name_H-M             'P 42 3 2' 
_symmetry.pdbx_full_space_group_name_H-M   ? 
_symmetry.cell_setting                     ? 
_symmetry.Int_Tables_number                208 
# 
loop_
_entity.id 
_entity.type 
_entity.src_method 
_entity.pdbx_description 
_entity.formula_weight 
_entity.pdbx_number_of_molecules 
_entity.pdbx_ec 
_entity.pdbx_mutation 
_entity.pdbx_fragment 
_entity.details 
1 polymer     man '3-DEHYDROQUINATE DEHYDRATASE'                                                                             
18499.246 1   4.2.1.10 ? ? ? 
2 non-polymer syn '(4R,6R,7S)-2-(2-CYCLOPROPYLETHYL)-4,6,7-TRIHYDROXY-4,5,6,7-TETRAHYDRO-1-BENZOTHIOPHENE-4-CARBOXYLIC ACID' 
298.355   1   ?        ? ? ? 
3 water       nat water                                                                                                      
18.015    110 ?        ? ? ? 
# 
_entity_name_com.entity_id   1 
_entity_name_com.name        3-DEHYDROQUINASE 
# 
_entity_poly.entity_id                      1 
_entity_poly.type                           'polypeptide(L)' 
_entity_poly.nstd_linkage                   no 
_entity_poly.nstd_monomer                   no 
_entity_poly.pdbx_seq_one_letter_code       
;MKILVIQGPNLNMLGHRDPRLYGMVTLDQIHEIMQTFVKQGNLDVELEFFQTNFEGEIIDKIQESVGSDYEGIIINPGAF
SHTSIAIADAIMLAGKPVIEVHLTNIQAREEFRKNSYTGAACGGVIMGFGPLGYNMALMAMVNILAEMKAFQEAQKNNPN
NPINNQK
;
_entity_poly.pdbx_seq_one_letter_code_can   
;MKILVIQGPNLNMLGHRDPRLYGMVTLDQIHEIMQTFVKQGNLDVELEFFQTNFEGEIIDKIQESVGSDYEGIIINPGAF
SHTSIAIADAIMLAGKPVIEVHLTNIQAREEFRKNSYTGAACGGVIMGFGPLGYNMALMAMVNILAEMKAFQEAQKNNPN
NPINNQK
;
_entity_poly.pdbx_strand_id                 A 
_entity_poly.pdbx_target_identifier         ? 
# 
loop_
_entity_poly_seq.entity_id 
_entity_poly_seq.num 
_entity_poly_seq.mon_id 
_entity_poly_seq.hetero 
1 1   MET n 
1 2   LYS n 
1 3   ILE n 
1 4   LEU n 
1 5   VAL n 
1 6   ILE n 
1 7   GLN n 
1 8   GLY n 
1 9   PRO n 
1 10  ASN n 
1 11  LEU n 
1 12  ASN n 
1 13  MET n 
1 14  LEU n 
1 15  GLY n 
1 16  HIS n 
1 17  ARG n 
1 18  ASP n 
1 19  PRO n 
1 20  ARG n 
1 21  LEU n 
1 22  TYR n 
1 23  GLY n 
1 24  MET n 
1 25  VAL n 
1 26  THR n 
1 27  LEU n 
1 28  ASP n 
1 29  GLN n 
1 30  ILE n 
1 31  HIS n 
1 32  GLU n 
1 33  ILE n 
1 34  MET n 
1 35  GLN n 
1 36  THR n 
1 37  PHE n 
1 38  VAL n 
1 39  LYS n 
1 40  GLN n 
1 41  GLY n 
1 42  ASN n 
1 43  LEU n 
1 44  ASP n 
1 45  VAL n 
1 46  GLU n 
1 47  LEU n 
1 48  GLU n 
1 49  PHE n 
1 50  PHE n 
1 51  GLN n 
1 52  THR n 
1 53  ASN n 
1 54  PHE n 
1 55  GLU n 
1 56  GLY n 
1 57  GLU n 
1 58  ILE n 
1 59  ILE n 
1 60  ASP n 
1 61  LYS n 
1 62  ILE n 
1 63  GLN n 
1 64  GLU n 
1 65  SER n 
1 66  VAL n 
1 67  GLY n 
1 68  SER n 
1 69  ASP n 
1 70  TYR n 
1 71  GLU n 
1 72  GLY n 
1 73  ILE n 
1 74  ILE n 
1 75  ILE n 
1 76  ASN n 
1 77  PRO n 
1 78  GLY n 
1 79  ALA n 
1 80  PHE n 
1 81  SER n 
1 82  HIS n 
1 83  THR n 
1 84  SER n 
1 85  ILE n 
1 86  ALA n 
1 87  ILE n 
1 88  ALA n 
1 89  ASP n 
1 90  ALA n 
1 91  ILE n 
1 92  MET n 
1 93  LEU n 
1 94  ALA n 
1 95  GLY n 
1 96  LYS n 
1 97  PRO n 
1 98  VAL n 
1 99  ILE n 
1 100 GLU n 
1 101 VAL n 
1 102 HIS n 
1 103 LEU n 
1 104 THR n 
1 105 ASN n 
1 106 ILE n 
1 107 GLN n 
1 108 ALA n 
1 109 ARG n 
1 110 GLU n 
1 111 GLU n 
1 112 PHE n 
1 113 ARG n 
1 114 LYS n 
1 115 ASN n 
1 116 SER n 
1 117 TYR n 
1 118 THR n 
1 119 GLY n 
1 120 ALA n 
1 121 ALA n 
1 122 CYS n 
1 123 GLY n 
1 124 GLY n 
1 125 VAL n 
1 126 ILE n 
1 127 MET n 
1 128 GLY n 
1 129 PHE n 
1 130 GLY n 
1 131 PRO n 
1 132 LEU n 
1 133 GLY n 
1 134 TYR n 
1 135 ASN n 
1 136 MET n 
1 137 ALA n 
1 138 LEU n 
1 139 MET n 
1 140 ALA n 
1 141 MET n 
1 142 VAL n 
1 143 ASN n 
1 144 ILE n 
1 145 LEU n 
1 146 ALA n 
1 147 GLU n 
1 148 MET n 
1 149 LYS n 
1 150 ALA n 
1 151 PHE n 
1 152 GLN n 
1 153 GLU n 
1 154 ALA n 
1 155 GLN n 
1 156 LYS n 
1 157 ASN n 
1 158 ASN n 
1 159 PRO n 
1 160 ASN n 
1 161 ASN n 
1 162 PRO n 
1 163 ILE n 
1 164 ASN n 
1 165 ASN n 
1 166 GLN n 
1 167 LYS n 
# 
_entity_src_gen.entity_id                          1 
_entity_src_gen.pdbx_src_id                        1 
_entity_src_gen.pdbx_alt_source_flag               sample 
_entity_src_gen.pdbx_seq_type                      ? 
_entity_src_gen.pdbx_beg_seq_num                   ? 
_entity_src_gen.pdbx_end_seq_num                   ? 
_entity_src_gen.gene_src_common_name               ? 
_entity_src_gen.gene_src_genus                     ? 
_entity_src_gen.pdbx_gene_src_gene                 ? 
_entity_src_gen.gene_src_species                   ? 
_entity_src_gen.gene_src_strain                    ? 
_entity_src_gen.gene_src_tissue                    ? 
_entity_src_gen.gene_src_tissue_fraction           ? 
_entity_src_gen.gene_src_details                   ? 
_entity_src_gen.pdbx_gene_src_fragment             ? 
_entity_src_gen.pdbx_gene_src_scientific_name      'HELICOBACTER PYLORI' 
_entity_src_gen.pdbx_gene_src_ncbi_taxonomy_id     210 
_entity_src_gen.pdbx_gene_src_variant              ? 
_entity_src_gen.pdbx_gene_src_cell_line            ? 
_entity_src_gen.pdbx_gene_src_atcc                 ? 
_entity_src_gen.pdbx_gene_src_organ                ? 
_entity_src_gen.pdbx_gene_src_organelle            ? 
_entity_src_gen.pdbx_gene_src_cell                 ? 
_entity_src_gen.pdbx_gene_src_cellular_location    ? 
_entity_src_gen.host_org_common_name               ? 
_entity_src_gen.pdbx_host_org_scientific_name      'ESCHERICHIA COLI' 
_entity_src_gen.pdbx_host_org_ncbi_taxonomy_id     469008 
_entity_src_gen.host_org_genus                     ? 
_entity_src_gen.pdbx_host_org_gene                 ? 
_entity_src_gen.pdbx_host_org_organ                ? 
_entity_src_gen.host_org_species                   ? 
_entity_src_gen.pdbx_host_org_tissue               ? 
_entity_src_gen.pdbx_host_org_tissue_fraction      ? 
_entity_src_gen.pdbx_host_org_strain               'BL21(DE3)' 
_entity_src_gen.pdbx_host_org_variant              ? 
_entity_src_gen.pdbx_host_org_cell_line            ? 
_entity_src_gen.pdbx_host_org_atcc                 ? 
_entity_src_gen.pdbx_host_org_culture_collection   ? 
_entity_src_gen.pdbx_host_org_cell                 ? 
_entity_src_gen.pdbx_host_org_organelle            ? 
_entity_src_gen.pdbx_host_org_cellular_location    ? 
_entity_src_gen.pdbx_host_org_vector_type          ? 
_entity_src_gen.pdbx_host_org_vector               ? 
_entity_src_gen.host_org_details                   ? 
_entity_src_gen.expression_system_id               ? 
_entity_src_gen.plasmid_name                       PET21A 
_entity_src_gen.plasmid_details                    ? 
_entity_src_gen.pdbx_description                   ? 
# 
_struct_ref.id                         1 
_struct_ref.db_name                    UNP 
_struct_ref.db_code                    AROQ_HELPY 
_struct_ref.entity_id                  1 
_struct_ref.pdbx_seq_one_letter_code   ? 
_struct_ref.pdbx_align_begin           ? 
_struct_ref.pdbx_db_accession          Q48255 
_struct_ref.pdbx_db_isoform            ? 
# 
_struct_ref_seq.align_id                      1 
_struct_ref_seq.ref_id                        1 
_struct_ref_seq.pdbx_PDB_id_code              2XDA 
_struct_ref_seq.pdbx_strand_id                A 
_struct_ref_seq.seq_align_beg                 1 
_struct_ref_seq.pdbx_seq_align_beg_ins_code   ? 
_struct_ref_seq.seq_align_end                 167 
_struct_ref_seq.pdbx_seq_align_end_ins_code   ? 
_struct_ref_seq.pdbx_db_accession             Q48255 
_struct_ref_seq.db_align_beg                  1 
_struct_ref_seq.pdbx_db_align_beg_ins_code    ? 
_struct_ref_seq.db_align_end                  167 
_struct_ref_seq.pdbx_db_align_end_ins_code    ? 
_struct_ref_seq.pdbx_auth_seq_align_beg       1 
_struct_ref_seq.pdbx_auth_seq_align_end       167 
# 
loop_
_chem_comp.id 
_chem_comp.type 
_chem_comp.mon_nstd_flag 
_chem_comp.name 
_chem_comp.pdbx_synonyms 
_chem_comp.formula 
_chem_comp.formula_weight 
ALA 'L-peptide linking' y ALANINE ? 'C3 H7 N O2'     89.093  
ARG 'L-peptide linking' y ARGININE ? 'C6 H15 N4 O2 1' 175.209 
ASN 'L-peptide linking' y ASPARAGINE ? 'C4 H8 N2 O3'    132.118 
ASP 'L-peptide linking' y 'ASPARTIC ACID' ? 'C4 H7 N O4'     133.103 
CYS 'L-peptide linking' y CYSTEINE ? 'C3 H7 N O2 S'   121.158 
GLN 'L-peptide linking' y GLUTAMINE ? 'C5 H10 N2 O3'   146.144 
GLU 'L-peptide linking' y 'GLUTAMIC ACID' ? 'C5 H9 N O4'     147.129 
GLY 'peptide linking'   y GLYCINE ? 'C2 H5 N O2'     75.067  
HIS 'L-peptide linking' y HISTIDINE ? 'C6 H10 N3 O2 1' 156.162 
HOH non-polymer         . WATER ? 'H2 O'           18.015  
ILE 'L-peptide linking' y ISOLEUCINE ? 'C6 H13 N O2'    131.173 
JPS non-polymer         . 
'(4R,6R,7S)-2-(2-CYCLOPROPYLETHYL)-4,6,7-TRIHYDROXY-4,5,6,7-TETRAHYDRO-1-BENZOTHIOPHENE-4-CARBOXYLIC ACID' ? 'C14 H18 O5 S'   
298.355 
LEU 'L-peptide linking' y LEUCINE ? 'C6 H13 N O2'    131.173 
LYS 'L-peptide linking' y LYSINE ? 'C6 H15 N2 O2 1' 147.195 
MET 'L-peptide linking' y METHIONINE ? 'C5 H11 N O2 S'  149.211 
PHE 'L-peptide linking' y PHENYLALANINE ? 'C9 H11 N O2'    165.189 
PRO 'L-peptide linking' y PROLINE ? 'C5 H9 N O2'     115.130 
SER 'L-peptide linking' y SERINE ? 'C3 H7 N O3'     105.093 
THR 'L-peptide linking' y THREONINE ? 'C4 H9 N O3'     119.119 
TYR 'L-peptide linking' y TYROSINE ? 'C9 H11 N O3'    181.189 
VAL 'L-peptide linking' y VALINE ? 'C5 H11 N O2'    117.146 
# 
_exptl.entry_id          2XDA 
_exptl.method            'X-RAY DIFFRACTION' 
_exptl.crystals_number   1 
# 
_exptl_crystal.id                    1 
_exptl_crystal.density_meas          ? 
_exptl_crystal.density_Matthews      2.2 
_exptl_crystal.density_percent_sol   45 
_exptl_crystal.description           NONE 
# 
_exptl_crystal_grow.crystal_id      1 
_exptl_crystal_grow.method          ? 
_exptl_crystal_grow.temp            ? 
_exptl_crystal_grow.temp_details    ? 
_exptl_crystal_grow.pH              6.2 
_exptl_crystal_grow.pdbx_pH_range   ? 
_exptl_crystal_grow.pdbx_details    
;50 MM TRIS-HCL PH 7.5 1 MM 2-MERCAPTOETHANOL 1 MM ETHYLENEDIAMINETETRAACETIC ACID 200 MM SODIUM CHLORIDE 12.5 MM (4R, 6R, 7S)- 2-(2-CYCLOPROPYL)ETHYL-4,6,7-TRIHYDROXY-4,5,6, 7-TETRAHYDROBENZO[B]THIOPHENE-4-CARBOXYLIC ACID 32% (W/V) POLYETHYLENEGLYCOL 4000 100 M SODIUM CITRATE PH 6.2
;
# 
_diffrn.id                     1 
_diffrn.ambient_temp           100 
_diffrn.ambient_temp_details   ? 
_diffrn.crystal_id             1 
# 
_diffrn_detector.diffrn_id              1 
_diffrn_detector.detector               CCD 
_diffrn_detector.type                   'ADSC CCD' 
_diffrn_detector.pdbx_collection_date   2009-12-07 
_diffrn_detector.details                ? 
# 
_diffrn_radiation.diffrn_id                        1 
_diffrn_radiation.wavelength_id                    1 
_diffrn_radiation.pdbx_monochromatic_or_laue_m_l   M 
_diffrn_radiation.monochromator                    'SINGLE SILICON (111) CRYSTAL' 
_diffrn_radiation.pdbx_diffrn_protocol             'SINGLE WAVELENGTH' 
_diffrn_radiation.pdbx_scattering_type             x-ray 
# 
_diffrn_radiation_wavelength.id           1 
_diffrn_radiation_wavelength.wavelength   0.9537 
_diffrn_radiation_wavelength.wt           1.0 
# 
_diffrn_source.diffrn_id                   1 
_diffrn_source.source                      SYNCHROTRON 
_diffrn_source.type                        'ESRF BEAMLINE ID23-1' 
_diffrn_source.pdbx_synchrotron_site       ESRF 
_diffrn_source.pdbx_synchrotron_beamline   ID23-1 
_diffrn_source.pdbx_wavelength             0.9537 
_diffrn_source.pdbx_wavelength_list        ? 
# 
_reflns.pdbx_diffrn_id               1 
_reflns.pdbx_ordinal                 1 
_reflns.entry_id                     2XDA 
_reflns.observed_criterion_sigma_I   0.0 
_reflns.observed_criterion_sigma_F   ? 
_reflns.d_resolution_low             40.00 
_reflns.d_resolution_high            1.85 
_reflns.number_obs                   14986 
_reflns.number_all                   ? 
_reflns.percent_possible_obs         99.8 
_reflns.pdbx_Rmerge_I_obs            0.10 
_reflns.pdbx_Rsym_value              ? 
_reflns.pdbx_netI_over_sigmaI        4.90 
_reflns.B_iso_Wilson_estimate        19.7 
_reflns.pdbx_redundancy              38.9 
# 
_reflns_shell.pdbx_diffrn_id         1 
_reflns_shell.pdbx_ordinal           1 
_reflns_shell.d_res_high             1.85 
_reflns_shell.d_res_low              1.95 
_reflns_shell.percent_possible_all   100.0 
_reflns_shell.Rmerge_I_obs           0.32 
_reflns_shell.pdbx_Rsym_value        ? 
_reflns_shell.meanI_over_sigI_obs    2.40 
_reflns_shell.pdbx_redundancy        39.9 
# 
_refine.pdbx_refine_id                           'X-RAY DIFFRACTION' 
_refine.entry_id                                 2XDA 
_refine.pdbx_diffrn_id                           1 
_refine.pdbx_TLS_residual_ADP_flag               ? 
_refine.ls_number_reflns_obs                     14163 
_refine.ls_number_reflns_all                     ? 
_refine.pdbx_ls_sigma_I                          ? 
_refine.pdbx_ls_sigma_F                          . 
_refine.pdbx_data_cutoff_high_absF               ? 
_refine.pdbx_data_cutoff_low_absF                ? 
_refine.pdbx_data_cutoff_high_rms_absF           ? 
_refine.ls_d_res_low                             15.00 
_refine.ls_d_res_high                            1.85 
_refine.ls_percent_reflns_obs                    99.83 
_refine.ls_R_factor_obs                          0.18187 
_refine.ls_R_factor_all                          ? 
_refine.ls_R_factor_R_work                       0.18032 
_refine.ls_R_factor_R_free                       0.20981 
_refine.ls_R_factor_R_free_error                 ? 
_refine.ls_R_factor_R_free_error_details         ? 
_refine.ls_percent_reflns_R_free                 5.2 
_refine.ls_number_reflns_R_free                  770 
_refine.ls_number_parameters                     ? 
_refine.ls_number_restraints                     ? 
_refine.occupancy_min                            ? 
_refine.occupancy_max                            ? 
_refine.correlation_coeff_Fo_to_Fc               0.955 
_refine.correlation_coeff_Fo_to_Fc_free          0.946 
_refine.B_iso_mean                               19.598 
_refine.aniso_B[1][1]                            ? 
_refine.aniso_B[2][2]                            ? 
_refine.aniso_B[3][3]                            ? 
_refine.aniso_B[1][2]                            ? 
_refine.aniso_B[1][3]                            ? 
_refine.aniso_B[2][3]                            ? 
_refine.solvent_model_details                    MASK 
_refine.solvent_model_param_ksol                 ? 
_refine.solvent_model_param_bsol                 ? 
_refine.pdbx_solvent_vdw_probe_radii             1.40 
_refine.pdbx_solvent_ion_probe_radii             0.80 
_refine.pdbx_solvent_shrinkage_radii             0.80 
_refine.pdbx_ls_cross_valid_method               THROUGHOUT 
_refine.details                                  
'HYDROGENS HAVE BEEN ADDED IN THE RIDING POSITIONS. U VALUES WERE REFINED INDIVIDUALLY.' 
_refine.pdbx_starting_model                      'PDB ENTRY 2C4V' 
_refine.pdbx_method_to_determine_struct          'MOLECULAR REPLACEMENT' 
_refine.pdbx_isotropic_thermal_model             ? 
_refine.pdbx_stereochemistry_target_values       'MAXIMUM LIKELIHOOD' 
_refine.pdbx_stereochem_target_val_spec_case     ? 
_refine.pdbx_R_Free_selection_details            RANDOM 
_refine.pdbx_overall_ESU_R                       0.132 
_refine.pdbx_overall_ESU_R_Free                  0.121 
_refine.overall_SU_ML                            0.073 
_refine.pdbx_overall_phase_error                 ? 
_refine.overall_SU_B                             2.364 
_refine.overall_SU_R_Cruickshank_DPI             ? 
_refine.pdbx_overall_SU_R_free_Cruickshank_DPI   ? 
_refine.pdbx_overall_SU_R_Blow_DPI               ? 
_refine.pdbx_overall_SU_R_free_Blow_DPI          ? 
# 
_refine_hist.pdbx_refine_id                   'X-RAY DIFFRACTION' 
_refine_hist.cycle_id                         LAST 
_refine_hist.pdbx_number_atoms_protein        1153 
_refine_hist.pdbx_number_atoms_nucleic_acid   0 
_refine_hist.pdbx_number_atoms_ligand         20 
_refine_hist.number_atoms_solvent             110 
_refine_hist.number_atoms_total               1283 
_refine_hist.d_res_high                       1.85 
_refine_hist.d_res_low                        15.00 
# 
loop_
_refine_ls_restr.type 
_refine_ls_restr.dev_ideal 
_refine_ls_restr.dev_ideal_target 
_refine_ls_restr.weight 
_refine_ls_restr.number 
_refine_ls_restr.pdbx_refine_id 
_refine_ls_restr.pdbx_restraint_function 
r_bond_refined_d             0.015  0.022  ? 1239 'X-RAY DIFFRACTION' ? 
r_bond_other_d               0.001  0.020  ? 833  'X-RAY DIFFRACTION' ? 
r_angle_refined_deg          1.374  1.981  ? 1675 'X-RAY DIFFRACTION' ? 
r_angle_other_deg            0.886  3.002  ? 2037 'X-RAY DIFFRACTION' ? 
r_dihedral_angle_1_deg       5.784  5.000  ? 149  'X-RAY DIFFRACTION' ? 
r_dihedral_angle_2_deg       36.759 25.690 ? 58   'X-RAY DIFFRACTION' ? 
r_dihedral_angle_3_deg       14.994 15.000 ? 233  'X-RAY DIFFRACTION' ? 
r_dihedral_angle_4_deg       6.368  15.000 ? 5    'X-RAY DIFFRACTION' ? 
r_chiral_restr               0.085  0.200  ? 193  'X-RAY DIFFRACTION' ? 
r_gen_planes_refined         0.006  0.020  ? 1342 'X-RAY DIFFRACTION' ? 
r_gen_planes_other           0.001  0.020  ? 223  'X-RAY DIFFRACTION' ? 
r_nbd_refined                0.212  0.200  ? 252  'X-RAY DIFFRACTION' ? 
r_nbd_other                  0.178  0.200  ? 840  'X-RAY DIFFRACTION' ? 
r_nbtor_refined              0.174  0.200  ? 594  'X-RAY DIFFRACTION' ? 
r_nbtor_other                0.085  0.200  ? 601  'X-RAY DIFFRACTION' ? 
r_xyhbond_nbd_refined        0.161  0.200  ? 90   'X-RAY DIFFRACTION' ? 
r_xyhbond_nbd_other          ?      ?      ? ?    'X-RAY DIFFRACTION' ? 
r_metal_ion_refined          ?      ?      ? ?    'X-RAY DIFFRACTION' ? 
r_metal_ion_other            ?      ?      ? ?    'X-RAY DIFFRACTION' ? 
r_symmetry_vdw_refined       0.184  0.200  ? 11   'X-RAY DIFFRACTION' ? 
r_symmetry_vdw_other         0.169  0.200  ? 18   'X-RAY DIFFRACTION' ? 
r_symmetry_hbond_refined     0.182  0.200  ? 15   'X-RAY DIFFRACTION' ? 
r_symmetry_hbond_other       ?      ?      ? ?    'X-RAY DIFFRACTION' ? 
r_symmetry_metal_ion_refined ?      ?      ? ?    'X-RAY DIFFRACTION' ? 
r_symmetry_metal_ion_other   ?      ?      ? ?    'X-RAY DIFFRACTION' ? 
r_mcbond_it                  1.087  1.500  ? 749  'X-RAY DIFFRACTION' ? 
r_mcbond_other               0.243  1.500  ? 309  'X-RAY DIFFRACTION' ? 
r_mcangle_it                 1.934  2.000  ? 1217 'X-RAY DIFFRACTION' ? 
r_mcangle_other              ?      ?      ? ?    'X-RAY DIFFRACTION' ? 
r_scbond_it                  2.239  3.000  ? 490  'X-RAY DIFFRACTION' ? 
r_scbond_other               ?      ?      ? ?    'X-RAY DIFFRACTION' ? 
r_scangle_it                 3.608  4.500  ? 455  'X-RAY DIFFRACTION' ? 
r_scangle_other              ?      ?      ? ?    'X-RAY DIFFRACTION' ? 
r_long_range_B_refined       ?      ?      ? ?    'X-RAY DIFFRACTION' ? 
r_long_range_B_other         ?      ?      ? ?    'X-RAY DIFFRACTION' ? 
r_rigid_bond_restr           ?      ?      ? ?    'X-RAY DIFFRACTION' ? 
r_sphericity_free            ?      ?      ? ?    'X-RAY DIFFRACTION' ? 
r_sphericity_bonded          ?      ?      ? ?    'X-RAY DIFFRACTION' ? 
# 
_refine_ls_shell.pdbx_refine_id                   'X-RAY DIFFRACTION' 
_refine_ls_shell.pdbx_total_number_of_bins_used   10 
_refine_ls_shell.d_res_high                       1.850 
_refine_ls_shell.d_res_low                        1.949 
_refine_ls_shell.number_reflns_R_work             1993 
_refine_ls_shell.R_factor_R_work                  0.205 
_refine_ls_shell.percent_reflns_obs               99.95 
_refine_ls_shell.R_factor_R_free                  0.219 
_refine_ls_shell.R_factor_R_free_error            ? 
_refine_ls_shell.percent_reflns_R_free            ? 
_refine_ls_shell.number_reflns_R_free             99 
_refine_ls_shell.number_reflns_all                ? 
_refine_ls_shell.R_factor_all                     ? 
# 
_struct.entry_id                  2XDA 
_struct.title                     
;STRUCTURE OF HELICOBACTER PYLORI TYPE II DEHYDROQUINASE IN COMPLEX WITH INHIBITOR COMPOUND (4R,6R,7S)-2-(2-Cyclopropyl)ethyl-4,6,7- trihydroxy-4,5,6,7-tetrahydrobenzo(b)thiophene-4-carboxylic acid
;
_struct.pdbx_model_details        ? 
_struct.pdbx_CASP_flag            ? 
_struct.pdbx_model_type_details   ? 
# 
_struct_keywords.entry_id        2XDA 
_struct_keywords.pdbx_keywords   LYASE 
_struct_keywords.text            'AROMATIC AMINO ACID BIOSYNTHESIS, LYASE' 
# 
loop_
_struct_asym.id 
_struct_asym.pdbx_blank_PDB_chainid_flag 
_struct_asym.pdbx_modified 
_struct_asym.entity_id 
_struct_asym.details 
A N N 1 ? 
B N N 2 ? 
C N N 3 ? 
# 
loop_
_struct_conf.conf_type_id 
_struct_conf.id 
_struct_conf.pdbx_PDB_helix_id 
_struct_conf.beg_label_comp_id 
_struct_conf.beg_label_asym_id 
_struct_conf.beg_label_seq_id 
_struct_conf.pdbx_beg_PDB_ins_code 
_struct_conf.end_label_comp_id 
_struct_conf.end_label_asym_id 
_struct_conf.end_label_seq_id 
_struct_conf.pdbx_end_PDB_ins_code 
_struct_conf.beg_auth_comp_id 
_struct_conf.beg_auth_asym_id 
_struct_conf.beg_auth_seq_id 
_struct_conf.end_auth_comp_id 
_struct_conf.end_auth_asym_id 
_struct_conf.end_auth_seq_id 
_struct_conf.pdbx_PDB_helix_class 
_struct_conf.details 
_struct_conf.pdbx_PDB_helix_length 
HELX_P HELX_P1 1 ASN A 10  ? LEU A 14  ? ASN A 10  LEU A 14  5 ? 5  
HELX_P HELX_P2 2 ASP A 18  ? GLY A 23  ? ASP A 18  GLY A 23  1 ? 6  
HELX_P HELX_P3 3 THR A 26  ? GLY A 41  ? THR A 26  GLY A 41  1 ? 16 
HELX_P HELX_P4 4 PHE A 54  ? SER A 65  ? PHE A 54  SER A 65  1 ? 12 
HELX_P HELX_P5 5 ALA A 79  ? SER A 84  ? ALA A 79  SER A 84  1 ? 6  
HELX_P HELX_P6 6 SER A 84  ? GLY A 95  ? SER A 84  GLY A 95  1 ? 12 
HELX_P HELX_P7 7 GLU A 110 ? LYS A 114 ? GLU A 110 LYS A 114 5 ? 5  
HELX_P HELX_P8 8 SER A 116 ? CYS A 122 ? SER A 116 CYS A 122 1 ? 7  
HELX_P HELX_P9 9 PRO A 131 ? ALA A 150 ? PRO A 131 ALA A 150 1 ? 20 
# 
_struct_conf_type.id          HELX_P 
_struct_conf_type.criteria    ? 
_struct_conf_type.reference   ? 
# 
_struct_sheet.id               AA 
_struct_sheet.type             ? 
_struct_sheet.number_strands   5 
_struct_sheet.details          ? 
# 
loop_
_struct_sheet_order.sheet_id 
_struct_sheet_order.range_id_1 
_struct_sheet_order.range_id_2 
_struct_sheet_order.offset 
_struct_sheet_order.sense 
AA 1 2 ? parallel 
AA 2 3 ? parallel 
AA 3 4 ? parallel 
AA 4 5 ? parallel 
# 
loop_
_struct_sheet_range.sheet_id 
_struct_sheet_range.id 
_struct_sheet_range.beg_label_comp_id 
_struct_sheet_range.beg_label_asym_id 
_struct_sheet_range.beg_label_seq_id 
_struct_sheet_range.pdbx_beg_PDB_ins_code 
_struct_sheet_range.end_label_comp_id 
_struct_sheet_range.end_label_asym_id 
_struct_sheet_range.end_label_seq_id 
_struct_sheet_range.pdbx_end_PDB_ins_code 
_struct_sheet_range.beg_auth_comp_id 
_struct_sheet_range.beg_auth_asym_id 
_struct_sheet_range.beg_auth_seq_id 
_struct_sheet_range.end_auth_comp_id 
_struct_sheet_range.end_auth_asym_id 
_struct_sheet_range.end_auth_seq_id 
AA 1 GLU A 46  ? GLN A 51  ? GLU A 46  GLN A 51  
AA 2 LYS A 2   ? GLN A 7   ? LYS A 2   GLN A 7   
AA 3 TYR A 70  ? ASN A 76  ? TYR A 70  ASN A 76  
AA 4 VAL A 98  ? HIS A 102 ? VAL A 98  HIS A 102 
AA 5 GLY A 124 ? MET A 127 ? GLY A 124 MET A 127 
# 
loop_
_pdbx_struct_sheet_hbond.sheet_id 
_pdbx_struct_sheet_hbond.range_id_1 
_pdbx_struct_sheet_hbond.range_id_2 
_pdbx_struct_sheet_hbond.range_1_label_atom_id 
_pdbx_struct_sheet_hbond.range_1_label_comp_id 
_pdbx_struct_sheet_hbond.range_1_label_asym_id 
_pdbx_struct_sheet_hbond.range_1_label_seq_id 
_pdbx_struct_sheet_hbond.range_1_PDB_ins_code 
_pdbx_struct_sheet_hbond.range_1_auth_atom_id 
_pdbx_struct_sheet_hbond.range_1_auth_comp_id 
_pdbx_struct_sheet_hbond.range_1_auth_asym_id 
_pdbx_struct_sheet_hbond.range_1_auth_seq_id 
_pdbx_struct_sheet_hbond.range_2_label_atom_id 
_pdbx_struct_sheet_hbond.range_2_label_comp_id 
_pdbx_struct_sheet_hbond.range_2_label_asym_id 
_pdbx_struct_sheet_hbond.range_2_label_seq_id 
_pdbx_struct_sheet_hbond.range_2_PDB_ins_code 
_pdbx_struct_sheet_hbond.range_2_auth_atom_id 
_pdbx_struct_sheet_hbond.range_2_auth_comp_id 
_pdbx_struct_sheet_hbond.range_2_auth_asym_id 
_pdbx_struct_sheet_hbond.range_2_auth_seq_id 
AA 1 2 N GLU A 48  ? N GLU A 48  O ILE A 3   ? O ILE A 3   
AA 2 3 O LYS A 2   ? O LYS A 2   N GLU A 71  ? N GLU A 71  
AA 3 4 N ILE A 75  ? N ILE A 75  O ILE A 99  ? O ILE A 99  
AA 4 5 N GLU A 100 ? N GLU A 100 O GLY A 124 ? O GLY A 124 
# 
_struct_site.id                   AC1 
_struct_site.pdbx_evidence_code   Software 
_struct_site.pdbx_auth_asym_id    A 
_struct_site.pdbx_auth_comp_id    JPS 
_struct_site.pdbx_auth_seq_id     1151 
_struct_site.pdbx_auth_ins_code   ? 
_struct_site.pdbx_num_residues    14 
_struct_site.details              'BINDING SITE FOR RESIDUE JPS A 1151' 
# 
loop_
_struct_site_gen.id 
_struct_site_gen.site_id 
_struct_site_gen.pdbx_num_res 
_struct_site_gen.label_comp_id 
_struct_site_gen.label_asym_id 
_struct_site_gen.label_seq_id 
_struct_site_gen.pdbx_auth_ins_code 
_struct_site_gen.auth_comp_id 
_struct_site_gen.auth_asym_id 
_struct_site_gen.auth_seq_id 
_struct_site_gen.label_atom_id 
_struct_site_gen.label_alt_id 
_struct_site_gen.symmetry 
_struct_site_gen.details 
1  AC1 14 ASN A 10  ? ASN A 10  . ? 1_555 ? 
2  AC1 14 MET A 13  ? MET A 13  . ? 1_555 ? 
3  AC1 14 ARG A 17  ? ARG A 17  . ? 1_555 ? 
4  AC1 14 TYR A 22  ? TYR A 22  . ? 1_555 ? 
5  AC1 14 ASN A 76  ? ASN A 76  . ? 1_555 ? 
6  AC1 14 GLY A 78  ? GLY A 78  . ? 1_555 ? 
7  AC1 14 ALA A 79  ? ALA A 79  . ? 1_555 ? 
8  AC1 14 HIS A 82  ? HIS A 82  . ? 1_555 ? 
9  AC1 14 ASP A 89  ? ASP A 89  . ? 9_555 ? 
10 AC1 14 LEU A 93  ? LEU A 93  . ? 9_555 ? 
11 AC1 14 HIS A 102 ? HIS A 102 . ? 1_555 ? 
12 AC1 14 LEU A 103 ? LEU A 103 . ? 1_555 ? 
13 AC1 14 THR A 104 ? THR A 104 . ? 1_555 ? 
14 AC1 14 ARG A 113 ? ARG A 113 . ? 1_555 ? 
# 
_atom_sites.entry_id                    2XDA 
_atom_sites.fract_transf_matrix[1][1]   0.00213809 
_atom_sites.fract_transf_matrix[1][2]   0.00048595 
_atom_sites.fract_transf_matrix[1][3]   0.00979356 
_atom_sites.fract_transf_matrix[2][1]   0.00217360 
_atom_sites.fract_transf_matrix[2][2]   0.00975081 
_atom_sites.fract_transf_matrix[2][3]   -0.00095836 
_atom_sites.fract_transf_matrix[3][1]   -0.00956166 
_atom_sites.fract_transf_matrix[3][2]   0.00232526 
_atom_sites.fract_transf_matrix[3][3]   0.00197209 
_atom_sites.fract_transf_vector[1]      0.085445 
_atom_sites.fract_transf_vector[2]      0.076862 
_atom_sites.fract_transf_vector[3]      0.308767 
# 
loop_
_atom_type.symbol 
C 
N 
O 
S 
# 
loop_
_atom_site.group_PDB 
_atom_site.id 
_atom_site.type_symbol 
_atom_site.label_atom_id 
_atom_site.label_alt_id 
_atom_site.label_comp_id 
_atom_site.label_asym_id 
_atom_site.label_entity_id 
_atom_site.label_seq_id 
_atom_site.pdbx_PDB_ins_code 
_atom_site.Cartn_x 
_atom_site.Cartn_y 
_atom_site.Cartn_z 
_atom_site.occupancy 
_atom_site.B_iso_or_equiv 
_atom_site.pdbx_formal_charge 
_atom_site.auth_seq_id 
_atom_site.auth_comp_id 
_atom_site.auth_asym_id 
_atom_site.auth_atom_id 
_atom_site.pdbx_PDB_model_num 
ATOM   1    N N   . MET A 1 1   ? -12.524 -1.886  11.598  1.00 38.44 ? 1    MET A N   1 
ATOM   2    C CA  . MET A 1 1   ? -11.098 -2.067  11.210  1.00 37.92 ? 1    MET A CA  1 
ATOM   3    C C   . MET A 1 1   ? -10.412 -0.711  10.897  1.00 36.99 ? 1    MET A C   1 
ATOM   4    O O   . MET A 1 1   ? -10.929 0.091   10.119  1.00 37.42 ? 1    MET A O   1 
ATOM   5    C CB  A MET A 1 1   ? -10.961 -3.032  10.030  0.50 38.16 ? 1    MET A CB  1 
ATOM   6    C CB  B MET A 1 1   ? -11.054 -2.958  9.956   0.50 38.22 ? 1    MET A CB  1 
ATOM   7    C CG  A MET A 1 1   ? -11.618 -2.595  8.762   0.50 38.60 ? 1    MET A CG  1 
ATOM   8    C CG  B MET A 1 1   ? -11.735 -4.330  10.114  0.50 39.46 ? 1    MET A CG  1 
ATOM   9    S SD  A MET A 1 1   ? -11.798 -3.998  7.656   0.50 41.57 ? 1    MET A SD  1 
ATOM   10   S SD  B MET A 1 1   ? -12.954 -4.690  8.829   0.50 42.52 ? 1    MET A SD  1 
ATOM   11   C CE  A MET A 1 1   ? -11.967 -5.286  8.893   0.50 42.26 ? 1    MET A CE  1 
ATOM   12   C CE  B MET A 1 1   ? -12.090 -4.171  7.346   0.50 42.44 ? 1    MET A CE  1 
ATOM   13   N N   . LYS A 1 2   ? -9.265  -0.454  11.526  1.00 35.57 ? 2    LYS A N   1 
ATOM   14   C CA  . LYS A 1 2   ? -8.344  0.587   11.060  1.00 33.89 ? 2    LYS A CA  1 
ATOM   15   C C   . LYS A 1 2   ? -7.408  -0.033  10.028  1.00 30.37 ? 2    LYS A C   1 
ATOM   16   O O   . LYS A 1 2   ? -6.765  -1.041  10.311  1.00 29.70 ? 2    LYS A O   1 
ATOM   17   C CB  . LYS A 1 2   ? -7.521  1.172   12.205  1.00 35.03 ? 2    LYS A CB  1 
ATOM   18   C CG  . LYS A 1 2   ? -7.937  2.568   12.656  1.00 39.69 ? 2    LYS A CG  1 
ATOM   19   C CD  . LYS A 1 2   ? -7.371  3.683   11.765  1.00 44.06 ? 2    LYS A CD  1 
ATOM   20   C CE  . LYS A 1 2   ? -7.125  4.953   12.595  1.00 46.18 ? 2    LYS A CE  1 
ATOM   21   N NZ  . LYS A 1 2   ? -6.897  6.195   11.771  1.00 48.99 ? 2    LYS A NZ  1 
ATOM   22   N N   . ILE A 1 3   ? -7.372  0.555   8.829   1.00 27.15 ? 3    ILE A N   1 
ATOM   23   C CA  . ILE A 1 3   ? -6.452  0.146   7.767   1.00 24.89 ? 3    ILE A CA  1 
ATOM   24   C C   . ILE A 1 3   ? -5.501  1.294   7.478   1.00 22.92 ? 3    ILE A C   1 
ATOM   25   O O   . ILE A 1 3   ? -5.934  2.423   7.166   1.00 22.44 ? 3    ILE A O   1 
ATOM   26   C CB  . ILE A 1 3   ? -7.171  -0.269  6.481   1.00 24.35 ? 3    ILE A CB  1 
ATOM   27   C CG1 . ILE A 1 3   ? -8.133  -1.439  6.746   1.00 23.95 ? 3    ILE A CG1 1 
ATOM   28   C CG2 . ILE A 1 3   ? -6.136  -0.658  5.352   1.00 24.29 ? 3    ILE A CG2 1 
ATOM   29   C CD1 . ILE A 1 3   ? -8.925  -1.874  5.470   1.00 23.30 ? 3    ILE A CD1 1 
ATOM   30   N N   . LEU A 1 4   ? -4.206  0.994   7.578   1.00 21.31 ? 4    LEU A N   1 
ATOM   31   C CA  . LEU A 1 4   ? -3.160  1.969   7.346   1.00 20.12 ? 4    LEU A CA  1 
ATOM   32   C C   . LEU A 1 4   ? -2.739  1.871   5.885   1.00 18.87 ? 4    LEU A C   1 
ATOM   33   O O   . LEU A 1 4   ? -2.417  0.778   5.397   1.00 17.45 ? 4    LEU A O   1 
ATOM   34   C CB  . LEU A 1 4   ? -1.976  1.692   8.270   1.00 21.18 ? 4    LEU A CB  1 
ATOM   35   C CG  . LEU A 1 4   ? -0.719  2.546   8.146   1.00 22.46 ? 4    LEU A CG  1 
ATOM   36   C CD1 . LEU A 1 4   ? -0.977  4.077   8.155   1.00 23.17 ? 4    LEU A CD1 1 
ATOM   37   C CD2 . LEU A 1 4   ? 0.278   2.139   9.215   1.00 24.90 ? 4    LEU A CD2 1 
ATOM   38   N N   . VAL A 1 5   ? -2.730  3.004   5.201   1.00 16.84 ? 5    VAL A N   1 
ATOM   39   C CA  . VAL A 1 5   ? -2.307  3.065   3.815   1.00 16.69 ? 5    VAL A CA  1 
ATOM   40   C C   . VAL A 1 5   ? -0.947  3.814   3.769   1.00 15.76 ? 5    VAL A C   1 
ATOM   41   O O   . VAL A 1 5   ? -0.881  5.004   4.023   1.00 16.24 ? 5    VAL A O   1 
ATOM   42   C CB  . VAL A 1 5   ? -3.339  3.794   2.972   1.00 16.71 ? 5    VAL A CB  1 
ATOM   43   C CG1 . VAL A 1 5   ? -2.928  3.813   1.536   1.00 15.74 ? 5    VAL A CG1 1 
ATOM   44   C CG2 . VAL A 1 5   ? -4.761  3.157   3.141   1.00 16.89 ? 5    VAL A CG2 1 
ATOM   45   N N   . ILE A 1 6   ? 0.132   3.094   3.469   1.00 15.77 ? 6    ILE A N   1 
ATOM   46   C CA  . ILE A 1 6   ? 1.454   3.677   3.449   1.00 15.20 ? 6    ILE A CA  1 
ATOM   47   C C   . ILE A 1 6   ? 1.904   3.878   2.013   1.00 14.68 ? 6    ILE A C   1 
ATOM   48   O O   . ILE A 1 6   ? 1.885   2.924   1.210   1.00 13.64 ? 6    ILE A O   1 
ATOM   49   C CB  . ILE A 1 6   ? 2.464   2.804   4.189   1.00 16.31 ? 6    ILE A CB  1 
ATOM   50   C CG1 . ILE A 1 6   ? 2.082   2.700   5.659   1.00 16.68 ? 6    ILE A CG1 1 
ATOM   51   C CG2 . ILE A 1 6   ? 3.872   3.385   4.050   1.00 14.54 ? 6    ILE A CG2 1 
ATOM   52   C CD1 . ILE A 1 6   ? 2.979   1.788   6.463   1.00 16.51 ? 6    ILE A CD1 1 
ATOM   53   N N   . GLN A 1 7   ? 2.312   5.104   1.697   1.00 13.87 ? 7    GLN A N   1 
ATOM   54   C CA  . GLN A 1 7   ? 2.718   5.460   0.343   1.00 14.66 ? 7    GLN A CA  1 
ATOM   55   C C   . GLN A 1 7   ? 4.192   5.888   0.431   1.00 14.70 ? 7    GLN A C   1 
ATOM   56   O O   . GLN A 1 7   ? 4.541   6.793   1.191   1.00 15.34 ? 7    GLN A O   1 
ATOM   57   C CB  . GLN A 1 7   ? 1.871   6.602   -0.212  1.00 15.05 ? 7    GLN A CB  1 
ATOM   58   C CG  . GLN A 1 7   ? 0.340   6.381   -0.192  1.00 16.64 ? 7    GLN A CG  1 
ATOM   59   C CD  . GLN A 1 7   ? -0.159  5.471   -1.285  1.00 18.78 ? 7    GLN A CD  1 
ATOM   60   O OE1 . GLN A 1 7   ? 0.618   4.756   -1.949  1.00 17.80 ? 7    GLN A OE1 1 
ATOM   61   N NE2 . GLN A 1 7   ? -1.481  5.486   -1.496  1.00 15.89 ? 7    GLN A NE2 1 
ATOM   62   N N   . GLY A 1 8   ? 5.045   5.240   -0.365  1.00 14.49 ? 8    GLY A N   1 
ATOM   63   C CA  . GLY A 1 8   ? 6.457   5.453   -0.298  1.00 13.26 ? 8    GLY A CA  1 
ATOM   64   C C   . GLY A 1 8   ? 7.059   6.567   -1.127  1.00 12.94 ? 8    GLY A C   1 
ATOM   65   O O   . GLY A 1 8   ? 6.374   7.515   -1.530  1.00 12.97 ? 8    GLY A O   1 
ATOM   66   N N   . PRO A 1 9   ? 8.374   6.470   -1.378  1.00 13.04 ? 9    PRO A N   1 
ATOM   67   C CA  . PRO A 1 9   ? 9.080   7.575   -1.995  1.00 13.47 ? 9    PRO A CA  1 
ATOM   68   C C   . PRO A 1 9   ? 8.510   7.921   -3.351  1.00 12.76 ? 9    PRO A C   1 
ATOM   69   O O   . PRO A 1 9   ? 8.162   7.061   -4.136  1.00 12.42 ? 9    PRO A O   1 
ATOM   70   C CB  . PRO A 1 9   ? 10.532  7.098   -2.077  1.00 13.23 ? 9    PRO A CB  1 
ATOM   71   C CG  . PRO A 1 9   ? 10.461  5.623   -1.974  1.00 12.44 ? 9    PRO A CG  1 
ATOM   72   C CD  . PRO A 1 9   ? 9.274   5.349   -1.078  1.00 12.59 ? 9    PRO A CD  1 
ATOM   73   N N   . ASN A 1 10  ? 8.394   9.225   -3.563  1.00 12.94 ? 10   ASN A N   1 
ATOM   74   C CA  . ASN A 1 10  ? 7.941   9.834   -4.803  1.00 14.17 ? 10   ASN A CA  1 
ATOM   75   C C   . ASN A 1 10  ? 6.442   9.774   -5.058  1.00 14.55 ? 10   ASN A C   1 
ATOM   76   O O   . ASN A 1 10  ? 5.993   10.483  -5.942  1.00 15.27 ? 10   ASN A O   1 
ATOM   77   C CB  . ASN A 1 10  ? 8.695   9.275   -6.020  1.00 13.22 ? 10   ASN A CB  1 
ATOM   78   C CG  . ASN A 1 10  ? 10.183  9.517   -5.922  1.00 15.98 ? 10   ASN A CG  1 
ATOM   79   O OD1 . ASN A 1 10  ? 10.606  10.676  -5.832  1.00 17.74 ? 10   ASN A OD1 1 
ATOM   80   N ND2 . ASN A 1 10  ? 10.978  8.430   -5.841  1.00 14.62 ? 10   ASN A ND2 1 
ATOM   81   N N   . LEU A 1 11  ? 5.679   8.984   -4.287  1.00 14.94 ? 11   LEU A N   1 
ATOM   82   C CA  . LEU A 1 11  ? 4.219   8.862   -4.529  1.00 15.40 ? 11   LEU A CA  1 
ATOM   83   C C   . LEU A 1 11  ? 3.483   10.204  -4.405  1.00 15.69 ? 11   LEU A C   1 
ATOM   84   O O   . LEU A 1 11  ? 2.431   10.407  -5.050  1.00 15.44 ? 11   LEU A O   1 
ATOM   85   C CB  . LEU A 1 11  ? 3.578   7.877   -3.593  1.00 15.75 ? 11   LEU A CB  1 
ATOM   86   C CG  . LEU A 1 11  ? 3.464   6.410   -4.012  1.00 18.40 ? 11   LEU A CG  1 
ATOM   87   C CD1 . LEU A 1 11  ? 2.472   6.307   -5.236  1.00 17.33 ? 11   LEU A CD1 1 
ATOM   88   C CD2 . LEU A 1 11  ? 4.833   5.768   -4.243  1.00 19.83 ? 11   LEU A CD2 1 
ATOM   89   N N   . ASN A 1 12  ? 3.996   11.078  -3.548  1.00 15.96 ? 12   ASN A N   1 
ATOM   90   C CA  . ASN A 1 12  ? 3.405   12.435  -3.411  1.00 17.38 ? 12   ASN A CA  1 
ATOM   91   C C   . ASN A 1 12  ? 3.449   13.288  -4.675  1.00 18.73 ? 12   ASN A C   1 
ATOM   92   O O   . ASN A 1 12  ? 2.701   14.284  -4.765  1.00 18.51 ? 12   ASN A O   1 
ATOM   93   C CB  . ASN A 1 12  ? 4.009   13.203  -2.227  1.00 16.28 ? 12   ASN A CB  1 
ATOM   94   C CG  . ASN A 1 12  ? 5.536   13.377  -2.335  1.00 18.51 ? 12   ASN A CG  1 
ATOM   95   O OD1 . ASN A 1 12  ? 6.285   12.451  -2.718  1.00 17.20 ? 12   ASN A OD1 1 
ATOM   96   N ND2 . ASN A 1 12  ? 6.002   14.553  -1.962  1.00 18.70 ? 12   ASN A ND2 1 
ATOM   97   N N   . MET A 1 13  ? 4.256   12.899  -5.660  1.00 18.72 ? 13   MET A N   1 
ATOM   98   C CA  . MET A 1 13  ? 4.325   13.578  -6.953  1.00 20.33 ? 13   MET A CA  1 
ATOM   99   C C   . MET A 1 13  ? 3.344   13.056  -7.997  1.00 20.60 ? 13   MET A C   1 
ATOM   100  O O   . MET A 1 13  ? 3.328   13.549  -9.111  1.00 21.48 ? 13   MET A O   1 
ATOM   101  C CB  A MET A 1 13  ? 5.754   13.541  -7.509  0.50 20.86 ? 13   MET A CB  1 
ATOM   102  C CB  B MET A 1 13  ? 5.749   13.462  -7.534  0.50 20.96 ? 13   MET A CB  1 
ATOM   103  C CG  A MET A 1 13  ? 6.802   14.065  -6.545  0.50 22.31 ? 13   MET A CG  1 
ATOM   104  C CG  B MET A 1 13  ? 6.745   14.462  -6.993  0.50 22.75 ? 13   MET A CG  1 
ATOM   105  S SD  A MET A 1 13  ? 6.473   15.689  -5.814  0.50 27.76 ? 13   MET A SD  1 
ATOM   106  S SD  B MET A 1 13  ? 6.323   16.138  -7.508  0.50 28.44 ? 13   MET A SD  1 
ATOM   107  C CE  A MET A 1 13  ? 7.356   16.788  -6.918  0.50 27.58 ? 13   MET A CE  1 
ATOM   108  C CE  B MET A 1 13  ? 5.551   16.762  -6.009  0.50 26.35 ? 13   MET A CE  1 
ATOM   109  N N   . LEU A 1 14  ? 2.533   12.068  -7.637  1.00 21.03 ? 14   LEU A N   1 
ATOM   110  C CA  . LEU A 1 14  ? 1.598   11.449  -8.547  1.00 22.71 ? 14   LEU A CA  1 
ATOM   111  C C   . LEU A 1 14  ? 0.644   12.499  -9.099  1.00 24.27 ? 14   LEU A C   1 
ATOM   112  O O   . LEU A 1 14  ? 0.196   13.394  -8.361  1.00 23.82 ? 14   LEU A O   1 
ATOM   113  C CB  . LEU A 1 14  ? 0.819   10.353  -7.804  1.00 23.11 ? 14   LEU A CB  1 
ATOM   114  C CG  . LEU A 1 14  ? -0.027  9.399   -8.616  1.00 24.60 ? 14   LEU A CG  1 
ATOM   115  C CD1 . LEU A 1 14  ? 0.792   8.696   -9.708  1.00 22.09 ? 14   LEU A CD1 1 
ATOM   116  C CD2 . LEU A 1 14  ? -0.673  8.426   -7.635  1.00 24.75 ? 14   LEU A CD2 1 
ATOM   117  N N   . GLY A 1 15  ? 0.392   12.421  -10.401 1.00 26.13 ? 15   GLY A N   1 
ATOM   118  C CA  . GLY A 1 15  ? -0.518  13.325  -11.050 1.00 28.77 ? 15   GLY A CA  1 
ATOM   119  C C   . GLY A 1 15  ? 0.154   14.609  -11.474 1.00 30.84 ? 15   GLY A C   1 
ATOM   120  O O   . GLY A 1 15  ? -0.364  15.297  -12.349 1.00 32.23 ? 15   GLY A O   1 
ATOM   121  N N   . HIS A 1 16  ? 1.307   14.925  -10.881 1.00 31.89 ? 16   HIS A N   1 
ATOM   122  C CA  . HIS A 1 16  ? 2.034   16.137  -11.196 1.00 33.78 ? 16   HIS A CA  1 
ATOM   123  C C   . HIS A 1 16  ? 3.235   15.895  -12.116 1.00 35.17 ? 16   HIS A C   1 
ATOM   124  O O   . HIS A 1 16  ? 3.657   16.814  -12.837 1.00 35.98 ? 16   HIS A O   1 
ATOM   125  C CB  . HIS A 1 16  ? 2.488   16.811  -9.898  1.00 34.22 ? 16   HIS A CB  1 
ATOM   126  C CG  . HIS A 1 16  ? 1.370   17.071  -8.940  1.00 34.97 ? 16   HIS A CG  1 
ATOM   127  N ND1 . HIS A 1 16  ? 0.462   18.091  -9.124  1.00 36.18 ? 16   HIS A ND1 1 
ATOM   128  C CD2 . HIS A 1 16  ? 1.003   16.441  -7.800  1.00 36.29 ? 16   HIS A CD2 1 
ATOM   129  C CE1 . HIS A 1 16  ? -0.416  18.080  -8.135  1.00 38.42 ? 16   HIS A CE1 1 
ATOM   130  N NE2 . HIS A 1 16  ? -0.109  17.090  -7.315  1.00 37.79 ? 16   HIS A NE2 1 
ATOM   131  N N   . ARG A 1 17  ? 3.787   14.679  -12.082 1.00 35.30 ? 17   ARG A N   1 
ATOM   132  C CA  . ARG A 1 17  ? 4.948   14.319  -12.891 1.00 36.31 ? 17   ARG A CA  1 
ATOM   133  C C   . ARG A 1 17  ? 4.726   13.007  -13.639 1.00 36.48 ? 17   ARG A C   1 
ATOM   134  O O   . ARG A 1 17  ? 4.002   12.139  -13.171 1.00 35.91 ? 17   ARG A O   1 
ATOM   135  C CB  . ARG A 1 17  ? 6.195   14.209  -11.999 1.00 36.73 ? 17   ARG A CB  1 
ATOM   136  C CG  . ARG A 1 17  ? 6.656   15.534  -11.366 1.00 38.80 ? 17   ARG A CG  1 
ATOM   137  C CD  . ARG A 1 17  ? 6.956   16.562  -12.443 1.00 42.93 ? 17   ARG A CD  1 
ATOM   138  N NE  . ARG A 1 17  ? 7.853   17.635  -12.016 1.00 47.52 ? 17   ARG A NE  1 
ATOM   139  C CZ  . ARG A 1 17  ? 8.267   18.631  -12.809 1.00 49.76 ? 17   ARG A CZ  1 
ATOM   140  N NH1 . ARG A 1 17  ? 7.850   18.705  -14.072 1.00 50.86 ? 17   ARG A NH1 1 
ATOM   141  N NH2 . ARG A 1 17  ? 9.094   19.568  -12.339 1.00 50.89 ? 17   ARG A NH2 1 
ATOM   142  N N   . ASP A 1 18  ? 5.358   12.899  -14.813 1.00 36.93 ? 18   ASP A N   1 
ATOM   143  C CA  . ASP A 1 18  ? 5.283   11.735  -15.705 1.00 37.61 ? 18   ASP A CA  1 
ATOM   144  C C   . ASP A 1 18  ? 3.886   11.123  -15.854 1.00 37.10 ? 18   ASP A C   1 
ATOM   145  O O   . ASP A 1 18  ? 3.694   9.924   -15.611 1.00 36.65 ? 18   ASP A O   1 
ATOM   146  C CB  . ASP A 1 18  ? 6.282   10.662  -15.271 1.00 37.72 ? 18   ASP A CB  1 
ATOM   147  C CG  . ASP A 1 18  ? 6.576   9.649   -16.384 1.00 40.75 ? 18   ASP A CG  1 
ATOM   148  O OD1 . ASP A 1 18  ? 5.923   9.696   -17.464 1.00 41.89 ? 18   ASP A OD1 1 
ATOM   149  O OD2 . ASP A 1 18  ? 7.469   8.792   -16.165 1.00 44.19 ? 18   ASP A OD2 1 
ATOM   150  N N   . PRO A 1 19  ? 2.916   11.938  -16.305 1.00 37.16 ? 19   PRO A N   1 
ATOM   151  C CA  . PRO A 1 19  ? 1.532   11.486  -16.422 1.00 37.01 ? 19   PRO A CA  1 
ATOM   152  C C   . PRO A 1 19  ? 1.356   10.378  -17.428 1.00 36.75 ? 19   PRO A C   1 
ATOM   153  O O   . PRO A 1 19  ? 0.445   9.574   -17.291 1.00 36.33 ? 19   PRO A O   1 
ATOM   154  C CB  . PRO A 1 19  ? 0.798   12.735  -16.901 1.00 37.40 ? 19   PRO A CB  1 
ATOM   155  C CG  . PRO A 1 19  ? 1.854   13.532  -17.600 1.00 37.47 ? 19   PRO A CG  1 
ATOM   156  C CD  . PRO A 1 19  ? 3.059   13.339  -16.743 1.00 37.09 ? 19   PRO A CD  1 
ATOM   157  N N   . ARG A 1 20  ? 2.233   10.325  -18.422 1.00 36.85 ? 20   ARG A N   1 
ATOM   158  C CA  . ARG A 1 20  ? 2.168   9.272   -19.425 1.00 37.26 ? 20   ARG A CA  1 
ATOM   159  C C   . ARG A 1 20  ? 2.232   7.906   -18.759 1.00 36.46 ? 20   ARG A C   1 
ATOM   160  O O   . ARG A 1 20  ? 1.427   7.022   -19.053 1.00 36.85 ? 20   ARG A O   1 
ATOM   161  C CB  A ARG A 1 20  ? 3.323   9.414   -20.419 0.50 37.43 ? 20   ARG A CB  1 
ATOM   162  C CB  B ARG A 1 20  ? 3.289   9.420   -20.457 0.50 37.41 ? 20   ARG A CB  1 
ATOM   163  C CG  A ARG A 1 20  ? 3.319   8.396   -21.547 0.50 39.13 ? 20   ARG A CG  1 
ATOM   164  C CG  B ARG A 1 20  ? 2.920   8.932   -21.845 0.50 39.11 ? 20   ARG A CG  1 
ATOM   165  C CD  A ARG A 1 20  ? 4.394   8.715   -22.568 0.50 40.33 ? 20   ARG A CD  1 
ATOM   166  C CD  B ARG A 1 20  ? 1.810   9.780   -22.461 0.50 40.23 ? 20   ARG A CD  1 
ATOM   167  N NE  A ARG A 1 20  ? 5.657   8.082   -22.220 0.50 41.77 ? 20   ARG A NE  1 
ATOM   168  N NE  B ARG A 1 20  ? 1.943   9.876   -23.909 0.50 40.78 ? 20   ARG A NE  1 
ATOM   169  C CZ  A ARG A 1 20  ? 5.957   6.826   -22.530 0.50 42.90 ? 20   ARG A CZ  1 
ATOM   170  C CZ  B ARG A 1 20  ? 2.795   10.694  -24.517 0.50 41.13 ? 20   ARG A CZ  1 
ATOM   171  N NH1 A ARG A 1 20  ? 5.080   6.078   -23.193 0.50 42.98 ? 20   ARG A NH1 1 
ATOM   172  N NH1 B ARG A 1 20  ? 3.586   11.481  -23.799 0.50 40.97 ? 20   ARG A NH1 1 
ATOM   173  N NH2 A ARG A 1 20  ? 7.128   6.317   -22.176 0.50 43.18 ? 20   ARG A NH2 1 
ATOM   174  N NH2 B ARG A 1 20  ? 2.860   10.722  -25.840 0.50 41.53 ? 20   ARG A NH2 1 
ATOM   175  N N   . LEU A 1 21  ? 3.181   7.750   -17.843 1.00 34.97 ? 21   LEU A N   1 
ATOM   176  C CA  . LEU A 1 21  ? 3.402   6.462   -17.188 1.00 33.64 ? 21   LEU A CA  1 
ATOM   177  C C   . LEU A 1 21  ? 2.537   6.239   -15.928 1.00 31.85 ? 21   LEU A C   1 
ATOM   178  O O   . LEU A 1 21  ? 2.079   5.125   -15.667 1.00 31.08 ? 21   LEU A O   1 
ATOM   179  C CB  . LEU A 1 21  ? 4.872   6.359   -16.820 1.00 33.91 ? 21   LEU A CB  1 
ATOM   180  C CG  . LEU A 1 21  ? 5.331   5.080   -16.122 1.00 35.07 ? 21   LEU A CG  1 
ATOM   181  C CD1 . LEU A 1 21  ? 4.743   3.798   -16.767 1.00 35.85 ? 21   LEU A CD1 1 
ATOM   182  C CD2 . LEU A 1 21  ? 6.845   5.093   -16.103 1.00 35.24 ? 21   LEU A CD2 1 
ATOM   183  N N   . TYR A 1 22  ? 2.355   7.289   -15.130 1.00 29.60 ? 22   TYR A N   1 
ATOM   184  C CA  . TYR A 1 22  ? 1.699   7.143   -13.824 1.00 28.13 ? 22   TYR A CA  1 
ATOM   185  C C   . TYR A 1 22  ? 0.315   7.794   -13.740 1.00 28.38 ? 22   TYR A C   1 
ATOM   186  O O   . TYR A 1 22  ? -0.363  7.685   -12.721 1.00 26.64 ? 22   TYR A O   1 
ATOM   187  C CB  . TYR A 1 22  ? 2.593   7.701   -12.736 1.00 27.73 ? 22   TYR A CB  1 
ATOM   188  C CG  . TYR A 1 22  ? 3.863   6.918   -12.507 1.00 25.61 ? 22   TYR A CG  1 
ATOM   189  C CD1 . TYR A 1 22  ? 5.100   7.434   -12.877 1.00 23.29 ? 22   TYR A CD1 1 
ATOM   190  C CD2 . TYR A 1 22  ? 3.833   5.672   -11.895 1.00 23.94 ? 22   TYR A CD2 1 
ATOM   191  C CE1 . TYR A 1 22  ? 6.276   6.715   -12.660 1.00 22.10 ? 22   TYR A CE1 1 
ATOM   192  C CE2 . TYR A 1 22  ? 5.000   4.954   -11.676 1.00 22.23 ? 22   TYR A CE2 1 
ATOM   193  C CZ  . TYR A 1 22  ? 6.205   5.465   -12.052 1.00 20.26 ? 22   TYR A CZ  1 
ATOM   194  O OH  . TYR A 1 22  ? 7.378   4.756   -11.821 1.00 23.62 ? 22   TYR A OH  1 
ATOM   195  N N   . GLY A 1 23  ? -0.105  8.450   -14.818 1.00 28.33 ? 23   GLY A N   1 
ATOM   196  C CA  . GLY A 1 23  ? -1.452  9.010   -14.900 1.00 28.56 ? 23   GLY A CA  1 
ATOM   197  C C   . GLY A 1 23  ? -1.555  10.403  -14.305 1.00 28.37 ? 23   GLY A C   1 
ATOM   198  O O   . GLY A 1 23  ? -0.563  10.997  -13.824 1.00 27.75 ? 23   GLY A O   1 
ATOM   199  N N   . MET A 1 24  ? -2.785  10.912  -14.321 1.00 28.38 ? 24   MET A N   1 
ATOM   200  C CA  . MET A 1 24  ? -3.070  12.287  -13.950 1.00 28.53 ? 24   MET A CA  1 
ATOM   201  C C   . MET A 1 24  ? -3.851  12.385  -12.639 1.00 27.05 ? 24   MET A C   1 
ATOM   202  O O   . MET A 1 24  ? -4.216  13.464  -12.227 1.00 26.61 ? 24   MET A O   1 
ATOM   203  C CB  A MET A 1 24  ? -3.900  12.964  -15.064 0.50 29.06 ? 24   MET A CB  1 
ATOM   204  C CB  B MET A 1 24  ? -3.783  13.026  -15.099 0.50 29.33 ? 24   MET A CB  1 
ATOM   205  C CG  A MET A 1 24  ? -3.555  12.583  -16.513 0.50 30.66 ? 24   MET A CG  1 
ATOM   206  C CG  B MET A 1 24  ? -2.826  13.621  -16.157 0.50 31.63 ? 24   MET A CG  1 
ATOM   207  S SD  A MET A 1 24  ? -4.627  13.465  -17.690 0.50 36.03 ? 24   MET A SD  1 
ATOM   208  S SD  B MET A 1 24  ? -1.717  14.940  -15.558 0.50 38.97 ? 24   MET A SD  1 
ATOM   209  C CE  A MET A 1 24  ? -6.257  12.831  -17.266 0.50 33.70 ? 24   MET A CE  1 
ATOM   210  C CE  B MET A 1 24  ? -2.832  16.341  -15.367 0.50 36.79 ? 24   MET A CE  1 
ATOM   211  N N   . VAL A 1 25  ? -4.113  11.256  -11.977 1.00 25.32 ? 25   VAL A N   1 
ATOM   212  C CA  . VAL A 1 25  ? -4.826  11.262  -10.713 1.00 23.92 ? 25   VAL A CA  1 
ATOM   213  C C   . VAL A 1 25  ? -3.792  11.419  -9.600  1.00 23.84 ? 25   VAL A C   1 
ATOM   214  O O   . VAL A 1 25  ? -2.817  10.651  -9.549  1.00 23.41 ? 25   VAL A O   1 
ATOM   215  C CB  . VAL A 1 25  ? -5.601  9.963   -10.529 1.00 24.89 ? 25   VAL A CB  1 
ATOM   216  C CG1 . VAL A 1 25  ? -6.342  9.925   -9.182  1.00 20.77 ? 25   VAL A CG1 1 
ATOM   217  C CG2 . VAL A 1 25  ? -6.578  9.771   -11.698 1.00 25.63 ? 25   VAL A CG2 1 
ATOM   218  N N   . THR A 1 26  ? -4.003  12.393  -8.714  1.00 22.02 ? 26   THR A N   1 
ATOM   219  C CA  . THR A 1 26  ? -3.057  12.684  -7.652  1.00 21.50 ? 26   THR A CA  1 
ATOM   220  C C   . THR A 1 26  ? -3.198  11.708  -6.492  1.00 20.52 ? 26   THR A C   1 
ATOM   221  O O   . THR A 1 26  ? -4.186  10.987  -6.364  1.00 20.26 ? 26   THR A O   1 
ATOM   222  C CB  . THR A 1 26  ? -3.254  14.101  -7.077  1.00 22.06 ? 26   THR A CB  1 
ATOM   223  O OG1 . THR A 1 26  ? -4.516  14.160  -6.408  1.00 20.58 ? 26   THR A OG1 1 
ATOM   224  C CG2 . THR A 1 26  ? -3.187  15.178  -8.163  1.00 24.71 ? 26   THR A CG2 1 
ATOM   225  N N   . LEU A 1 27  ? -2.210  11.717  -5.612  1.00 19.32 ? 27   LEU A N   1 
ATOM   226  C CA  . LEU A 1 27  ? -2.262  10.882  -4.445  1.00 19.37 ? 27   LEU A CA  1 
ATOM   227  C C   . LEU A 1 27  ? -3.464  11.213  -3.546  1.00 20.15 ? 27   LEU A C   1 
ATOM   228  O O   . LEU A 1 27  ? -4.154  10.318  -3.056  1.00 18.68 ? 27   LEU A O   1 
ATOM   229  C CB  . LEU A 1 27  ? -0.958  11.016  -3.655  1.00 18.67 ? 27   LEU A CB  1 
ATOM   230  C CG  . LEU A 1 27  ? -0.701  9.889   -2.674  1.00 18.81 ? 27   LEU A CG  1 
ATOM   231  C CD1 . LEU A 1 27  ? -0.594  8.538   -3.356  1.00 17.12 ? 27   LEU A CD1 1 
ATOM   232  C CD2 . LEU A 1 27  ? 0.535   10.166  -1.761  1.00 18.92 ? 27   LEU A CD2 1 
ATOM   233  N N   . ASP A 1 28  ? -3.708  12.497  -3.347  1.00 21.36 ? 28   ASP A N   1 
ATOM   234  C CA  . ASP A 1 28  ? -4.843  12.952  -2.526  1.00 23.31 ? 28   ASP A CA  1 
ATOM   235  C C   . ASP A 1 28  ? -6.162  12.463  -3.122  1.00 22.72 ? 28   ASP A C   1 
ATOM   236  O O   . ASP A 1 28  ? -7.046  12.071  -2.405  1.00 23.65 ? 28   ASP A O   1 
ATOM   237  C CB  . ASP A 1 28  ? -4.846  14.478  -2.413  1.00 23.93 ? 28   ASP A CB  1 
ATOM   238  C CG  . ASP A 1 28  ? -3.906  15.009  -1.334  1.00 27.05 ? 28   ASP A CG  1 
ATOM   239  O OD1 . ASP A 1 28  ? -3.407  14.240  -0.472  1.00 31.67 ? 28   ASP A OD1 1 
ATOM   240  O OD2 . ASP A 1 28  ? -3.666  16.234  -1.347  1.00 33.84 ? 28   ASP A OD2 1 
ATOM   241  N N   . GLN A 1 29  ? -6.265  12.481  -4.438  1.00 22.94 ? 29   GLN A N   1 
ATOM   242  C CA  . GLN A 1 29  ? -7.434  11.985  -5.147  1.00 22.86 ? 29   GLN A CA  1 
ATOM   243  C C   . GLN A 1 29  ? -7.648  10.491  -4.989  1.00 23.11 ? 29   GLN A C   1 
ATOM   244  O O   . GLN A 1 29  ? -8.786  10.040  -4.832  1.00 21.63 ? 29   GLN A O   1 
ATOM   245  C CB  . GLN A 1 29  ? -7.349  12.345  -6.621  1.00 23.75 ? 29   GLN A CB  1 
ATOM   246  C CG  . GLN A 1 29  ? -7.562  13.818  -6.868  1.00 25.70 ? 29   GLN A CG  1 
ATOM   247  C CD  . GLN A 1 29  ? -7.323  14.240  -8.302  1.00 28.12 ? 29   GLN A CD  1 
ATOM   248  O OE1 . GLN A 1 29  ? -6.673  13.549  -9.079  1.00 26.16 ? 29   GLN A OE1 1 
ATOM   249  N NE2 . GLN A 1 29  ? -7.854  15.410  -8.661  1.00 30.62 ? 29   GLN A NE2 1 
ATOM   250  N N   . ILE A 1 30  ? -6.556  9.716   -5.022  1.00 21.29 ? 30   ILE A N   1 
ATOM   251  C CA  . ILE A 1 30  ? -6.645  8.292   -4.747  1.00 21.19 ? 30   ILE A CA  1 
ATOM   252  C C   . ILE A 1 30  ? -7.181  8.061   -3.341  1.00 20.04 ? 30   ILE A C   1 
ATOM   253  O O   . ILE A 1 30  ? -8.046  7.208   -3.138  1.00 20.07 ? 30   ILE A O   1 
ATOM   254  C CB  . ILE A 1 30  ? -5.277  7.565   -4.897  1.00 19.89 ? 30   ILE A CB  1 
ATOM   255  C CG1 . ILE A 1 30  ? -4.817  7.576   -6.339  1.00 22.00 ? 30   ILE A CG1 1 
ATOM   256  C CG2 . ILE A 1 30  ? -5.392  6.117   -4.415  1.00 21.07 ? 30   ILE A CG2 1 
ATOM   257  C CD1 . ILE A 1 30  ? -3.475  6.856   -6.567  1.00 22.35 ? 30   ILE A CD1 1 
ATOM   258  N N   . HIS A 1 31  ? -6.666  8.815   -2.378  1.00 21.08 ? 31   HIS A N   1 
ATOM   259  C CA  . HIS A 1 31  ? -7.110  8.672   -0.996  1.00 21.56 ? 31   HIS A CA  1 
ATOM   260  C C   . HIS A 1 31  ? -8.605  9.016   -0.817  1.00 22.85 ? 31   HIS A C   1 
ATOM   261  O O   . HIS A 1 31  ? -9.311  8.313   -0.081  1.00 21.81 ? 31   HIS A O   1 
ATOM   262  C CB  . HIS A 1 31  ? -6.211  9.486   -0.068  1.00 22.03 ? 31   HIS A CB  1 
ATOM   263  C CG  . HIS A 1 31  ? -4.794  8.964   -0.035  1.00 20.93 ? 31   HIS A CG  1 
ATOM   264  N ND1 . HIS A 1 31  ? -3.740  9.663   0.511   1.00 19.83 ? 31   HIS A ND1 1 
ATOM   265  C CD2 . HIS A 1 31  ? -4.277  7.802   -0.502  1.00 20.15 ? 31   HIS A CD2 1 
ATOM   266  C CE1 . HIS A 1 31  ? -2.629  8.948   0.379   1.00 20.74 ? 31   HIS A CE1 1 
ATOM   267  N NE2 . HIS A 1 31  ? -2.933  7.807   -0.210  1.00 20.47 ? 31   HIS A NE2 1 
ATOM   268  N N   . GLU A 1 32  ? -9.061  10.054  -1.503  1.00 24.77 ? 32   GLU A N   1 
ATOM   269  C CA  . GLU A 1 32  ? -10.506 10.400  -1.479  1.00 26.46 ? 32   GLU A CA  1 
ATOM   270  C C   . GLU A 1 32  ? -11.351 9.298   -2.139  1.00 26.73 ? 32   GLU A C   1 
ATOM   271  O O   . GLU A 1 32  ? -12.419 8.932   -1.615  1.00 26.71 ? 32   GLU A O   1 
ATOM   272  C CB  A GLU A 1 32  ? -10.809 11.811  -2.002  0.50 26.84 ? 32   GLU A CB  1 
ATOM   273  C CB  B GLU A 1 32  ? -10.766 11.725  -2.245  0.50 26.90 ? 32   GLU A CB  1 
ATOM   274  C CG  A GLU A 1 32  ? -12.089 12.408  -1.357  0.50 29.22 ? 32   GLU A CG  1 
ATOM   275  C CG  B GLU A 1 32  ? -10.038 12.992  -1.774  0.50 29.25 ? 32   GLU A CG  1 
ATOM   276  C CD  A GLU A 1 32  ? -11.959 12.648  0.149   0.50 31.85 ? 32   GLU A CD  1 
ATOM   277  C CD  B GLU A 1 32  ? -9.940  14.088  -2.873  0.50 31.70 ? 32   GLU A CD  1 
ATOM   278  O OE1 A GLU A 1 32  ? -12.597 11.917  0.952   0.50 34.37 ? 32   GLU A OE1 1 
ATOM   279  O OE1 B GLU A 1 32  ? -10.835 14.172  -3.750  0.50 34.20 ? 32   GLU A OE1 1 
ATOM   280  O OE2 A GLU A 1 32  ? -11.206 13.565  0.536   0.50 34.51 ? 32   GLU A OE2 1 
ATOM   281  O OE2 B GLU A 1 32  ? -8.964  14.872  -2.866  0.50 33.29 ? 32   GLU A OE2 1 
ATOM   282  N N   . ILE A 1 33  ? -10.871 8.743   -3.261  1.00 26.40 ? 33   ILE A N   1 
ATOM   283  C CA  . ILE A 1 33  ? -11.508 7.579   -3.900  1.00 26.97 ? 33   ILE A CA  1 
ATOM   284  C C   . ILE A 1 33  ? -11.599 6.355   -2.990  1.00 26.82 ? 33   ILE A C   1 
ATOM   285  O O   . ILE A 1 33  ? -12.620 5.649   -2.968  1.00 26.48 ? 33   ILE A O   1 
ATOM   286  C CB  . ILE A 1 33  ? -10.780 7.170   -5.204  1.00 27.65 ? 33   ILE A CB  1 
ATOM   287  C CG1 . ILE A 1 33  ? -11.022 8.215   -6.292  1.00 29.26 ? 33   ILE A CG1 1 
ATOM   288  C CG2 . ILE A 1 33  ? -11.203 5.777   -5.645  1.00 28.87 ? 33   ILE A CG2 1 
ATOM   289  C CD1 . ILE A 1 33  ? -10.053 8.142   -7.513  1.00 30.84 ? 33   ILE A CD1 1 
ATOM   290  N N   . MET A 1 34  ? -10.540 6.084   -2.232  1.00 25.36 ? 34   MET A N   1 
ATOM   291  C CA  . MET A 1 34  ? -10.571 4.972   -1.285  1.00 25.12 ? 34   MET A CA  1 
ATOM   292  C C   . MET A 1 34  ? -11.641 5.237   -0.202  1.00 26.31 ? 34   MET A C   1 
ATOM   293  O O   . MET A 1 34  ? -12.401 4.330   0.152   1.00 26.15 ? 34   MET A O   1 
ATOM   294  C CB  . MET A 1 34  ? -9.190  4.747   -0.658  1.00 24.53 ? 34   MET A CB  1 
ATOM   295  C CG  . MET A 1 34  ? -8.141  4.287   -1.668  1.00 21.65 ? 34   MET A CG  1 
ATOM   296  S SD  . MET A 1 34  ? -6.539  4.020   -0.862  1.00 20.49 ? 34   MET A SD  1 
ATOM   297  C CE  . MET A 1 34  ? -6.830  2.528   0.047   1.00 17.60 ? 34   MET A CE  1 
ATOM   298  N N   . GLN A 1 35  ? -11.690 6.460   0.313   1.00 27.22 ? 35   GLN A N   1 
ATOM   299  C CA  . GLN A 1 35  ? -12.713 6.831   1.312   1.00 29.63 ? 35   GLN A CA  1 
ATOM   300  C C   . GLN A 1 35  ? -14.102 6.619   0.750   1.00 30.55 ? 35   GLN A C   1 
ATOM   301  O O   . GLN A 1 35  ? -14.957 6.026   1.397   1.00 30.82 ? 35   GLN A O   1 
ATOM   302  C CB  . GLN A 1 35  ? -12.588 8.291   1.742   1.00 29.85 ? 35   GLN A CB  1 
ATOM   303  C CG  . GLN A 1 35  ? -11.400 8.606   2.602   1.00 33.24 ? 35   GLN A CG  1 
ATOM   304  C CD  . GLN A 1 35  ? -11.541 8.152   4.054   1.00 36.52 ? 35   GLN A CD  1 
ATOM   305  O OE1 . GLN A 1 35  ? -12.373 7.281   4.399   1.00 40.19 ? 35   GLN A OE1 1 
ATOM   306  N NE2 . GLN A 1 35  ? -10.716 8.741   4.919   1.00 36.35 ? 35   GLN A NE2 1 
ATOM   307  N N   . THR A 1 36  ? -14.322 7.110   -0.459  1.00 32.34 ? 36   THR A N   1 
ATOM   308  C CA  . THR A 1 36  ? -15.603 6.938   -1.137  1.00 33.65 ? 36   THR A CA  1 
ATOM   309  C C   . THR A 1 36  ? -15.972 5.472   -1.323  1.00 34.50 ? 36   THR A C   1 
ATOM   310  O O   . THR A 1 36  ? -17.152 5.092   -1.190  1.00 34.82 ? 36   THR A O   1 
ATOM   311  C CB  . THR A 1 36  ? -15.597 7.652   -2.501  1.00 33.58 ? 36   THR A CB  1 
ATOM   312  O OG1 . THR A 1 36  ? -15.436 9.049   -2.280  1.00 34.50 ? 36   THR A OG1 1 
ATOM   313  C CG2 . THR A 1 36  ? -16.890 7.413   -3.240  1.00 34.96 ? 36   THR A CG2 1 
ATOM   314  N N   . PHE A 1 37  ? -14.982 4.633   -1.632  1.00 34.51 ? 37   PHE A N   1 
ATOM   315  C CA  . PHE A 1 37  ? -15.205 3.188   -1.713  1.00 34.79 ? 37   PHE A CA  1 
ATOM   316  C C   . PHE A 1 37  ? -15.710 2.611   -0.377  1.00 34.69 ? 37   PHE A C   1 
ATOM   317  O O   . PHE A 1 37  ? -16.619 1.770   -0.364  1.00 35.57 ? 37   PHE A O   1 
ATOM   318  C CB  . PHE A 1 37  ? -13.912 2.490   -2.183  1.00 35.00 ? 37   PHE A CB  1 
ATOM   319  C CG  . PHE A 1 37  ? -14.061 1.019   -2.429  1.00 35.17 ? 37   PHE A CG  1 
ATOM   320  C CD1 . PHE A 1 37  ? -14.397 0.539   -3.698  1.00 36.77 ? 37   PHE A CD1 1 
ATOM   321  C CD2 . PHE A 1 37  ? -13.869 0.113   -1.403  1.00 34.59 ? 37   PHE A CD2 1 
ATOM   322  C CE1 . PHE A 1 37  ? -14.523 -0.829  -3.926  1.00 38.01 ? 37   PHE A CE1 1 
ATOM   323  C CE2 . PHE A 1 37  ? -14.005 -1.259  -1.620  1.00 37.87 ? 37   PHE A CE2 1 
ATOM   324  C CZ  . PHE A 1 37  ? -14.331 -1.730  -2.883  1.00 36.33 ? 37   PHE A CZ  1 
ATOM   325  N N   . VAL A 1 38  ? -15.139 3.061   0.736   1.00 34.14 ? 38   VAL A N   1 
ATOM   326  C CA  . VAL A 1 38  ? -15.560 2.620   2.066   1.00 34.55 ? 38   VAL A CA  1 
ATOM   327  C C   . VAL A 1 38  ? -16.963 3.160   2.429   1.00 36.55 ? 38   VAL A C   1 
ATOM   328  O O   . VAL A 1 38  ? -17.821 2.402   2.884   1.00 36.25 ? 38   VAL A O   1 
ATOM   329  C CB  . VAL A 1 38  ? -14.555 3.080   3.164   1.00 34.69 ? 38   VAL A CB  1 
ATOM   330  C CG1 . VAL A 1 38  ? -15.159 2.948   4.557   1.00 33.18 ? 38   VAL A CG1 1 
ATOM   331  C CG2 . VAL A 1 38  ? -13.221 2.308   3.057   1.00 31.29 ? 38   VAL A CG2 1 
ATOM   332  N N   . LYS A 1 39  ? -17.163 4.465   2.235   1.00 38.25 ? 39   LYS A N   1 
ATOM   333  C CA  . LYS A 1 39  ? -18.419 5.152   2.590   1.00 40.34 ? 39   LYS A CA  1 
ATOM   334  C C   . LYS A 1 39  ? -19.585 4.610   1.777   1.00 41.39 ? 39   LYS A C   1 
ATOM   335  O O   . LYS A 1 39  ? -20.644 4.273   2.326   1.00 41.90 ? 39   LYS A O   1 
ATOM   336  C CB  . LYS A 1 39  ? -18.285 6.665   2.364   1.00 40.57 ? 39   LYS A CB  1 
ATOM   337  C CG  . LYS A 1 39  ? -19.539 7.509   2.702   1.00 43.13 ? 39   LYS A CG  1 
ATOM   338  C CD  . LYS A 1 39  ? -19.772 7.594   4.204   1.00 45.54 ? 39   LYS A CD  1 
ATOM   339  C CE  . LYS A 1 39  ? -20.952 8.521   4.548   1.00 47.27 ? 39   LYS A CE  1 
ATOM   340  N NZ  . LYS A 1 39  ? -21.160 8.659   6.038   1.00 48.07 ? 39   LYS A NZ  1 
ATOM   341  N N   . GLN A 1 40  ? -19.394 4.501   0.468   1.00 42.52 ? 40   GLN A N   1 
ATOM   342  C CA  . GLN A 1 40  ? -20.454 3.999   -0.397  1.00 43.57 ? 40   GLN A CA  1 
ATOM   343  C C   . GLN A 1 40  ? -20.701 2.521   -0.129  1.00 43.52 ? 40   GLN A C   1 
ATOM   344  O O   . GLN A 1 40  ? -21.817 2.050   -0.259  1.00 43.92 ? 40   GLN A O   1 
ATOM   345  C CB  . GLN A 1 40  ? -20.140 4.255   -1.880  1.00 44.09 ? 40   GLN A CB  1 
ATOM   346  C CG  . GLN A 1 40  ? -19.837 5.732   -2.216  1.00 46.60 ? 40   GLN A CG  1 
ATOM   347  C CD  . GLN A 1 40  ? -21.050 6.685   -2.212  1.00 50.79 ? 40   GLN A CD  1 
ATOM   348  O OE1 . GLN A 1 40  ? -22.137 6.366   -1.696  1.00 52.82 ? 40   GLN A OE1 1 
ATOM   349  N NE2 . GLN A 1 40  ? -20.848 7.881   -2.777  1.00 51.75 ? 40   GLN A NE2 1 
ATOM   350  N N   . GLY A 1 41  ? -19.670 1.787   0.269   1.00 43.45 ? 41   GLY A N   1 
ATOM   351  C CA  . GLY A 1 41  ? -19.845 0.378   0.639   1.00 43.31 ? 41   GLY A CA  1 
ATOM   352  C C   . GLY A 1 41  ? -20.402 0.151   2.041   1.00 43.24 ? 41   GLY A C   1 
ATOM   353  O O   . GLY A 1 41  ? -20.699 -0.995  2.406   1.00 43.83 ? 41   GLY A O   1 
ATOM   354  N N   . ASN A 1 42  ? -20.554 1.227   2.821   1.00 42.90 ? 42   ASN A N   1 
ATOM   355  C CA  . ASN A 1 42  ? -20.818 1.148   4.266   1.00 42.70 ? 42   ASN A CA  1 
ATOM   356  C C   . ASN A 1 42  ? -19.898 0.167   4.970   1.00 42.38 ? 42   ASN A C   1 
ATOM   357  O O   . ASN A 1 42  ? -20.341 -0.640  5.795   1.00 43.05 ? 42   ASN A O   1 
ATOM   358  C CB  . ASN A 1 42  ? -22.275 0.775   4.541   1.00 43.06 ? 42   ASN A CB  1 
ATOM   359  C CG  . ASN A 1 42  ? -23.212 1.845   4.113   1.00 43.25 ? 42   ASN A CG  1 
ATOM   360  O OD1 . ASN A 1 42  ? -23.274 2.923   4.728   1.00 43.91 ? 42   ASN A OD1 1 
ATOM   361  N ND2 . ASN A 1 42  ? -23.938 1.585   3.033   1.00 44.60 ? 42   ASN A ND2 1 
ATOM   362  N N   . LEU A 1 43  ? -18.618 0.220   4.625   1.00 41.43 ? 43   LEU A N   1 
ATOM   363  C CA  . LEU A 1 43  ? -17.646 -0.686  5.217   1.00 40.90 ? 43   LEU A CA  1 
ATOM   364  C C   . LEU A 1 43  ? -17.263 -0.122  6.586   1.00 39.54 ? 43   LEU A C   1 
ATOM   365  O O   . LEU A 1 43  ? -17.246 1.087   6.791   1.00 39.58 ? 43   LEU A O   1 
ATOM   366  C CB  . LEU A 1 43  ? -16.436 -0.859  4.294   1.00 40.86 ? 43   LEU A CB  1 
ATOM   367  C CG  . LEU A 1 43  ? -16.725 -1.513  2.934   1.00 42.08 ? 43   LEU A CG  1 
ATOM   368  C CD1 . LEU A 1 43  ? -15.484 -1.529  2.053   1.00 43.40 ? 43   LEU A CD1 1 
ATOM   369  C CD2 . LEU A 1 43  ? -17.305 -2.932  3.078   1.00 44.04 ? 43   LEU A CD2 1 
ATOM   370  N N   . ASP A 1 44  ? -16.996 -1.002  7.535   1.00 38.79 ? 44   ASP A N   1 
ATOM   371  C CA  . ASP A 1 44  ? -16.636 -0.567  8.883   1.00 37.40 ? 44   ASP A CA  1 
ATOM   372  C C   . ASP A 1 44  ? -15.119 -0.431  8.877   1.00 35.76 ? 44   ASP A C   1 
ATOM   373  O O   . ASP A 1 44  ? -14.389 -1.273  9.431   1.00 35.81 ? 44   ASP A O   1 
ATOM   374  C CB  . ASP A 1 44  ? -17.114 -1.580  9.939   1.00 37.80 ? 44   ASP A CB  1 
ATOM   375  C CG  . ASP A 1 44  ? -16.648 -1.234  11.337  0.50 37.89 ? 44   ASP A CG  1 
ATOM   376  O OD1 . ASP A 1 44  ? -16.037 -2.116  11.984  0.50 38.84 ? 44   ASP A OD1 1 
ATOM   377  O OD2 . ASP A 1 44  ? -16.874 -0.084  11.779  0.50 38.98 ? 44   ASP A OD2 1 
ATOM   378  N N   . VAL A 1 45  ? -14.659 0.601   8.183   1.00 33.63 ? 45   VAL A N   1 
ATOM   379  C CA  . VAL A 1 45  ? -13.237 0.805   7.969   1.00 31.55 ? 45   VAL A CA  1 
ATOM   380  C C   . VAL A 1 45  ? -12.867 2.234   8.265   1.00 30.00 ? 45   VAL A C   1 
ATOM   381  O O   . VAL A 1 45  ? -13.498 3.151   7.776   1.00 29.45 ? 45   VAL A O   1 
ATOM   382  C CB  . VAL A 1 45  ? -12.800 0.489   6.516   1.00 31.74 ? 45   VAL A CB  1 
ATOM   383  C CG1 . VAL A 1 45  ? -11.350 0.951   6.289   1.00 30.62 ? 45   VAL A CG1 1 
ATOM   384  C CG2 . VAL A 1 45  ? -12.942 -0.986  6.235   1.00 31.91 ? 45   VAL A CG2 1 
ATOM   385  N N   . GLU A 1 46  ? -11.818 2.408   9.055   1.00 27.88 ? 46   GLU A N   1 
ATOM   386  C CA  . GLU A 1 46  ? -11.228 3.708   9.231   1.00 27.57 ? 46   GLU A CA  1 
ATOM   387  C C   . GLU A 1 46  ? -9.881  3.707   8.514   1.00 25.72 ? 46   GLU A C   1 
ATOM   388  O O   . GLU A 1 46  ? -8.977  2.987   8.919   1.00 26.20 ? 46   GLU A O   1 
ATOM   389  C CB  A GLU A 1 46  ? -11.029 3.994   10.715  0.50 27.81 ? 46   GLU A CB  1 
ATOM   390  C CB  B GLU A 1 46  ? -11.005 4.037   10.701  0.50 27.75 ? 46   GLU A CB  1 
ATOM   391  C CG  A GLU A 1 46  ? -12.332 4.049   11.519  0.50 29.85 ? 46   GLU A CG  1 
ATOM   392  C CG  B GLU A 1 46  ? -10.443 5.447   10.918  0.50 29.11 ? 46   GLU A CG  1 
ATOM   393  C CD  A GLU A 1 46  ? -12.638 2.757   12.263  0.50 31.84 ? 46   GLU A CD  1 
ATOM   394  C CD  B GLU A 1 46  ? -10.388 5.844   12.375  0.50 32.56 ? 46   GLU A CD  1 
ATOM   395  O OE1 A GLU A 1 46  ? -13.542 2.007   11.828  0.50 34.05 ? 46   GLU A OE1 1 
ATOM   396  O OE1 B GLU A 1 46  ? -10.506 4.947   13.241  0.50 35.12 ? 46   GLU A OE1 1 
ATOM   397  O OE2 A GLU A 1 46  ? -11.981 2.495   13.295  0.50 34.77 ? 46   GLU A OE2 1 
ATOM   398  O OE2 B GLU A 1 46  ? -10.224 7.056   12.652  0.50 35.25 ? 46   GLU A OE2 1 
ATOM   399  N N   . LEU A 1 47  ? -9.753  4.523   7.487   1.00 23.55 ? 47   LEU A N   1 
ATOM   400  C CA  . LEU A 1 47  ? -8.472  4.650   6.770   1.00 22.93 ? 47   LEU A CA  1 
ATOM   401  C C   . LEU A 1 47  ? -7.542  5.676   7.408   1.00 22.72 ? 47   LEU A C   1 
ATOM   402  O O   . LEU A 1 47  ? -7.963  6.775   7.787   1.00 22.01 ? 47   LEU A O   1 
ATOM   403  C CB  . LEU A 1 47  ? -8.740  5.012   5.328   1.00 22.34 ? 47   LEU A CB  1 
ATOM   404  C CG  . LEU A 1 47  ? -9.503  3.961   4.553   1.00 23.67 ? 47   LEU A CG  1 
ATOM   405  C CD1 . LEU A 1 47  ? -9.831  4.517   3.180   1.00 24.78 ? 47   LEU A CD1 1 
ATOM   406  C CD2 . LEU A 1 47  ? -8.672  2.708   4.450   1.00 24.23 ? 47   LEU A CD2 1 
ATOM   407  N N   . GLU A 1 48  ? -6.261  5.331   7.539   1.00 21.74 ? 48   GLU A N   1 
ATOM   408  C CA  . GLU A 1 48  ? -5.258  6.316   7.894   1.00 21.57 ? 48   GLU A CA  1 
ATOM   409  C C   . GLU A 1 48  ? -4.264  6.349   6.753   1.00 21.07 ? 48   GLU A C   1 
ATOM   410  O O   . GLU A 1 48  ? -3.788  5.303   6.334   1.00 21.52 ? 48   GLU A O   1 
ATOM   411  C CB  . GLU A 1 48  ? -4.544  5.952   9.197   1.00 22.85 ? 48   GLU A CB  1 
ATOM   412  C CG  . GLU A 1 48  ? -3.387  6.952   9.519   1.00 26.89 ? 48   GLU A CG  1 
ATOM   413  C CD  . GLU A 1 48  ? -2.593  6.617   10.764  1.00 32.40 ? 48   GLU A CD  1 
ATOM   414  O OE1 . GLU A 1 48  ? -3.054  5.786   11.558  1.00 36.04 ? 48   GLU A OE1 1 
ATOM   415  O OE2 . GLU A 1 48  ? -1.498  7.206   10.946  1.00 39.50 ? 48   GLU A OE2 1 
ATOM   416  N N   . PHE A 1 49  ? -3.950  7.531   6.259   1.00 20.01 ? 49   PHE A N   1 
ATOM   417  C CA  . PHE A 1 49  ? -3.010  7.656   5.121   1.00 19.81 ? 49   PHE A CA  1 
ATOM   418  C C   . PHE A 1 49  ? -1.700  8.257   5.545   1.00 19.13 ? 49   PHE A C   1 
ATOM   419  O O   . PHE A 1 49  ? -1.648  9.193   6.352   1.00 19.40 ? 49   PHE A O   1 
ATOM   420  C CB  . PHE A 1 49  ? -3.614  8.514   4.031   1.00 20.34 ? 49   PHE A CB  1 
ATOM   421  C CG  . PHE A 1 49  ? -4.975  8.089   3.598   1.00 20.17 ? 49   PHE A CG  1 
ATOM   422  C CD1 . PHE A 1 49  ? -5.124  7.065   2.693   1.00 18.98 ? 49   PHE A CD1 1 
ATOM   423  C CD2 . PHE A 1 49  ? -6.113  8.771   4.036   1.00 22.67 ? 49   PHE A CD2 1 
ATOM   424  C CE1 . PHE A 1 49  ? -6.378  6.655   2.275   1.00 22.08 ? 49   PHE A CE1 1 
ATOM   425  C CE2 . PHE A 1 49  ? -7.372  8.373   3.605   1.00 23.38 ? 49   PHE A CE2 1 
ATOM   426  C CZ  . PHE A 1 49  ? -7.495  7.321   2.712   1.00 22.41 ? 49   PHE A CZ  1 
ATOM   427  N N   . PHE A 1 50  ? -0.597  7.726   5.001   1.00 17.50 ? 50   PHE A N   1 
ATOM   428  C CA  . PHE A 1 50  ? 0.715   8.201   5.399   1.00 16.40 ? 50   PHE A CA  1 
ATOM   429  C C   . PHE A 1 50  ? 1.621   8.119   4.187   1.00 16.00 ? 50   PHE A C   1 
ATOM   430  O O   . PHE A 1 50  ? 1.748   7.054   3.622   1.00 17.26 ? 50   PHE A O   1 
ATOM   431  C CB  . PHE A 1 50  ? 1.252   7.333   6.507   1.00 16.55 ? 50   PHE A CB  1 
ATOM   432  C CG  . PHE A 1 50  ? 2.603   7.736   6.977   1.00 19.60 ? 50   PHE A CG  1 
ATOM   433  C CD1 . PHE A 1 50  ? 2.798   8.988   7.572   1.00 22.00 ? 50   PHE A CD1 1 
ATOM   434  C CD2 . PHE A 1 50  ? 3.701   6.901   6.798   1.00 22.44 ? 50   PHE A CD2 1 
ATOM   435  C CE1 . PHE A 1 50  ? 4.057   9.391   7.986   1.00 25.39 ? 50   PHE A CE1 1 
ATOM   436  C CE2 . PHE A 1 50  ? 4.975   7.300   7.223   1.00 22.97 ? 50   PHE A CE2 1 
ATOM   437  C CZ  . PHE A 1 50  ? 5.154   8.550   7.799   1.00 24.95 ? 50   PHE A CZ  1 
ATOM   438  N N   . GLN A 1 51  ? 2.208   9.229   3.780   1.00 15.84 ? 51   GLN A N   1 
ATOM   439  C CA  . GLN A 1 51  ? 3.232   9.204   2.704   1.00 16.12 ? 51   GLN A CA  1 
ATOM   440  C C   . GLN A 1 51  ? 4.561   9.694   3.211   1.00 15.75 ? 51   GLN A C   1 
ATOM   441  O O   . GLN A 1 51  ? 4.633   10.655  4.002   1.00 14.56 ? 51   GLN A O   1 
ATOM   442  C CB  . GLN A 1 51  ? 2.810   10.041  1.511   1.00 16.46 ? 51   GLN A CB  1 
ATOM   443  C CG  . GLN A 1 51  ? 3.673   9.869   0.268   1.00 15.62 ? 51   GLN A CG  1 
ATOM   444  C CD  . GLN A 1 51  ? 4.954   10.679  0.242   1.00 15.71 ? 51   GLN A CD  1 
ATOM   445  O OE1 . GLN A 1 51  ? 5.008   11.819  0.732   1.00 15.02 ? 51   GLN A OE1 1 
ATOM   446  N NE2 . GLN A 1 51  ? 6.008   10.106  -0.348  1.00 14.04 ? 51   GLN A NE2 1 
ATOM   447  N N   . THR A 1 52  ? 5.642   9.096   2.719   1.00 14.36 ? 52   THR A N   1 
ATOM   448  C CA  . THR A 1 52  ? 6.961   9.530   3.116   1.00 14.18 ? 52   THR A CA  1 
ATOM   449  C C   . THR A 1 52  ? 7.992   9.062   2.085   1.00 14.63 ? 52   THR A C   1 
ATOM   450  O O   . THR A 1 52  ? 7.804   8.033   1.414   1.00 12.85 ? 52   THR A O   1 
ATOM   451  C CB  . THR A 1 52  ? 7.339   8.987   4.512   1.00 14.36 ? 52   THR A CB  1 
ATOM   452  O OG1 . THR A 1 52  ? 8.660   9.435   4.872   1.00 16.23 ? 52   THR A OG1 1 
ATOM   453  C CG2 . THR A 1 52  ? 7.316   7.451   4.546   1.00 16.26 ? 52   THR A CG2 1 
ATOM   454  N N   . ASN A 1 53  ? 9.069   9.840   1.986   1.00 14.33 ? 53   ASN A N   1 
ATOM   455  C CA  . ASN A 1 53  ? 10.232  9.479   1.185   1.00 14.14 ? 53   ASN A CA  1 
ATOM   456  C C   . ASN A 1 53  ? 11.325  8.814   1.996   1.00 14.05 ? 53   ASN A C   1 
ATOM   457  O O   . ASN A 1 53  ? 12.358  8.516   1.441   1.00 13.47 ? 53   ASN A O   1 
ATOM   458  C CB  . ASN A 1 53  ? 10.777  10.736  0.466   1.00 13.48 ? 53   ASN A CB  1 
ATOM   459  C CG  . ASN A 1 53  ? 9.742   11.387  -0.436  1.00 13.91 ? 53   ASN A CG  1 
ATOM   460  O OD1 . ASN A 1 53  ? 9.024   10.712  -1.103  1.00 14.62 ? 53   ASN A OD1 1 
ATOM   461  N ND2 . ASN A 1 53  ? 9.680   12.735  -0.437  1.00 13.67 ? 53   ASN A ND2 1 
ATOM   462  N N   . PHE A 1 54  ? 11.082  8.553   3.285   1.00 14.60 ? 54   PHE A N   1 
ATOM   463  C CA  . PHE A 1 54  ? 12.066  7.979   4.203   1.00 15.06 ? 54   PHE A CA  1 
ATOM   464  C C   . PHE A 1 54  ? 11.783  6.515   4.509   1.00 15.08 ? 54   PHE A C   1 
ATOM   465  O O   . PHE A 1 54  ? 10.745  6.175   5.121   1.00 15.41 ? 54   PHE A O   1 
ATOM   466  C CB  . PHE A 1 54  ? 12.071  8.718   5.562   1.00 15.51 ? 54   PHE A CB  1 
ATOM   467  C CG  . PHE A 1 54  ? 12.568  10.124  5.498   1.00 15.95 ? 54   PHE A CG  1 
ATOM   468  C CD1 . PHE A 1 54  ? 11.795  11.136  4.923   1.00 16.95 ? 54   PHE A CD1 1 
ATOM   469  C CD2 . PHE A 1 54  ? 13.812  10.459  6.039   1.00 16.83 ? 54   PHE A CD2 1 
ATOM   470  C CE1 . PHE A 1 54  ? 12.268  12.453  4.851   1.00 18.70 ? 54   PHE A CE1 1 
ATOM   471  C CE2 . PHE A 1 54  ? 14.287  11.773  5.964   1.00 17.75 ? 54   PHE A CE2 1 
ATOM   472  C CZ  . PHE A 1 54  ? 13.515  12.772  5.362   1.00 16.81 ? 54   PHE A CZ  1 
ATOM   473  N N   . GLU A 1 55  ? 12.746  5.653   4.204   1.00 14.54 ? 55   GLU A N   1 
ATOM   474  C CA  . GLU A 1 55  ? 12.675  4.254   4.640   1.00 15.63 ? 55   GLU A CA  1 
ATOM   475  C C   . GLU A 1 55  ? 12.401  4.096   6.143   1.00 15.72 ? 55   GLU A C   1 
ATOM   476  O O   . GLU A 1 55  ? 11.582  3.257   6.571   1.00 15.24 ? 55   GLU A O   1 
ATOM   477  C CB  . GLU A 1 55  ? 13.985  3.595   4.308   1.00 17.33 ? 55   GLU A CB  1 
ATOM   478  C CG  . GLU A 1 55  ? 14.101  2.171   4.631   1.00 19.36 ? 55   GLU A CG  1 
ATOM   479  C CD  . GLU A 1 55  ? 15.452  1.630   4.122   1.00 24.26 ? 55   GLU A CD  1 
ATOM   480  O OE1 . GLU A 1 55  ? 16.442  2.401   4.117   1.00 26.18 ? 55   GLU A OE1 1 
ATOM   481  O OE2 . GLU A 1 55  ? 15.490  0.465   3.729   1.00 20.35 ? 55   GLU A OE2 1 
ATOM   482  N N   . GLY A 1 56  ? 13.127  4.871   6.941   1.00 15.49 ? 56   GLY A N   1 
ATOM   483  C CA  . GLY A 1 56  ? 13.013  4.777   8.410   1.00 14.34 ? 56   GLY A CA  1 
ATOM   484  C C   . GLY A 1 56  ? 11.627  5.177   8.902   1.00 14.27 ? 56   GLY A C   1 
ATOM   485  O O   . GLY A 1 56  ? 11.148  4.632   9.900   1.00 14.78 ? 56   GLY A O   1 
ATOM   486  N N   . GLU A 1 57  ? 10.997  6.146   8.237   1.00 14.26 ? 57   GLU A N   1 
ATOM   487  C CA  . GLU A 1 57  ? 9.633   6.554   8.602   1.00 14.98 ? 57   GLU A CA  1 
ATOM   488  C C   . GLU A 1 57  ? 8.589   5.491   8.270   1.00 14.34 ? 57   GLU A C   1 
ATOM   489  O O   . GLU A 1 57  ? 7.613   5.315   9.006   1.00 14.23 ? 57   GLU A O   1 
ATOM   490  C CB  . GLU A 1 57  ? 9.240   7.901   7.970   1.00 16.33 ? 57   GLU A CB  1 
ATOM   491  C CG  . GLU A 1 57  ? 9.965   9.063   8.606   1.00 18.37 ? 57   GLU A CG  1 
ATOM   492  C CD  . GLU A 1 57  ? 9.499   10.418  8.175   1.00 24.48 ? 57   GLU A CD  1 
ATOM   493  O OE1 . GLU A 1 57  ? 8.751   10.561  7.182   1.00 25.05 ? 57   GLU A OE1 1 
ATOM   494  O OE2 . GLU A 1 57  ? 9.931   11.379  8.861   1.00 27.67 ? 57   GLU A OE2 1 
ATOM   495  N N   . ILE A 1 58  ? 8.796   4.758   7.185   1.00 14.33 ? 58   ILE A N   1 
ATOM   496  C CA  . ILE A 1 58  ? 7.945   3.602   6.869   1.00 14.04 ? 58   ILE A CA  1 
ATOM   497  C C   . ILE A 1 58  ? 8.084   2.531   7.933   1.00 14.13 ? 58   ILE A C   1 
ATOM   498  O O   . ILE A 1 58  ? 7.083   1.965   8.391   1.00 14.60 ? 58   ILE A O   1 
ATOM   499  C CB  . ILE A 1 58  ? 8.270   3.034   5.445   1.00 13.30 ? 58   ILE A CB  1 
ATOM   500  C CG1 . ILE A 1 58  ? 7.926   4.065   4.371   1.00 13.83 ? 58   ILE A CG1 1 
ATOM   501  C CG2 . ILE A 1 58  ? 7.596   1.663   5.210   1.00 13.02 ? 58   ILE A CG2 1 
ATOM   502  C CD1 . ILE A 1 58  ? 8.360   3.701   2.963   1.00 13.22 ? 58   ILE A CD1 1 
ATOM   503  N N   . ILE A 1 59  ? 9.323   2.240   8.349   1.00 13.96 ? 59   ILE A N   1 
ATOM   504  C CA  . ILE A 1 59  ? 9.549   1.191   9.319   1.00 13.88 ? 59   ILE A CA  1 
ATOM   505  C C   . ILE A 1 59  ? 8.916   1.651   10.665  1.00 15.11 ? 59   ILE A C   1 
ATOM   506  O O   . ILE A 1 59  ? 8.183   0.875   11.300  1.00 15.17 ? 59   ILE A O   1 
ATOM   507  C CB  . ILE A 1 59  ? 11.041  0.848   9.485   1.00 13.57 ? 59   ILE A CB  1 
ATOM   508  C CG1 . ILE A 1 59  ? 11.597  0.260   8.178   1.00 14.33 ? 59   ILE A CG1 1 
ATOM   509  C CG2 . ILE A 1 59  ? 11.250  -0.125  10.665  1.00 13.14 ? 59   ILE A CG2 1 
ATOM   510  C CD1 . ILE A 1 59  ? 13.119  0.107   8.126   1.00 15.00 ? 59   ILE A CD1 1 
ATOM   511  N N   . ASP A 1 60  ? 9.172   2.899   11.059  1.00 15.95 ? 60   ASP A N   1 
ATOM   512  C CA  . ASP A 1 60  ? 8.609   3.444   12.318  1.00 16.89 ? 60   ASP A CA  1 
ATOM   513  C C   . ASP A 1 60  ? 7.085   3.281   12.291  1.00 17.69 ? 60   ASP A C   1 
ATOM   514  O O   . ASP A 1 60  ? 6.466   2.870   13.301  1.00 18.21 ? 60   ASP A O   1 
ATOM   515  C CB  . ASP A 1 60  ? 8.915   4.952   12.471  1.00 16.67 ? 60   ASP A CB  1 
ATOM   516  C CG  . ASP A 1 60  ? 10.287  5.255   13.013  1.00 18.40 ? 60   ASP A CG  1 
ATOM   517  O OD1 . ASP A 1 60  ? 11.125  4.347   13.231  1.00 20.60 ? 60   ASP A OD1 1 
ATOM   518  O OD2 . ASP A 1 60  ? 10.567  6.472   13.220  1.00 20.40 ? 60   ASP A OD2 1 
ATOM   519  N N   . LYS A 1 61  ? 6.482   3.592   11.147  1.00 17.82 ? 61   LYS A N   1 
ATOM   520  C CA  . LYS A 1 61  ? 5.005   3.543   11.003  1.00 19.06 ? 61   LYS A CA  1 
ATOM   521  C C   . LYS A 1 61  ? 4.475   2.129   11.103  1.00 19.39 ? 61   LYS A C   1 
ATOM   522  O O   . LYS A 1 61  ? 3.445   1.869   11.727  1.00 18.85 ? 61   LYS A O   1 
ATOM   523  C CB  . LYS A 1 61  ? 4.540   4.171   9.684   1.00 19.55 ? 61   LYS A CB  1 
ATOM   524  C CG  . LYS A 1 61  ? 3.045   4.557   9.651   1.00 22.51 ? 61   LYS A CG  1 
ATOM   525  C CD  . LYS A 1 61  ? 2.822   5.736   10.587  1.00 24.74 ? 61   LYS A CD  1 
ATOM   526  C CE  . LYS A 1 61  ? 1.399   6.134   10.681  1.00 30.70 ? 61   LYS A CE  1 
ATOM   527  N NZ  . LYS A 1 61  ? 1.317   7.342   11.552  1.00 31.98 ? 61   LYS A NZ  1 
ATOM   528  N N   . ILE A 1 62  ? 5.144   1.209   10.436  1.00 19.02 ? 62   ILE A N   1 
ATOM   529  C CA  . ILE A 1 62  ? 4.765   -0.186  10.498  1.00 19.36 ? 62   ILE A CA  1 
ATOM   530  C C   . ILE A 1 62  ? 4.836   -0.701  11.937  1.00 21.56 ? 62   ILE A C   1 
ATOM   531  O O   . ILE A 1 62  ? 3.951   -1.454  12.391  1.00 21.46 ? 62   ILE A O   1 
ATOM   532  C CB  . ILE A 1 62  ? 5.630   -1.054  9.537   1.00 18.36 ? 62   ILE A CB  1 
ATOM   533  C CG1 . ILE A 1 62  ? 5.294   -0.740  8.077   1.00 17.80 ? 62   ILE A CG1 1 
ATOM   534  C CG2 . ILE A 1 62  ? 5.385   -2.562  9.778   1.00 19.36 ? 62   ILE A CG2 1 
ATOM   535  C CD1 . ILE A 1 62  ? 6.280   -1.324  7.042   1.00 16.09 ? 62   ILE A CD1 1 
ATOM   536  N N   . GLN A 1 63  ? 5.852   -0.283  12.673  1.00 23.28 ? 63   GLN A N   1 
ATOM   537  C CA  . GLN A 1 63  ? 6.025   -0.703  14.060  1.00 26.22 ? 63   GLN A CA  1 
ATOM   538  C C   . GLN A 1 63  ? 4.983   -0.081  14.974  1.00 30.51 ? 63   GLN A C   1 
ATOM   539  O O   . GLN A 1 63  ? 4.573   -0.701  15.945  1.00 31.62 ? 63   GLN A O   1 
ATOM   540  C CB  . GLN A 1 63  ? 7.394   -0.286  14.565  1.00 25.31 ? 63   GLN A CB  1 
ATOM   541  C CG  . GLN A 1 63  ? 8.490   -1.037  13.928  1.00 23.30 ? 63   GLN A CG  1 
ATOM   542  C CD  . GLN A 1 63  ? 9.850   -0.650  14.478  1.00 21.06 ? 63   GLN A CD  1 
ATOM   543  O OE1 . GLN A 1 63  ? 10.067  0.469   14.949  1.00 20.07 ? 63   GLN A OE1 1 
ATOM   544  N NE2 . GLN A 1 63  ? 10.779  -1.571  14.389  1.00 20.47 ? 63   GLN A NE2 1 
ATOM   545  N N   . GLU A 1 64  ? 4.629   1.163   14.671  1.00 35.24 ? 64   GLU A N   1 
ATOM   546  C CA  . GLU A 1 64  ? 3.533   1.900   15.308  1.00 39.70 ? 64   GLU A CA  1 
ATOM   547  C C   . GLU A 1 64  ? 2.279   1.031   15.283  1.00 42.15 ? 64   GLU A C   1 
ATOM   548  O O   . GLU A 1 64  ? 1.530   1.001   16.250  1.00 43.49 ? 64   GLU A O   1 
ATOM   549  C CB  . GLU A 1 64  ? 3.259   3.202   14.534  1.00 39.95 ? 64   GLU A CB  1 
ATOM   550  C CG  . GLU A 1 64  ? 3.272   4.503   15.342  1.00 43.02 ? 64   GLU A CG  1 
ATOM   551  C CD  . GLU A 1 64  ? 2.562   5.645   14.604  1.00 45.48 ? 64   GLU A CD  1 
ATOM   552  O OE1 . GLU A 1 64  ? 1.377   5.467   14.249  1.00 46.59 ? 64   GLU A OE1 1 
ATOM   553  O OE2 . GLU A 1 64  ? 3.184   6.708   14.370  1.00 49.49 ? 64   GLU A OE2 1 
ATOM   554  N N   . SER A 1 65  ? 2.075   0.323   14.167  1.00 45.38 ? 65   SER A N   1 
ATOM   555  C CA  . SER A 1 65  ? 0.897   -0.539  13.954  1.00 47.11 ? 65   SER A CA  1 
ATOM   556  C C   . SER A 1 65  ? 0.814   -1.775  14.872  1.00 48.80 ? 65   SER A C   1 
ATOM   557  O O   . SER A 1 65  ? -0.246  -2.412  14.934  1.00 49.51 ? 65   SER A O   1 
ATOM   558  C CB  A SER A 1 65  ? 0.772   -0.963  12.476  0.50 47.11 ? 65   SER A CB  1 
ATOM   559  C CB  B SER A 1 65  ? 0.773   -0.961  12.468  0.50 47.00 ? 65   SER A CB  1 
ATOM   560  O OG  A SER A 1 65  ? 0.131   0.043   11.711  0.50 47.44 ? 65   SER A OG  1 
ATOM   561  O OG  B SER A 1 65  ? 1.445   -2.180  12.181  0.50 46.21 ? 65   SER A OG  1 
ATOM   562  N N   . VAL A 1 66  ? 1.899   -2.130  15.569  1.00 50.90 ? 66   VAL A N   1 
ATOM   563  C CA  . VAL A 1 66  ? 1.819   -3.171  16.614  1.00 52.37 ? 66   VAL A CA  1 
ATOM   564  C C   . VAL A 1 66  ? 0.904   -2.643  17.726  1.00 53.60 ? 66   VAL A C   1 
ATOM   565  O O   . VAL A 1 66  ? 1.363   -2.022  18.693  1.00 54.07 ? 66   VAL A O   1 
ATOM   566  C CB  . VAL A 1 66  ? 3.206   -3.552  17.223  1.00 52.61 ? 66   VAL A CB  1 
ATOM   567  C CG1 . VAL A 1 66  ? 3.039   -4.624  18.320  1.00 53.44 ? 66   VAL A CG1 1 
ATOM   568  C CG2 . VAL A 1 66  ? 4.162   -4.052  16.159  1.00 52.33 ? 66   VAL A CG2 1 
ATOM   569  N N   . GLY A 1 67  ? -0.397  -2.865  17.565  1.00 54.67 ? 67   GLY A N   1 
ATOM   570  C CA  . GLY A 1 67  ? -1.381  -2.297  18.476  1.00 55.37 ? 67   GLY A CA  1 
ATOM   571  C C   . GLY A 1 67  ? -2.804  -2.694  18.137  1.00 55.88 ? 67   GLY A C   1 
ATOM   572  O O   . GLY A 1 67  ? -3.097  -3.143  17.022  1.00 56.59 ? 67   GLY A O   1 
ATOM   573  N N   . SER A 1 68  ? -3.693  -2.515  19.113  1.00 56.02 ? 68   SER A N   1 
ATOM   574  C CA  . SER A 1 68  ? -5.128  -2.776  18.935  1.00 55.81 ? 68   SER A CA  1 
ATOM   575  C C   . SER A 1 68  ? -5.796  -1.802  17.950  1.00 54.82 ? 68   SER A C   1 
ATOM   576  O O   . SER A 1 68  ? -6.919  -2.056  17.492  1.00 55.29 ? 68   SER A O   1 
ATOM   577  C CB  . SER A 1 68  ? -5.854  -2.721  20.289  1.00 55.87 ? 68   SER A CB  1 
ATOM   578  O OG  . SER A 1 68  ? -5.722  -1.440  20.902  1.00 57.05 ? 68   SER A OG  1 
ATOM   579  N N   . ASP A 1 69  ? -5.115  -0.697  17.634  1.00 53.37 ? 69   ASP A N   1 
ATOM   580  C CA  . ASP A 1 69  ? -5.648  0.304   16.716  1.00 51.93 ? 69   ASP A CA  1 
ATOM   581  C C   . ASP A 1 69  ? -5.773  -0.294  15.295  1.00 49.44 ? 69   ASP A C   1 
ATOM   582  O O   . ASP A 1 69  ? -6.887  -0.471  14.798  1.00 49.78 ? 69   ASP A O   1 
ATOM   583  C CB  . ASP A 1 69  ? -4.763  1.566   16.736  1.00 52.42 ? 69   ASP A CB  1 
ATOM   584  C CG  . ASP A 1 69  ? -5.447  2.792   16.111  1.00 55.12 ? 69   ASP A CG  1 
ATOM   585  O OD1 . ASP A 1 69  ? -6.696  2.795   15.939  1.00 58.13 ? 69   ASP A OD1 1 
ATOM   586  O OD2 . ASP A 1 69  ? -4.727  3.772   15.787  1.00 58.10 ? 69   ASP A OD2 1 
ATOM   587  N N   . TYR A 1 70  ? -4.641  -0.673  14.699  1.00 46.03 ? 70   TYR A N   1 
ATOM   588  C CA  . TYR A 1 70  ? -4.571  -1.032  13.273  1.00 43.51 ? 70   TYR A CA  1 
ATOM   589  C C   . TYR A 1 70  ? -4.605  -2.527  13.013  1.00 39.77 ? 70   TYR A C   1 
ATOM   590  O O   . TYR A 1 70  ? -3.881  -3.291  13.650  1.00 40.00 ? 70   TYR A O   1 
ATOM   591  C CB  . TYR A 1 70  ? -3.276  -0.568  12.672  1.00 43.80 ? 70   TYR A CB  1 
ATOM   592  C CG  . TYR A 1 70  ? -2.907  0.853   12.899  1.00 46.73 ? 70   TYR A CG  1 
ATOM   593  C CD1 . TYR A 1 70  ? -3.177  1.811   11.932  1.00 48.50 ? 70   TYR A CD1 1 
ATOM   594  C CD2 . TYR A 1 70  ? -2.222  1.240   14.056  1.00 48.89 ? 70   TYR A CD2 1 
ATOM   595  C CE1 . TYR A 1 70  ? -2.792  3.126   12.112  1.00 50.38 ? 70   TYR A CE1 1 
ATOM   596  C CE2 . TYR A 1 70  ? -1.822  2.554   14.251  1.00 49.69 ? 70   TYR A CE2 1 
ATOM   597  C CZ  . TYR A 1 70  ? -2.107  3.500   13.275  1.00 50.60 ? 70   TYR A CZ  1 
ATOM   598  O OH  . TYR A 1 70  ? -1.720  4.804   13.473  1.00 50.96 ? 70   TYR A OH  1 
ATOM   599  N N   . GLU A 1 71  ? -5.400  -2.934  12.029  1.00 34.74 ? 71   GLU A N   1 
ATOM   600  C CA  . GLU A 1 71  ? -5.602  -4.341  11.764  1.00 31.43 ? 71   GLU A CA  1 
ATOM   601  C C   . GLU A 1 71  ? -4.952  -4.798  10.459  1.00 27.30 ? 71   GLU A C   1 
ATOM   602  O O   . GLU A 1 71  ? -4.686  -5.965  10.314  1.00 26.33 ? 71   GLU A O   1 
ATOM   603  C CB  A GLU A 1 71  ? -7.097  -4.646  11.774  0.50 31.62 ? 71   GLU A CB  1 
ATOM   604  C CB  B GLU A 1 71  ? -7.090  -4.708  11.786  0.50 31.70 ? 71   GLU A CB  1 
ATOM   605  C CG  A GLU A 1 71  ? -7.822  -4.008  12.961  0.50 32.71 ? 71   GLU A CG  1 
ATOM   606  C CG  B GLU A 1 71  ? -7.644  -4.995  13.192  0.50 33.24 ? 71   GLU A CG  1 
ATOM   607  C CD  A GLU A 1 71  ? -9.225  -4.518  13.139  0.50 34.04 ? 71   GLU A CD  1 
ATOM   608  C CD  B GLU A 1 71  ? -8.480  -6.270  13.245  0.50 34.44 ? 71   GLU A CD  1 
ATOM   609  O OE1 A GLU A 1 71  ? -9.743  -5.189  12.220  0.50 35.76 ? 71   GLU A OE1 1 
ATOM   610  O OE1 B GLU A 1 71  ? -9.488  -6.368  12.508  0.50 36.29 ? 71   GLU A OE1 1 
ATOM   611  O OE2 A GLU A 1 71  ? -9.819  -4.232  14.200  0.50 36.75 ? 71   GLU A OE2 1 
ATOM   612  O OE2 B GLU A 1 71  ? -8.123  -7.180  14.023  0.50 35.89 ? 71   GLU A OE2 1 
ATOM   613  N N   . GLY A 1 72  ? -4.699  -3.887  9.533   1.00 22.50 ? 72   GLY A N   1 
ATOM   614  C CA  . GLY A 1 72  ? -3.965  -4.229  8.306   1.00 20.74 ? 72   GLY A CA  1 
ATOM   615  C C   . GLY A 1 72  ? -3.316  -3.034  7.629   1.00 18.79 ? 72   GLY A C   1 
ATOM   616  O O   . GLY A 1 72  ? -3.671  -1.890  7.891   1.00 17.68 ? 72   GLY A O   1 
ATOM   617  N N   . ILE A 1 73  ? -2.372  -3.332  6.741   1.00 17.42 ? 73   ILE A N   1 
ATOM   618  C CA  . ILE A 1 73  ? -1.658  -2.314  5.975   1.00 17.52 ? 73   ILE A CA  1 
ATOM   619  C C   . ILE A 1 73  ? -1.785  -2.571  4.481   1.00 15.50 ? 73   ILE A C   1 
ATOM   620  O O   . ILE A 1 73  ? -1.610  -3.702  4.029   1.00 16.44 ? 73   ILE A O   1 
ATOM   621  C CB  . ILE A 1 73  ? -0.148  -2.319  6.344   1.00 18.10 ? 73   ILE A CB  1 
ATOM   622  C CG1 . ILE A 1 73  ? 0.019   -2.004  7.821   1.00 19.89 ? 73   ILE A CG1 1 
ATOM   623  C CG2 . ILE A 1 73  ? 0.586   -1.271  5.511   1.00 17.51 ? 73   ILE A CG2 1 
ATOM   624  C CD1 . ILE A 1 73  ? 1.425   -2.227  8.379   1.00 19.50 ? 73   ILE A CD1 1 
ATOM   625  N N   . ILE A 1 74  ? -2.057  -1.517  3.720   1.00 15.26 ? 74   ILE A N   1 
ATOM   626  C CA  . ILE A 1 74  ? -1.894  -1.509  2.272   1.00 14.98 ? 74   ILE A CA  1 
ATOM   627  C C   . ILE A 1 74  ? -0.693  -0.602  1.980   1.00 14.48 ? 74   ILE A C   1 
ATOM   628  O O   . ILE A 1 74  ? -0.647  0.537   2.457   1.00 14.85 ? 74   ILE A O   1 
ATOM   629  C CB  . ILE A 1 74  ? -3.132  -0.943  1.585   1.00 14.92 ? 74   ILE A CB  1 
ATOM   630  C CG1 . ILE A 1 74  ? -4.337  -1.872  1.824   1.00 14.24 ? 74   ILE A CG1 1 
ATOM   631  C CG2 . ILE A 1 74  ? -2.847  -0.727  0.096   1.00 15.86 ? 74   ILE A CG2 1 
ATOM   632  C CD1 . ILE A 1 74  ? -5.704  -1.196  1.470   1.00 16.60 ? 74   ILE A CD1 1 
ATOM   633  N N   . ILE A 1 75  ? 0.315   -1.135  1.294   1.00 13.87 ? 75   ILE A N   1 
ATOM   634  C CA  . ILE A 1 75  ? 1.555   -0.395  1.113   1.00 13.51 ? 75   ILE A CA  1 
ATOM   635  C C   . ILE A 1 75  ? 1.988   -0.359  -0.359  1.00 12.95 ? 75   ILE A C   1 
ATOM   636  O O   . ILE A 1 75  ? 1.966   -1.380  -1.040  1.00 13.06 ? 75   ILE A O   1 
ATOM   637  C CB  . ILE A 1 75  ? 2.709   -0.937  2.042   1.00 13.38 ? 75   ILE A CB  1 
ATOM   638  C CG1 . ILE A 1 75  ? 3.953   -0.031  1.950   1.00 13.98 ? 75   ILE A CG1 1 
ATOM   639  C CG2 . ILE A 1 75  ? 3.053   -2.444  1.774   1.00 13.06 ? 75   ILE A CG2 1 
ATOM   640  C CD1 . ILE A 1 75  ? 4.940   -0.261  3.067   1.00 15.63 ? 75   ILE A CD1 1 
ATOM   641  N N   . ASN A 1 76  ? 2.390   0.817   -0.817  1.00 12.26 ? 76   ASN A N   1 
ATOM   642  C CA  . ASN A 1 76  ? 3.120   0.949   -2.062  1.00 13.33 ? 76   ASN A CA  1 
ATOM   643  C C   . ASN A 1 76  ? 4.470   1.483   -1.663  1.00 12.53 ? 76   ASN A C   1 
ATOM   644  O O   . ASN A 1 76  ? 4.613   2.673   -1.508  1.00 13.43 ? 76   ASN A O   1 
ATOM   645  C CB  . ASN A 1 76  ? 2.426   1.909   -3.031  1.00 13.69 ? 76   ASN A CB  1 
ATOM   646  C CG  . ASN A 1 76  ? 3.143   2.021   -4.358  1.00 13.79 ? 76   ASN A CG  1 
ATOM   647  O OD1 . ASN A 1 76  ? 4.346   1.669   -4.501  1.00 13.60 ? 76   ASN A OD1 1 
ATOM   648  N ND2 . ASN A 1 76  ? 2.425   2.482   -5.352  1.00 13.98 ? 76   ASN A ND2 1 
ATOM   649  N N   . PRO A 1 77  ? 5.494   0.607   -1.562  1.00 13.92 ? 77   PRO A N   1 
ATOM   650  C CA  . PRO A 1 77  ? 6.796   1.104   -1.086  1.00 13.61 ? 77   PRO A CA  1 
ATOM   651  C C   . PRO A 1 77  ? 7.598   1.875   -2.131  1.00 14.31 ? 77   PRO A C   1 
ATOM   652  O O   . PRO A 1 77  ? 8.743   2.237   -1.875  1.00 14.24 ? 77   PRO A O   1 
ATOM   653  C CB  . PRO A 1 77  ? 7.555   -0.168  -0.685  1.00 13.45 ? 77   PRO A CB  1 
ATOM   654  C CG  . PRO A 1 77  ? 6.584   -1.269  -0.726  1.00 15.74 ? 77   PRO A CG  1 
ATOM   655  C CD  . PRO A 1 77  ? 5.474   -0.854  -1.655  1.00 14.79 ? 77   PRO A CD  1 
ATOM   656  N N   . GLY A 1 78  ? 7.033   2.068   -3.317  1.00 14.08 ? 78   GLY A N   1 
ATOM   657  C CA  . GLY A 1 78  ? 7.757   2.729   -4.383  1.00 13.32 ? 78   GLY A CA  1 
ATOM   658  C C   . GLY A 1 78  ? 9.059   1.971   -4.680  1.00 12.81 ? 78   GLY A C   1 
ATOM   659  O O   . GLY A 1 78  ? 9.123   0.734   -4.608  1.00 13.79 ? 78   GLY A O   1 
ATOM   660  N N   . ALA A 1 79  ? 10.111  2.721   -4.931  1.00 13.33 ? 79   ALA A N   1 
ATOM   661  C CA  . ALA A 1 79  ? 11.387  2.154   -5.299  1.00 13.02 ? 79   ALA A CA  1 
ATOM   662  C C   . ALA A 1 79  ? 12.015  1.309   -4.178  1.00 13.04 ? 79   ALA A C   1 
ATOM   663  O O   . ALA A 1 79  ? 12.825  0.408   -4.437  1.00 11.94 ? 79   ALA A O   1 
ATOM   664  C CB  . ALA A 1 79  ? 12.345  3.285   -5.728  1.00 13.82 ? 79   ALA A CB  1 
ATOM   665  N N   . PHE A 1 80  ? 11.621  1.557   -2.934  1.00 12.18 ? 80   PHE A N   1 
ATOM   666  C CA  . PHE A 1 80  ? 12.114  0.753   -1.824  1.00 11.87 ? 80   PHE A CA  1 
ATOM   667  C C   . PHE A 1 80  ? 11.670  -0.725  -1.927  1.00 12.19 ? 80   PHE A C   1 
ATOM   668  O O   . PHE A 1 80  ? 12.236  -1.585  -1.243  1.00 13.64 ? 80   PHE A O   1 
ATOM   669  C CB  . PHE A 1 80  ? 11.621  1.331   -0.479  1.00 11.28 ? 80   PHE A CB  1 
ATOM   670  C CG  . PHE A 1 80  ? 12.156  2.706   -0.143  1.00 11.61 ? 80   PHE A CG  1 
ATOM   671  C CD1 . PHE A 1 80  ? 13.354  3.198   -0.646  1.00 12.45 ? 80   PHE A CD1 1 
ATOM   672  C CD2 . PHE A 1 80  ? 11.475  3.488   0.761   1.00 12.51 ? 80   PHE A CD2 1 
ATOM   673  C CE1 . PHE A 1 80  ? 13.792  4.463   -0.303  1.00 14.94 ? 80   PHE A CE1 1 
ATOM   674  C CE2 . PHE A 1 80  ? 11.931  4.751   1.116   1.00 15.15 ? 80   PHE A CE2 1 
ATOM   675  C CZ  . PHE A 1 80  ? 13.074  5.237   0.600   1.00 13.57 ? 80   PHE A CZ  1 
ATOM   676  N N   . SER A 1 81  ? 10.618  -1.015  -2.713  1.00 12.90 ? 81   SER A N   1 
ATOM   677  C CA  . SER A 1 81  ? 10.207  -2.390  -2.972  1.00 13.37 ? 81   SER A CA  1 
ATOM   678  C C   . SER A 1 81  ? 11.417  -3.219  -3.407  1.00 13.63 ? 81   SER A C   1 
ATOM   679  O O   . SER A 1 81  ? 11.565  -4.377  -3.008  1.00 13.60 ? 81   SER A O   1 
ATOM   680  C CB  . SER A 1 81  ? 9.125   -2.442  -4.058  1.00 14.71 ? 81   SER A CB  1 
ATOM   681  O OG  . SER A 1 81  ? 8.046   -1.545  -3.695  1.00 19.14 ? 81   SER A OG  1 
ATOM   682  N N   . HIS A 1 82  ? 12.257  -2.633  -4.244  1.00 13.13 ? 82   HIS A N   1 
ATOM   683  C CA  . HIS A 1 82  ? 13.307  -3.393  -4.915  1.00 15.25 ? 82   HIS A CA  1 
ATOM   684  C C   . HIS A 1 82  ? 14.590  -3.448  -4.109  1.00 17.10 ? 82   HIS A C   1 
ATOM   685  O O   . HIS A 1 82  ? 15.464  -4.263  -4.417  1.00 19.34 ? 82   HIS A O   1 
ATOM   686  C CB  . HIS A 1 82  ? 13.600  -2.777  -6.282  1.00 15.03 ? 82   HIS A CB  1 
ATOM   687  C CG  . HIS A 1 82  ? 12.359  -2.338  -6.988  1.00 14.46 ? 82   HIS A CG  1 
ATOM   688  N ND1 . HIS A 1 82  ? 11.370  -3.222  -7.355  1.00 15.55 ? 82   HIS A ND1 1 
ATOM   689  C CD2 . HIS A 1 82  ? 11.931  -1.107  -7.351  1.00 16.94 ? 82   HIS A CD2 1 
ATOM   690  C CE1 . HIS A 1 82  ? 10.370  -2.543  -7.906  1.00 18.43 ? 82   HIS A CE1 1 
ATOM   691  N NE2 . HIS A 1 82  ? 10.697  -1.260  -7.929  1.00 14.38 ? 82   HIS A NE2 1 
ATOM   692  N N   . THR A 1 83  ? 14.697  -2.593  -3.108  1.00 17.27 ? 83   THR A N   1 
ATOM   693  C CA  . THR A 1 83  ? 15.958  -2.394  -2.389  1.00 18.18 ? 83   THR A CA  1 
ATOM   694  C C   . THR A 1 83  ? 15.885  -2.706  -0.878  1.00 17.99 ? 83   THR A C   1 
ATOM   695  O O   . THR A 1 83  ? 16.875  -3.199  -0.292  1.00 19.03 ? 83   THR A O   1 
ATOM   696  C CB  . THR A 1 83  ? 16.514  -0.993  -2.622  1.00 17.33 ? 83   THR A CB  1 
ATOM   697  O OG1 . THR A 1 83  ? 15.662  0.031   -2.106  1.00 20.53 ? 83   THR A OG1 1 
ATOM   698  C CG2 . THR A 1 83  ? 16.733  -0.701  -4.154  1.00 20.84 ? 83   THR A CG2 1 
ATOM   699  N N   . SER A 1 84  ? 14.728  -2.483  -0.268  1.00 16.41 ? 84   SER A N   1 
ATOM   700  C CA  . SER A 1 84  ? 14.627  -2.455  1.207   1.00 14.83 ? 84   SER A CA  1 
ATOM   701  C C   . SER A 1 84  ? 14.315  -3.806  1.870   1.00 14.85 ? 84   SER A C   1 
ATOM   702  O O   . SER A 1 84  ? 13.155  -4.176  2.118   1.00 13.90 ? 84   SER A O   1 
ATOM   703  C CB  . SER A 1 84  ? 13.617  -1.416  1.674   1.00 16.18 ? 84   SER A CB  1 
ATOM   704  O OG  . SER A 1 84  ? 13.739  -1.248  3.088   1.00 14.10 ? 84   SER A OG  1 
ATOM   705  N N   . ILE A 1 85  ? 15.386  -4.533  2.190   1.00 13.45 ? 85   ILE A N   1 
ATOM   706  C CA  . ILE A 1 85  ? 15.300  -5.687  3.061   1.00 13.17 ? 85   ILE A CA  1 
ATOM   707  C C   . ILE A 1 85  ? 14.781  -5.273  4.450   1.00 12.94 ? 85   ILE A C   1 
ATOM   708  O O   . ILE A 1 85  ? 14.034  -6.024  5.071   1.00 14.51 ? 85   ILE A O   1 
ATOM   709  C CB  . ILE A 1 85  ? 16.647  -6.462  3.139   1.00 13.85 ? 85   ILE A CB  1 
ATOM   710  C CG1 . ILE A 1 85  ? 17.048  -6.960  1.733   1.00 14.81 ? 85   ILE A CG1 1 
ATOM   711  C CG2 . ILE A 1 85  ? 16.551  -7.617  4.103   1.00 13.40 ? 85   ILE A CG2 1 
ATOM   712  C CD1 . ILE A 1 85  ? 18.529  -7.380  1.614   1.00 15.75 ? 85   ILE A CD1 1 
ATOM   713  N N   . ALA A 1 86  ? 15.133  -4.074  4.907   1.00 12.52 ? 86   ALA A N   1 
ATOM   714  C CA  . ALA A 1 86  ? 14.688  -3.567  6.219   1.00 12.50 ? 86   ALA A CA  1 
ATOM   715  C C   . ALA A 1 86  ? 13.170  -3.433  6.302   1.00 12.39 ? 86   ALA A C   1 
ATOM   716  O O   . ALA A 1 86  ? 12.565  -3.862  7.293   1.00 12.67 ? 86   ALA A O   1 
ATOM   717  C CB  . ALA A 1 86  ? 15.363  -2.234  6.530   1.00 11.98 ? 86   ALA A CB  1 
ATOM   718  N N   . ILE A 1 87  ? 12.566  -2.833  5.280   1.00 12.77 ? 87   ILE A N   1 
ATOM   719  C CA  . ILE A 1 87  ? 11.097  -2.744  5.201   1.00 13.28 ? 87   ILE A CA  1 
ATOM   720  C C   . ILE A 1 87  ? 10.475  -4.131  5.053   1.00 12.91 ? 87   ILE A C   1 
ATOM   721  O O   . ILE A 1 87  ? 9.498   -4.437  5.724   1.00 12.13 ? 87   ILE A O   1 
ATOM   722  C CB  . ILE A 1 87  ? 10.590  -1.766  4.068   1.00 13.14 ? 87   ILE A CB  1 
ATOM   723  C CG1 . ILE A 1 87  ? 10.972  -0.322  4.371   1.00 14.13 ? 87   ILE A CG1 1 
ATOM   724  C CG2 . ILE A 1 87  ? 9.021   -1.852  3.899   1.00 13.73 ? 87   ILE A CG2 1 
ATOM   725  C CD1 . ILE A 1 87  ? 10.759  0.676   3.171   1.00 15.82 ? 87   ILE A CD1 1 
ATOM   726  N N   . ALA A 1 88  ? 11.086  -5.005  4.250   1.00 13.02 ? 88   ALA A N   1 
ATOM   727  C CA  . ALA A 1 88  ? 10.606  -6.380  4.138   1.00 14.37 ? 88   ALA A CA  1 
ATOM   728  C C   . ALA A 1 88  ? 10.588  -7.094  5.479   1.00 14.65 ? 88   ALA A C   1 
ATOM   729  O O   . ALA A 1 88  ? 9.613   -7.765  5.807   1.00 15.01 ? 88   ALA A O   1 
ATOM   730  C CB  . ALA A 1 88  ? 11.426  -7.185  3.091   1.00 14.62 ? 88   ALA A CB  1 
ATOM   731  N N   . ASP A 1 89  ? 11.651  -6.934  6.262   1.00 15.76 ? 89   ASP A N   1 
ATOM   732  C CA  . ASP A 1 89  ? 11.712  -7.494  7.615   1.00 16.01 ? 89   ASP A CA  1 
ATOM   733  C C   . ASP A 1 89  ? 10.616  -6.890  8.518   1.00 15.68 ? 89   ASP A C   1 
ATOM   734  O O   . ASP A 1 89  ? 9.983   -7.622  9.301   1.00 15.62 ? 89   ASP A O   1 
ATOM   735  C CB  . ASP A 1 89  ? 13.107  -7.351  8.229   1.00 17.25 ? 89   ASP A CB  1 
ATOM   736  C CG  . ASP A 1 89  ? 14.117  -8.407  7.687   1.00 19.49 ? 89   ASP A CG  1 
ATOM   737  O OD1 . ASP A 1 89  ? 13.717  -9.371  7.009   1.00 22.94 ? 89   ASP A OD1 1 
ATOM   738  O OD2 . ASP A 1 89  ? 15.323  -8.249  7.937   1.00 26.63 ? 89   ASP A OD2 1 
ATOM   739  N N   . ALA A 1 90  ? 10.395  -5.581  8.435   1.00 15.01 ? 90   ALA A N   1 
ATOM   740  C CA  . ALA A 1 90  ? 9.366   -4.922  9.257   1.00 13.91 ? 90   ALA A CA  1 
ATOM   741  C C   . ALA A 1 90  ? 7.996   -5.498  8.949   1.00 14.94 ? 90   ALA A C   1 
ATOM   742  O O   . ALA A 1 90  ? 7.178   -5.728  9.863   1.00 15.34 ? 90   ALA A O   1 
ATOM   743  C CB  . ALA A 1 90  ? 9.372   -3.406  9.041   1.00 13.54 ? 90   ALA A CB  1 
ATOM   744  N N   . ILE A 1 91  ? 7.750   -5.739  7.663   1.00 15.68 ? 91   ILE A N   1 
ATOM   745  C CA  . ILE A 1 91  ? 6.493   -6.361  7.203   1.00 17.08 ? 91   ILE A CA  1 
ATOM   746  C C   . ILE A 1 91  ? 6.387   -7.761  7.763   1.00 19.23 ? 91   ILE A C   1 
ATOM   747  O O   . ILE A 1 91  ? 5.343   -8.119  8.314   1.00 19.04 ? 91   ILE A O   1 
ATOM   748  C CB  . ILE A 1 91  ? 6.372   -6.350  5.667   1.00 15.97 ? 91   ILE A CB  1 
ATOM   749  C CG1 . ILE A 1 91  ? 6.122   -4.913  5.189   1.00 15.78 ? 91   ILE A CG1 1 
ATOM   750  C CG2 . ILE A 1 91  ? 5.226   -7.314  5.123   1.00 16.91 ? 91   ILE A CG2 1 
ATOM   751  C CD1 . ILE A 1 91  ? 6.360   -4.674  3.686   1.00 13.50 ? 91   ILE A CD1 1 
ATOM   752  N N   . MET A 1 92  ? 7.446   -8.548  7.643   1.00 20.83 ? 92   MET A N   1 
ATOM   753  C CA  . MET A 1 92  ? 7.433   -9.911  8.186   1.00 23.84 ? 92   MET A CA  1 
ATOM   754  C C   . MET A 1 92  ? 7.117   -9.882  9.677   1.00 24.39 ? 92   MET A C   1 
ATOM   755  O O   . MET A 1 92  ? 6.371   -10.708 10.201  1.00 25.12 ? 92   MET A O   1 
ATOM   756  C CB  . MET A 1 92  ? 8.779   -10.603 7.983   1.00 24.31 ? 92   MET A CB  1 
ATOM   757  C CG  . MET A 1 92  ? 9.145   -10.920 6.551   1.00 30.57 ? 92   MET A CG  1 
ATOM   758  S SD  . MET A 1 92  ? 10.786  -11.712 6.392   1.00 41.71 ? 92   MET A SD  1 
ATOM   759  C CE  . MET A 1 92  ? 10.403  -13.311 7.131   1.00 40.42 ? 92   MET A CE  1 
ATOM   760  N N   . LEU A 1 93  ? 7.694   -8.921  10.373  1.00 24.70 ? 93   LEU A N   1 
ATOM   761  C CA  . LEU A 1 93  ? 7.549   -8.836  11.812  1.00 25.39 ? 93   LEU A CA  1 
ATOM   762  C C   . LEU A 1 93  ? 6.233   -8.213  12.271  1.00 26.35 ? 93   LEU A C   1 
ATOM   763  O O   . LEU A 1 93  ? 5.879   -8.329  13.448  1.00 28.40 ? 93   LEU A O   1 
ATOM   764  C CB  . LEU A 1 93  ? 8.715   -8.050  12.383  1.00 25.31 ? 93   LEU A CB  1 
ATOM   765  C CG  . LEU A 1 93  ? 10.066  -8.730  12.172  1.00 24.51 ? 93   LEU A CG  1 
ATOM   766  C CD1 . LEU A 1 93  ? 11.157  -7.671  12.358  1.00 26.02 ? 93   LEU A CD1 1 
ATOM   767  C CD2 . LEU A 1 93  ? 10.230  -9.902  13.133  1.00 26.77 ? 93   LEU A CD2 1 
ATOM   768  N N   . ALA A 1 94  ? 5.486   -7.599  11.359  1.00 27.15 ? 94   ALA A N   1 
ATOM   769  C CA  . ALA A 1 94  ? 4.272   -6.867  11.735  1.00 27.50 ? 94   ALA A CA  1 
ATOM   770  C C   . ALA A 1 94  ? 3.205   -7.803  12.311  1.00 28.40 ? 94   ALA A C   1 
ATOM   771  O O   . ALA A 1 94  ? 2.422   -7.390  13.148  1.00 29.15 ? 94   ALA A O   1 
ATOM   772  C CB  . ALA A 1 94  ? 3.706   -6.079  10.550  1.00 27.24 ? 94   ALA A CB  1 
ATOM   773  N N   . GLY A 1 95  ? 3.157   -9.040  11.846  1.00 29.33 ? 95   GLY A N   1 
ATOM   774  C CA  . GLY A 1 95  ? 2.157   -9.991  12.346  1.00 30.50 ? 95   GLY A CA  1 
ATOM   775  C C   . GLY A 1 95  ? 0.721   -9.549  12.094  1.00 30.42 ? 95   GLY A C   1 
ATOM   776  O O   . GLY A 1 95  ? -0.188  -9.860  12.885  1.00 32.77 ? 95   GLY A O   1 
ATOM   777  N N   . LYS A 1 96  ? 0.507   -8.809  11.010  1.00 28.50 ? 96   LYS A N   1 
ATOM   778  C CA  . LYS A 1 96  ? -0.832  -8.421  10.561  1.00 27.38 ? 96   LYS A CA  1 
ATOM   779  C C   . LYS A 1 96  ? -0.807  -8.452  9.038   1.00 24.83 ? 96   LYS A C   1 
ATOM   780  O O   . LYS A 1 96  ? 0.270   -8.399  8.464   1.00 23.55 ? 96   LYS A O   1 
ATOM   781  C CB  . LYS A 1 96  ? -1.203  -7.039  11.082  1.00 27.74 ? 96   LYS A CB  1 
ATOM   782  C CG  . LYS A 1 96  ? -1.313  -7.029  12.585  1.00 32.56 ? 96   LYS A CG  1 
ATOM   783  C CD  . LYS A 1 96  ? -1.902  -5.781  13.160  1.00 35.80 ? 96   LYS A CD  1 
ATOM   784  C CE  . LYS A 1 96  ? -1.953  -5.896  14.694  1.00 37.56 ? 96   LYS A CE  1 
ATOM   785  N NZ  . LYS A 1 96  ? -2.010  -4.550  15.325  1.00 38.11 ? 96   LYS A NZ  1 
ATOM   786  N N   . PRO A 1 97  ? -1.970  -8.599  8.393   1.00 22.59 ? 97   PRO A N   1 
ATOM   787  C CA  . PRO A 1 97  ? -1.984  -8.652  6.935   1.00 21.62 ? 97   PRO A CA  1 
ATOM   788  C C   . PRO A 1 97  ? -1.435  -7.387  6.283   1.00 19.47 ? 97   PRO A C   1 
ATOM   789  O O   . PRO A 1 97  ? -1.806  -6.272  6.656   1.00 18.60 ? 97   PRO A O   1 
ATOM   790  C CB  . PRO A 1 97  ? -3.474  -8.819  6.573   1.00 21.90 ? 97   PRO A CB  1 
ATOM   791  C CG  . PRO A 1 97  ? -4.179  -9.098  7.822   1.00 23.39 ? 97   PRO A CG  1 
ATOM   792  C CD  . PRO A 1 97  ? -3.318  -8.736  8.977   1.00 22.95 ? 97   PRO A CD  1 
ATOM   793  N N   . VAL A 1 98  ? -0.564  -7.582  5.293   1.00 18.37 ? 98   VAL A N   1 
ATOM   794  C CA  . VAL A 1 98  ? -0.020  -6.479  4.513   1.00 17.12 ? 98   VAL A CA  1 
ATOM   795  C C   . VAL A 1 98  ? -0.192  -6.831  3.040   1.00 16.85 ? 98   VAL A C   1 
ATOM   796  O O   . VAL A 1 98  ? 0.153   -7.962  2.600   1.00 17.64 ? 98   VAL A O   1 
ATOM   797  C CB  . VAL A 1 98  ? 1.486   -6.222  4.842   1.00 17.02 ? 98   VAL A CB  1 
ATOM   798  C CG1 . VAL A 1 98  ? 2.007   -4.994  4.072   1.00 17.54 ? 98   VAL A CG1 1 
ATOM   799  C CG2 . VAL A 1 98  ? 1.684   -6.052  6.350   1.00 15.29 ? 98   VAL A CG2 1 
ATOM   800  N N   . ILE A 1 99  ? -0.705  -5.864  2.289   1.00 15.69 ? 99   ILE A N   1 
ATOM   801  C CA  . ILE A 1 99  ? -0.894  -5.996  0.854   1.00 15.71 ? 99   ILE A CA  1 
ATOM   802  C C   . ILE A 1 99  ? -0.047  -4.943  0.140   1.00 15.01 ? 99   ILE A C   1 
ATOM   803  O O   . ILE A 1 99  ? -0.076  -3.745  0.495   1.00 15.39 ? 99   ILE A O   1 
ATOM   804  C CB  . ILE A 1 99  ? -2.373  -5.773  0.471   1.00 15.63 ? 99   ILE A CB  1 
ATOM   805  C CG1 . ILE A 1 99  ? -3.241  -6.873  1.059   1.00 17.35 ? 99   ILE A CG1 1 
ATOM   806  C CG2 . ILE A 1 99  ? -2.505  -5.726  -1.043  1.00 17.33 ? 99   ILE A CG2 1 
ATOM   807  C CD1 . ILE A 1 99  ? -4.767  -6.610  0.874   1.00 16.96 ? 99   ILE A CD1 1 
ATOM   808  N N   . GLU A 1 100 ? 0.698   -5.375  -0.871  1.00 13.58 ? 100  GLU A N   1 
ATOM   809  C CA  . GLU A 1 100 ? 1.535   -4.468  -1.652  1.00 13.47 ? 100  GLU A CA  1 
ATOM   810  C C   . GLU A 1 100 ? 0.801   -4.102  -2.917  1.00 13.02 ? 100  GLU A C   1 
ATOM   811  O O   . GLU A 1 100 ? 0.278   -4.990  -3.587  1.00 14.68 ? 100  GLU A O   1 
ATOM   812  C CB  . GLU A 1 100 ? 2.886   -5.114  -1.979  1.00 12.80 ? 100  GLU A CB  1 
ATOM   813  C CG  . GLU A 1 100 ? 3.808   -4.245  -2.827  1.00 16.30 ? 100  GLU A CG  1 
ATOM   814  C CD  . GLU A 1 100 ? 5.300   -4.609  -2.696  1.00 17.69 ? 100  GLU A CD  1 
ATOM   815  O OE1 . GLU A 1 100 ? 5.863   -4.533  -1.583  1.00 20.01 ? 100  GLU A OE1 1 
ATOM   816  O OE2 . GLU A 1 100 ? 5.893   -4.982  -3.711  1.00 19.17 ? 100  GLU A OE2 1 
ATOM   817  N N   . VAL A 1 101 ? 0.798   -2.805  -3.236  1.00 12.39 ? 101  VAL A N   1 
ATOM   818  C CA  . VAL A 1 101 ? 0.240   -2.286  -4.447  1.00 13.11 ? 101  VAL A CA  1 
ATOM   819  C C   . VAL A 1 101 ? 1.294   -1.535  -5.238  1.00 14.17 ? 101  VAL A C   1 
ATOM   820  O O   . VAL A 1 101 ? 2.055   -0.741  -4.678  1.00 15.37 ? 101  VAL A O   1 
ATOM   821  C CB  . VAL A 1 101 ? -0.895  -1.292  -4.123  1.00 14.27 ? 101  VAL A CB  1 
ATOM   822  C CG1 . VAL A 1 101 ? -1.362  -0.587  -5.410  1.00 13.88 ? 101  VAL A CG1 1 
ATOM   823  C CG2 . VAL A 1 101 ? -2.055  -1.987  -3.401  1.00 15.57 ? 101  VAL A CG2 1 
ATOM   824  N N   . HIS A 1 102 ? 1.338   -1.776  -6.542  1.00 14.12 ? 102  HIS A N   1 
ATOM   825  C CA  . HIS A 1 102 ? 2.073   -0.930  -7.480  1.00 14.63 ? 102  HIS A CA  1 
ATOM   826  C C   . HIS A 1 102 ? 1.131   -0.445  -8.541  1.00 14.76 ? 102  HIS A C   1 
ATOM   827  O O   . HIS A 1 102 ? 0.277   -1.199  -9.023  1.00 13.63 ? 102  HIS A O   1 
ATOM   828  C CB  . HIS A 1 102 ? 3.201   -1.702  -8.178  1.00 14.39 ? 102  HIS A CB  1 
ATOM   829  C CG  . HIS A 1 102 ? 4.181   -2.242  -7.220  1.00 16.80 ? 102  HIS A CG  1 
ATOM   830  N ND1 . HIS A 1 102 ? 5.120   -1.444  -6.611  1.00 18.06 ? 102  HIS A ND1 1 
ATOM   831  C CD2 . HIS A 1 102 ? 4.303   -3.469  -6.675  1.00 18.06 ? 102  HIS A CD2 1 
ATOM   832  C CE1 . HIS A 1 102 ? 5.821   -2.180  -5.771  1.00 18.40 ? 102  HIS A CE1 1 
ATOM   833  N NE2 . HIS A 1 102 ? 5.343   -3.408  -5.788  1.00 17.64 ? 102  HIS A NE2 1 
ATOM   834  N N   . LEU A 1 103 ? 1.286   0.825   -8.888  1.00 14.73 ? 103  LEU A N   1 
ATOM   835  C CA  . LEU A 1 103 ? 0.523   1.436   -9.976  1.00 15.58 ? 103  LEU A CA  1 
ATOM   836  C C   . LEU A 1 103 ? 0.827   0.750   -11.292 1.00 15.63 ? 103  LEU A C   1 
ATOM   837  O O   . LEU A 1 103 ? -0.096  0.424   -12.076 1.00 15.94 ? 103  LEU A O   1 
ATOM   838  C CB  . LEU A 1 103 ? 0.845   2.939   -10.086 1.00 14.97 ? 103  LEU A CB  1 
ATOM   839  C CG  . LEU A 1 103 ? 0.457   3.802   -8.894  1.00 16.06 ? 103  LEU A CG  1 
ATOM   840  C CD1 . LEU A 1 103 ? 1.176   5.146   -8.985  1.00 16.52 ? 103  LEU A CD1 1 
ATOM   841  C CD2 . LEU A 1 103 ? -1.062  4.021   -8.838  1.00 17.41 ? 103  LEU A CD2 1 
ATOM   842  N N   . THR A 1 104 ? 2.116   0.540   -11.521 1.00 15.96 ? 104  THR A N   1 
ATOM   843  C CA  . THR A 1 104 ? 2.603   -0.087  -12.727 1.00 15.82 ? 104  THR A CA  1 
ATOM   844  C C   . THR A 1 104 ? 2.877   -1.571  -12.544 1.00 15.95 ? 104  THR A C   1 
ATOM   845  O O   . THR A 1 104 ? 2.931   -2.084  -11.423 1.00 14.54 ? 104  THR A O   1 
ATOM   846  C CB  . THR A 1 104 ? 3.867   0.596   -13.276 1.00 16.90 ? 104  THR A CB  1 
ATOM   847  O OG1 . THR A 1 104 ? 4.968   0.461   -12.345 1.00 14.68 ? 104  THR A OG1 1 
ATOM   848  C CG2 . THR A 1 104 ? 3.583   2.096   -13.542 1.00 16.99 ? 104  THR A CG2 1 
ATOM   849  N N   . ASN A 1 105 ? 2.990   -2.246  -13.683 1.00 14.94 ? 105  ASN A N   1 
ATOM   850  C CA  . ASN A 1 105 ? 3.357   -3.621  -13.730 1.00 16.15 ? 105  ASN A CA  1 
ATOM   851  C C   . ASN A 1 105 ? 4.874   -3.729  -13.671 1.00 16.04 ? 105  ASN A C   1 
ATOM   852  O O   . ASN A 1 105 ? 5.563   -3.571  -14.679 1.00 16.06 ? 105  ASN A O   1 
ATOM   853  C CB  . ASN A 1 105 ? 2.799   -4.293  -15.004 1.00 16.23 ? 105  ASN A CB  1 
ATOM   854  C CG  . ASN A 1 105 ? 2.990   -5.782  -14.997 1.00 18.63 ? 105  ASN A CG  1 
ATOM   855  O OD1 . ASN A 1 105 ? 3.792   -6.307  -14.220 1.00 18.38 ? 105  ASN A OD1 1 
ATOM   856  N ND2 . ASN A 1 105 ? 2.249   -6.493  -15.871 1.00 17.15 ? 105  ASN A ND2 1 
ATOM   857  N N   . ILE A 1 106 ? 5.379   -4.030  -12.479 1.00 15.29 ? 106  ILE A N   1 
ATOM   858  C CA  . ILE A 1 106 ? 6.807   -4.118  -12.261 1.00 17.27 ? 106  ILE A CA  1 
ATOM   859  C C   . ILE A 1 106 ? 7.474   -5.343  -12.846 1.00 17.81 ? 106  ILE A C   1 
ATOM   860  O O   . ILE A 1 106 ? 8.685   -5.465  -12.738 1.00 20.53 ? 106  ILE A O   1 
ATOM   861  C CB  . ILE A 1 106 ? 7.221   -3.940  -10.767 1.00 16.33 ? 106  ILE A CB  1 
ATOM   862  C CG1 . ILE A 1 106 ? 6.636   -5.054  -9.880  1.00 18.80 ? 106  ILE A CG1 1 
ATOM   863  C CG2 . ILE A 1 106 ? 6.835   -2.550  -10.345 1.00 18.72 ? 106  ILE A CG2 1 
ATOM   864  C CD1 . ILE A 1 106 ? 7.335   -5.157  -8.488  1.00 22.53 ? 106  ILE A CD1 1 
ATOM   865  N N   . GLN A 1 107 ? 6.688   -6.247  -13.433 1.00 19.09 ? 107  GLN A N   1 
ATOM   866  C CA  . GLN A 1 107 ? 7.227   -7.319  -14.286 1.00 19.39 ? 107  GLN A CA  1 
ATOM   867  C C   . GLN A 1 107 ? 7.525   -6.861  -15.707 1.00 19.55 ? 107  GLN A C   1 
ATOM   868  O O   . GLN A 1 107 ? 8.202   -7.560  -16.441 1.00 19.49 ? 107  GLN A O   1 
ATOM   869  C CB  . GLN A 1 107 ? 6.256   -8.499  -14.338 1.00 19.97 ? 107  GLN A CB  1 
ATOM   870  C CG  . GLN A 1 107 ? 6.038   -9.160  -12.979 1.00 22.98 ? 107  GLN A CG  1 
ATOM   871  C CD  . GLN A 1 107 ? 5.039   -10.298 -13.018 1.00 28.67 ? 107  GLN A CD  1 
ATOM   872  O OE1 . GLN A 1 107 ? 4.579   -10.695 -14.097 1.00 32.37 ? 107  GLN A OE1 1 
ATOM   873  N NE2 . GLN A 1 107 ? 4.697   -10.845 -11.838 1.00 27.69 ? 107  GLN A NE2 1 
ATOM   874  N N   . ALA A 1 108 ? 7.008   -5.701  -16.097 1.00 18.45 ? 108  ALA A N   1 
ATOM   875  C CA  . ALA A 1 108 ? 7.041   -5.247  -17.487 1.00 19.17 ? 108  ALA A CA  1 
ATOM   876  C C   . ALA A 1 108 ? 7.900   -3.995  -17.677 1.00 19.21 ? 108  ALA A C   1 
ATOM   877  O O   . ALA A 1 108 ? 7.733   -3.274  -18.636 1.00 19.83 ? 108  ALA A O   1 
ATOM   878  C CB  . ALA A 1 108 ? 5.609   -4.982  -17.960 1.00 18.19 ? 108  ALA A CB  1 
ATOM   879  N N   . ARG A 1 109 ? 8.792   -3.709  -16.738 1.00 18.36 ? 109  ARG A N   1 
ATOM   880  C CA  . ARG A 1 109 ? 9.640   -2.533  -16.843 1.00 18.66 ? 109  ARG A CA  1 
ATOM   881  C C   . ARG A 1 109 ? 11.138  -2.902  -16.831 1.00 19.44 ? 109  ARG A C   1 
ATOM   882  O O   . ARG A 1 109 ? 11.533  -3.964  -17.343 1.00 18.41 ? 109  ARG A O   1 
ATOM   883  C CB  . ARG A 1 109 ? 9.237   -1.533  -15.733 1.00 18.21 ? 109  ARG A CB  1 
ATOM   884  C CG  . ARG A 1 109 ? 7.798   -1.084  -15.862 1.00 18.31 ? 109  ARG A CG  1 
ATOM   885  C CD  . ARG A 1 109 ? 7.401   -0.088  -14.773 1.00 19.36 ? 109  ARG A CD  1 
ATOM   886  N NE  . ARG A 1 109 ? 8.183   1.139   -14.856 1.00 19.82 ? 109  ARG A NE  1 
ATOM   887  C CZ  . ARG A 1 109 ? 8.142   2.123   -13.966 1.00 19.45 ? 109  ARG A CZ  1 
ATOM   888  N NH1 . ARG A 1 109 ? 7.366   2.038   -12.902 1.00 19.83 ? 109  ARG A NH1 1 
ATOM   889  N NH2 . ARG A 1 109 ? 8.902   3.208   -14.142 1.00 21.64 ? 109  ARG A NH2 1 
ATOM   890  N N   . GLU A 1 110 ? 11.978  -2.037  -16.262 1.00 19.01 ? 110  GLU A N   1 
ATOM   891  C CA  . GLU A 1 110 ? 13.409  -2.329  -16.188 1.00 19.41 ? 110  GLU A CA  1 
ATOM   892  C C   . GLU A 1 110 ? 13.662  -3.585  -15.354 1.00 18.85 ? 110  GLU A C   1 
ATOM   893  O O   . GLU A 1 110 ? 12.928  -3.899  -14.397 1.00 17.50 ? 110  GLU A O   1 
ATOM   894  C CB  . GLU A 1 110 ? 14.187  -1.141  -15.583 1.00 20.06 ? 110  GLU A CB  1 
ATOM   895  C CG  . GLU A 1 110 ? 14.052  0.229   -16.306 1.00 21.96 ? 110  GLU A CG  1 
ATOM   896  C CD  . GLU A 1 110 ? 12.985  1.107   -15.689 1.00 25.65 ? 110  GLU A CD  1 
ATOM   897  O OE1 . GLU A 1 110 ? 11.937  0.557   -15.299 1.00 23.60 ? 110  GLU A OE1 1 
ATOM   898  O OE2 . GLU A 1 110 ? 13.175  2.353   -15.575 1.00 27.82 ? 110  GLU A OE2 1 
ATOM   899  N N   . GLU A 1 111 ? 14.756  -4.280  -15.664 1.00 19.06 ? 111  GLU A N   1 
ATOM   900  C CA  . GLU A 1 111 ? 15.106  -5.487  -14.930 1.00 18.92 ? 111  GLU A CA  1 
ATOM   901  C C   . GLU A 1 111 ? 15.240  -5.212  -13.430 1.00 18.64 ? 111  GLU A C   1 
ATOM   902  O O   . GLU A 1 111 ? 14.912  -6.061  -12.623 1.00 16.84 ? 111  GLU A O   1 
ATOM   903  C CB  A GLU A 1 111 ? 16.397  -6.098  -15.492 0.50 19.73 ? 111  GLU A CB  1 
ATOM   904  C CB  B GLU A 1 111 ? 16.420  -6.089  -15.442 0.50 19.80 ? 111  GLU A CB  1 
ATOM   905  C CG  A GLU A 1 111 ? 16.359  -6.446  -17.006 0.50 20.98 ? 111  GLU A CG  1 
ATOM   906  C CG  B GLU A 1 111 ? 16.851  -7.404  -14.740 0.50 21.40 ? 111  GLU A CG  1 
ATOM   907  C CD  A GLU A 1 111 ? 15.277  -7.445  -17.396 0.50 24.53 ? 111  GLU A CD  1 
ATOM   908  C CD  B GLU A 1 111 ? 16.061  -8.623  -15.190 0.50 25.26 ? 111  GLU A CD  1 
ATOM   909  O OE1 A GLU A 1 111 ? 15.099  -8.446  -16.666 0.50 27.36 ? 111  GLU A OE1 1 
ATOM   910  O OE1 B GLU A 1 111 ? 15.237  -8.482  -16.108 0.50 26.05 ? 111  GLU A OE1 1 
ATOM   911  O OE2 A GLU A 1 111 ? 14.619  -7.237  -18.447 0.50 22.07 ? 111  GLU A OE2 1 
ATOM   912  O OE2 B GLU A 1 111 ? 16.274  -9.726  -14.633 0.50 25.38 ? 111  GLU A OE2 1 
ATOM   913  N N   . PHE A 1 112 ? 15.729  -4.028  -13.066 1.00 18.48 ? 112  PHE A N   1 
ATOM   914  C CA  . PHE A 1 112 ? 15.970  -3.721  -11.664 1.00 18.37 ? 112  PHE A CA  1 
ATOM   915  C C   . PHE A 1 112 ? 14.670  -3.539  -10.849 1.00 17.79 ? 112  PHE A C   1 
ATOM   916  O O   . PHE A 1 112 ? 14.729  -3.509  -9.609  1.00 18.69 ? 112  PHE A O   1 
ATOM   917  C CB  . PHE A 1 112 ? 16.951  -2.537  -11.502 1.00 18.17 ? 112  PHE A CB  1 
ATOM   918  C CG  . PHE A 1 112 ? 16.450  -1.218  -12.024 1.00 19.13 ? 112  PHE A CG  1 
ATOM   919  C CD1 . PHE A 1 112 ? 15.402  -0.562  -11.418 1.00 19.43 ? 112  PHE A CD1 1 
ATOM   920  C CD2 . PHE A 1 112 ? 17.075  -0.597  -13.109 1.00 20.49 ? 112  PHE A CD2 1 
ATOM   921  C CE1 . PHE A 1 112 ? 14.968  0.650   -11.885 1.00 20.51 ? 112  PHE A CE1 1 
ATOM   922  C CE2 . PHE A 1 112 ? 16.650  0.628   -13.568 1.00 21.63 ? 112  PHE A CE2 1 
ATOM   923  C CZ  . PHE A 1 112 ? 15.576  1.256   -12.954 1.00 20.82 ? 112  PHE A CZ  1 
ATOM   924  N N   . ARG A 1 113 ? 13.521  -3.434  -11.515 1.00 15.92 ? 113  ARG A N   1 
ATOM   925  C CA  . ARG A 1 113 ? 12.237  -3.359  -10.798 1.00 17.14 ? 113  ARG A CA  1 
ATOM   926  C C   . ARG A 1 113 ? 11.566  -4.686  -10.557 1.00 15.86 ? 113  ARG A C   1 
ATOM   927  O O   . ARG A 1 113 ? 10.562  -4.753  -9.851  1.00 17.16 ? 113  ARG A O   1 
ATOM   928  C CB  . ARG A 1 113 ? 11.249  -2.426  -11.503 1.00 16.66 ? 113  ARG A CB  1 
ATOM   929  C CG  . ARG A 1 113 ? 11.761  -1.025  -11.642 1.00 16.79 ? 113  ARG A CG  1 
ATOM   930  C CD  . ARG A 1 113 ? 10.672  -0.069  -12.126 1.00 17.91 ? 113  ARG A CD  1 
ATOM   931  N NE  . ARG A 1 113 ? 11.321  1.135   -12.648 1.00 20.57 ? 113  ARG A NE  1 
ATOM   932  C CZ  . ARG A 1 113 ? 11.635  2.213   -11.934 1.00 20.29 ? 113  ARG A CZ  1 
ATOM   933  N NH1 . ARG A 1 113 ? 11.330  2.315   -10.645 1.00 19.08 ? 113  ARG A NH1 1 
ATOM   934  N NH2 . ARG A 1 113 ? 12.258  3.200   -12.542 1.00 21.55 ? 113  ARG A NH2 1 
ATOM   935  N N   . LYS A 1 114 ? 12.132  -5.751  -11.093 1.00 16.96 ? 114  LYS A N   1 
ATOM   936  C CA  . LYS A 1 114 ? 11.467  -7.043  -11.023 1.00 17.56 ? 114  LYS A CA  1 
ATOM   937  C C   . LYS A 1 114 ? 11.546  -7.625  -9.595  1.00 18.28 ? 114  LYS A C   1 
ATOM   938  O O   . LYS A 1 114 ? 10.614  -8.266  -9.147  1.00 18.34 ? 114  LYS A O   1 
ATOM   939  C CB  . LYS A 1 114 ? 12.081  -8.005  -12.039 1.00 18.62 ? 114  LYS A CB  1 
ATOM   940  C CG  . LYS A 1 114 ? 11.781  -7.630  -13.449 1.00 20.24 ? 114  LYS A CG  1 
ATOM   941  C CD  . LYS A 1 114 ? 12.326  -8.650  -14.420 1.00 22.82 ? 114  LYS A CD  1 
ATOM   942  C CE  . LYS A 1 114 ? 11.709  -8.465  -15.796 1.00 24.48 ? 114  LYS A CE  1 
ATOM   943  N NZ  . LYS A 1 114 ? 12.155  -9.612  -16.663 1.00 27.85 ? 114  LYS A NZ  1 
ATOM   944  N N   . ASN A 1 115 ? 12.639  -7.378  -8.892  1.00 18.20 ? 115  ASN A N   1 
ATOM   945  C CA  . ASN A 1 115 ? 12.775  -7.930  -7.540  1.00 19.71 ? 115  ASN A CA  1 
ATOM   946  C C   . ASN A 1 115 ? 11.909  -7.076  -6.611  1.00 18.43 ? 115  ASN A C   1 
ATOM   947  O O   . ASN A 1 115 ? 11.958  -5.862  -6.705  1.00 18.88 ? 115  ASN A O   1 
ATOM   948  C CB  . ASN A 1 115 ? 14.230  -7.903  -7.066  1.00 20.16 ? 115  ASN A CB  1 
ATOM   949  C CG  . ASN A 1 115 ? 14.359  -8.410  -5.651  1.00 23.31 ? 115  ASN A CG  1 
ATOM   950  O OD1 . ASN A 1 115 ? 13.988  -9.549  -5.355  1.00 23.95 ? 115  ASN A OD1 1 
ATOM   951  N ND2 . ASN A 1 115 ? 14.757  -7.536  -4.756  1.00 23.49 ? 115  ASN A ND2 1 
ATOM   952  N N   . SER A 1 116 ? 11.097  -7.693  -5.762  1.00 17.75 ? 116  SER A N   1 
ATOM   953  C CA  . SER A 1 116 ? 10.429  -6.954  -4.687  1.00 16.71 ? 116  SER A CA  1 
ATOM   954  C C   . SER A 1 116 ? 10.613  -7.692  -3.378  1.00 15.87 ? 116  SER A C   1 
ATOM   955  O O   . SER A 1 116 ? 9.896   -8.648  -3.073  1.00 15.35 ? 116  SER A O   1 
ATOM   956  C CB  . SER A 1 116 ? 8.946   -6.723  -4.952  1.00 18.03 ? 116  SER A CB  1 
ATOM   957  O OG  . SER A 1 116 ? 8.392   -5.938  -3.901  1.00 16.65 ? 116  SER A OG  1 
ATOM   958  N N   . TYR A 1 117 ? 11.603  -7.267  -2.608  1.00 15.06 ? 117  TYR A N   1 
ATOM   959  C CA  . TYR A 1 117 ? 11.801  -7.833  -1.289  1.00 14.55 ? 117  TYR A CA  1 
ATOM   960  C C   . TYR A 1 117 ? 10.530  -7.658  -0.461  1.00 13.73 ? 117  TYR A C   1 
ATOM   961  O O   . TYR A 1 117 ? 10.142  -8.544  0.294   1.00 13.51 ? 117  TYR A O   1 
ATOM   962  C CB  . TYR A 1 117 ? 12.939  -7.139  -0.552  1.00 14.31 ? 117  TYR A CB  1 
ATOM   963  C CG  . TYR A 1 117 ? 14.328  -7.364  -1.106  1.00 16.45 ? 117  TYR A CG  1 
ATOM   964  C CD1 . TYR A 1 117 ? 14.878  -8.634  -1.163  1.00 19.90 ? 117  TYR A CD1 1 
ATOM   965  C CD2 . TYR A 1 117 ? 15.118  -6.285  -1.510  1.00 20.45 ? 117  TYR A CD2 1 
ATOM   966  C CE1 . TYR A 1 117 ? 16.184  -8.831  -1.633  1.00 21.04 ? 117  TYR A CE1 1 
ATOM   967  C CE2 . TYR A 1 117 ? 16.423  -6.479  -1.987  1.00 21.45 ? 117  TYR A CE2 1 
ATOM   968  C CZ  . TYR A 1 117 ? 16.947  -7.756  -2.024  1.00 23.07 ? 117  TYR A CZ  1 
ATOM   969  O OH  . TYR A 1 117 ? 18.232  -7.955  -2.488  1.00 25.06 ? 117  TYR A OH  1 
ATOM   970  N N   . THR A 1 118 ? 9.923   -6.484  -0.546  1.00 13.38 ? 118  THR A N   1 
ATOM   971  C CA  . THR A 1 118 ? 8.735   -6.172  0.267   1.00 13.38 ? 118  THR A CA  1 
ATOM   972  C C   . THR A 1 118 ? 7.540   -7.024  -0.165  1.00 14.52 ? 118  THR A C   1 
ATOM   973  O O   . THR A 1 118 ? 6.826   -7.539  0.668   1.00 14.83 ? 118  THR A O   1 
ATOM   974  C CB  . THR A 1 118 ? 8.404   -4.675  0.238   1.00 13.20 ? 118  THR A CB  1 
ATOM   975  O OG1 . THR A 1 118 ? 8.256   -4.222  -1.108  1.00 11.46 ? 118  THR A OG1 1 
ATOM   976  C CG2 . THR A 1 118 ? 9.570   -3.897  0.886   1.00 13.67 ? 118  THR A CG2 1 
ATOM   977  N N   . GLY A 1 119 ? 7.369   -7.192  -1.471  1.00 15.10 ? 119  GLY A N   1 
ATOM   978  C CA  . GLY A 1 119 ? 6.271   -7.977  -2.009  1.00 15.19 ? 119  GLY A CA  1 
ATOM   979  C C   . GLY A 1 119 ? 6.334   -9.434  -1.602  1.00 15.68 ? 119  GLY A C   1 
ATOM   980  O O   . GLY A 1 119 ? 5.289   -10.025 -1.280  1.00 16.06 ? 119  GLY A O   1 
ATOM   981  N N   . ALA A 1 120 ? 7.559   -9.975  -1.526  1.00 15.36 ? 120  ALA A N   1 
ATOM   982  C CA  . ALA A 1 120 ? 7.790   -11.336 -1.097  1.00 15.42 ? 120  ALA A CA  1 
ATOM   983  C C   . ALA A 1 120 ? 7.374   -11.540 0.362   1.00 15.97 ? 120  ALA A C   1 
ATOM   984  O O   . ALA A 1 120 ? 7.038   -12.640 0.750   1.00 16.95 ? 120  ALA A O   1 
ATOM   985  C CB  . ALA A 1 120 ? 9.315   -11.738 -1.312  1.00 15.17 ? 120  ALA A CB  1 
ATOM   986  N N   . ALA A 1 121 ? 7.425   -10.468 1.155   1.00 15.18 ? 121  ALA A N   1 
ATOM   987  C CA  . ALA A 1 121 ? 7.074   -10.469 2.580   1.00 15.85 ? 121  ALA A CA  1 
ATOM   988  C C   . ALA A 1 121 ? 5.578   -10.279 2.815   1.00 16.17 ? 121  ALA A C   1 
ATOM   989  O O   . ALA A 1 121 ? 5.049   -10.663 3.855   1.00 15.89 ? 121  ALA A O   1 
ATOM   990  C CB  . ALA A 1 121 ? 7.847   -9.324  3.322   1.00 15.32 ? 121  ALA A CB  1 
ATOM   991  N N   . CYS A 1 122 ? 4.911   -9.663  1.844   1.00 16.99 ? 122  CYS A N   1 
ATOM   992  C CA  . CYS A 1 122 ? 3.470   -9.420  1.890   1.00 18.24 ? 122  CYS A CA  1 
ATOM   993  C C   . CYS A 1 122 ? 2.653   -10.676 1.604   1.00 18.10 ? 122  CYS A C   1 
ATOM   994  O O   . CYS A 1 122 ? 3.096   -11.612 0.897   1.00 18.31 ? 122  CYS A O   1 
ATOM   995  C CB  . CYS A 1 122 ? 3.098   -8.309  0.898   1.00 16.95 ? 122  CYS A CB  1 
ATOM   996  S SG  . CYS A 1 122 ? 3.684   -6.683  1.389   1.00 19.44 ? 122  CYS A SG  1 
ATOM   997  N N   . GLY A 1 123 ? 1.446   -10.721 2.149   1.00 18.47 ? 123  GLY A N   1 
ATOM   998  C CA  . GLY A 1 123 ? 0.507   -11.814 1.792   1.00 19.05 ? 123  GLY A CA  1 
ATOM   999  C C   . GLY A 1 123 ? 0.162   -11.849 0.305   1.00 19.44 ? 123  GLY A C   1 
ATOM   1000 O O   . GLY A 1 123 ? 0.164   -12.920 -0.351  1.00 21.79 ? 123  GLY A O   1 
ATOM   1001 N N   . GLY A 1 124 ? -0.091  -10.681 -0.242  1.00 17.13 ? 124  GLY A N   1 
ATOM   1002 C CA  . GLY A 1 124 ? -0.460  -10.557 -1.622  1.00 16.21 ? 124  GLY A CA  1 
ATOM   1003 C C   . GLY A 1 124 ? 0.083   -9.309  -2.245  1.00 14.65 ? 124  GLY A C   1 
ATOM   1004 O O   . GLY A 1 124 ? 0.457   -8.356  -1.549  1.00 14.18 ? 124  GLY A O   1 
ATOM   1005 N N   . VAL A 1 125 ? 0.080   -9.313  -3.572  1.00 13.86 ? 125  VAL A N   1 
ATOM   1006 C CA  . VAL A 1 125 ? 0.591   -8.205  -4.370  1.00 12.33 ? 125  VAL A CA  1 
ATOM   1007 C C   . VAL A 1 125 ? -0.365  -7.918  -5.524  1.00 12.14 ? 125  VAL A C   1 
ATOM   1008 O O   . VAL A 1 125 ? -0.796  -8.826  -6.206  1.00 12.99 ? 125  VAL A O   1 
ATOM   1009 C CB  . VAL A 1 125 ? 2.021   -8.474  -4.947  1.00 13.21 ? 125  VAL A CB  1 
ATOM   1010 C CG1 . VAL A 1 125 ? 2.532   -7.226  -5.733  1.00 14.56 ? 125  VAL A CG1 1 
ATOM   1011 C CG2 . VAL A 1 125 ? 3.011   -8.876  -3.830  1.00 13.93 ? 125  VAL A CG2 1 
ATOM   1012 N N   . ILE A 1 126 ? -0.593  -6.641  -5.787  1.00 12.12 ? 126  ILE A N   1 
ATOM   1013 C CA  . ILE A 1 126 ? -1.422  -6.151  -6.868  1.00 12.10 ? 126  ILE A CA  1 
ATOM   1014 C C   . ILE A 1 126 ? -0.588  -5.167  -7.654  1.00 13.02 ? 126  ILE A C   1 
ATOM   1015 O O   . ILE A 1 126 ? -0.017  -4.225  -7.076  1.00 14.26 ? 126  ILE A O   1 
ATOM   1016 C CB  . ILE A 1 126 ? -2.663  -5.417  -6.301  1.00 12.63 ? 126  ILE A CB  1 
ATOM   1017 C CG1 . ILE A 1 126 ? -3.556  -6.347  -5.492  1.00 14.06 ? 126  ILE A CG1 1 
ATOM   1018 C CG2 . ILE A 1 126 ? -3.471  -4.698  -7.405  1.00 13.27 ? 126  ILE A CG2 1 
ATOM   1019 C CD1 . ILE A 1 126 ? -4.386  -5.593  -4.411  1.00 15.39 ? 126  ILE A CD1 1 
ATOM   1020 N N   . MET A 1 127 ? -0.487  -5.362  -8.964  1.00 12.42 ? 127  MET A N   1 
ATOM   1021 C CA  . MET A 1 127 ? 0.288   -4.426  -9.788  1.00 13.47 ? 127  MET A CA  1 
ATOM   1022 C C   . MET A 1 127 ? -0.304  -4.201  -11.179 1.00 13.61 ? 127  MET A C   1 
ATOM   1023 O O   . MET A 1 127 ? -0.833  -5.108  -11.770 1.00 13.17 ? 127  MET A O   1 
ATOM   1024 C CB  . MET A 1 127 ? 1.728   -4.920  -9.948  1.00 13.59 ? 127  MET A CB  1 
ATOM   1025 C CG  . MET A 1 127 ? 1.872   -6.252  -10.629 1.00 13.38 ? 127  MET A CG  1 
ATOM   1026 S SD  . MET A 1 127 ? 3.565   -6.890  -10.871 1.00 18.14 ? 127  MET A SD  1 
ATOM   1027 C CE  . MET A 1 127 ? 3.956   -7.329  -9.208  1.00 16.87 ? 127  MET A CE  1 
ATOM   1028 N N   . GLY A 1 128 ? -0.227  -2.966  -11.645 1.00 13.05 ? 128  GLY A N   1 
ATOM   1029 C CA  . GLY A 1 128 ? -0.500  -2.637  -13.022 1.00 15.05 ? 128  GLY A CA  1 
ATOM   1030 C C   . GLY A 1 128 ? -1.895  -2.089  -13.289 1.00 15.84 ? 128  GLY A C   1 
ATOM   1031 O O   . GLY A 1 128 ? -2.252  -1.912  -14.445 1.00 18.02 ? 128  GLY A O   1 
ATOM   1032 N N   . PHE A 1 129 ? -2.664  -1.832  -12.245 1.00 16.58 ? 129  PHE A N   1 
ATOM   1033 C CA  . PHE A 1 129 ? -4.051  -1.331  -12.389 1.00 17.33 ? 129  PHE A CA  1 
ATOM   1034 C C   . PHE A 1 129 ? -4.196  0.155   -12.140 1.00 18.73 ? 129  PHE A C   1 
ATOM   1035 O O   . PHE A 1 129 ? -5.326  0.663   -12.066 1.00 19.82 ? 129  PHE A O   1 
ATOM   1036 C CB  . PHE A 1 129 ? -4.963  -2.072  -11.415 1.00 17.16 ? 129  PHE A CB  1 
ATOM   1037 C CG  . PHE A 1 129 ? -4.954  -3.543  -11.629 1.00 16.76 ? 129  PHE A CG  1 
ATOM   1038 C CD1 . PHE A 1 129 ? -4.081  -4.352  -10.932 1.00 15.85 ? 129  PHE A CD1 1 
ATOM   1039 C CD2 . PHE A 1 129 ? -5.747  -4.114  -12.619 1.00 19.57 ? 129  PHE A CD2 1 
ATOM   1040 C CE1 . PHE A 1 129 ? -4.058  -5.716  -11.162 1.00 15.77 ? 129  PHE A CE1 1 
ATOM   1041 C CE2 . PHE A 1 129 ? -5.724  -5.462  -12.852 1.00 17.57 ? 129  PHE A CE2 1 
ATOM   1042 C CZ  . PHE A 1 129 ? -4.882  -6.272  -12.133 1.00 17.13 ? 129  PHE A CZ  1 
ATOM   1043 N N   . GLY A 1 130 ? -3.079  0.864   -12.001 1.00 18.75 ? 130  GLY A N   1 
ATOM   1044 C CA  . GLY A 1 130 ? -3.116  2.261   -11.591 1.00 17.98 ? 130  GLY A CA  1 
ATOM   1045 C C   . GLY A 1 130 ? -3.846  2.423   -10.275 1.00 18.57 ? 130  GLY A C   1 
ATOM   1046 O O   . GLY A 1 130 ? -3.869  1.505   -9.415  1.00 18.69 ? 130  GLY A O   1 
ATOM   1047 N N   . PRO A 1 131 ? -4.530  3.566   -10.104 1.00 18.73 ? 131  PRO A N   1 
ATOM   1048 C CA  . PRO A 1 131 ? -5.156  3.884   -8.842  1.00 19.00 ? 131  PRO A CA  1 
ATOM   1049 C C   . PRO A 1 131 ? -6.165  2.842   -8.373  1.00 18.58 ? 131  PRO A C   1 
ATOM   1050 O O   . PRO A 1 131 ? -6.345  2.635   -7.174  1.00 19.33 ? 131  PRO A O   1 
ATOM   1051 C CB  . PRO A 1 131 ? -5.847  5.235   -9.161  1.00 19.22 ? 131  PRO A CB  1 
ATOM   1052 C CG  . PRO A 1 131 ? -4.935  5.863   -10.022 1.00 19.74 ? 131  PRO A CG  1 
ATOM   1053 C CD  . PRO A 1 131 ? -4.453  4.770   -10.961 1.00 19.37 ? 131  PRO A CD  1 
ATOM   1054 N N   . LEU A 1 132 ? -6.815  2.187   -9.321  1.00 19.35 ? 132  LEU A N   1 
ATOM   1055 C CA  . LEU A 1 132 ? -7.764  1.121   -9.031  1.00 19.17 ? 132  LEU A CA  1 
ATOM   1056 C C   . LEU A 1 132 ? -7.166  0.026   -8.167  1.00 18.81 ? 132  LEU A C   1 
ATOM   1057 O O   . LEU A 1 132 ? -7.862  -0.592  -7.359  1.00 18.01 ? 132  LEU A O   1 
ATOM   1058 C CB  . LEU A 1 132 ? -8.277  0.514   -10.345 1.00 20.01 ? 132  LEU A CB  1 
ATOM   1059 C CG  . LEU A 1 132 ? -9.303  -0.610  -10.209 1.00 20.91 ? 132  LEU A CG  1 
ATOM   1060 C CD1 . LEU A 1 132 ? -10.586 -0.079  -9.573  1.00 24.77 ? 132  LEU A CD1 1 
ATOM   1061 C CD2 . LEU A 1 132 ? -9.565  -1.263  -11.558 1.00 22.75 ? 132  LEU A CD2 1 
ATOM   1062 N N   . GLY A 1 133 ? -5.862  -0.209  -8.299  1.00 18.50 ? 133  GLY A N   1 
ATOM   1063 C CA  . GLY A 1 133 ? -5.212  -1.177  -7.429  1.00 17.51 ? 133  GLY A CA  1 
ATOM   1064 C C   . GLY A 1 133 ? -5.428  -0.988  -5.947  1.00 17.42 ? 133  GLY A C   1 
ATOM   1065 O O   . GLY A 1 133 ? -5.491  -1.948  -5.188  1.00 16.98 ? 133  GLY A O   1 
ATOM   1066 N N   . TYR A 1 134 ? -5.525  0.257   -5.518  1.00 16.88 ? 134  TYR A N   1 
ATOM   1067 C CA  . TYR A 1 134 ? -5.730  0.549   -4.107  1.00 17.21 ? 134  TYR A CA  1 
ATOM   1068 C C   . TYR A 1 134 ? -7.129  0.147   -3.636  1.00 17.62 ? 134  TYR A C   1 
ATOM   1069 O O   . TYR A 1 134 ? -7.299  -0.302  -2.509  1.00 17.31 ? 134  TYR A O   1 
ATOM   1070 C CB  . TYR A 1 134 ? -5.479  2.032   -3.870  1.00 17.01 ? 134  TYR A CB  1 
ATOM   1071 C CG  . TYR A 1 134 ? -4.017  2.429   -3.947  1.00 16.24 ? 134  TYR A CG  1 
ATOM   1072 C CD1 . TYR A 1 134 ? -3.499  2.973   -5.102  1.00 16.63 ? 134  TYR A CD1 1 
ATOM   1073 C CD2 . TYR A 1 134 ? -3.161  2.245   -2.857  1.00 16.03 ? 134  TYR A CD2 1 
ATOM   1074 C CE1 . TYR A 1 134 ? -2.193  3.337   -5.214  1.00 16.81 ? 134  TYR A CE1 1 
ATOM   1075 C CE2 . TYR A 1 134 ? -1.823  2.629   -2.947  1.00 16.26 ? 134  TYR A CE2 1 
ATOM   1076 C CZ  . TYR A 1 134 ? -1.351  3.195   -4.102  1.00 15.22 ? 134  TYR A CZ  1 
ATOM   1077 O OH  . TYR A 1 134 ? -0.025  3.619   -4.211  1.00 16.69 ? 134  TYR A OH  1 
ATOM   1078 N N   . ASN A 1 135 ? -8.130  0.340   -4.501  1.00 18.74 ? 135  ASN A N   1 
ATOM   1079 C CA  . ASN A 1 135 ? -9.488  -0.131  -4.197  1.00 19.83 ? 135  ASN A CA  1 
ATOM   1080 C C   . ASN A 1 135 ? -9.573  -1.651  -4.197  1.00 19.24 ? 135  ASN A C   1 
ATOM   1081 O O   . ASN A 1 135 ? -10.304 -2.222  -3.401  1.00 19.67 ? 135  ASN A O   1 
ATOM   1082 C CB  . ASN A 1 135 ? -10.506 0.452   -5.195  1.00 20.55 ? 135  ASN A CB  1 
ATOM   1083 C CG  . ASN A 1 135 ? -10.812 1.920   -4.944  1.00 24.19 ? 135  ASN A CG  1 
ATOM   1084 O OD1 . ASN A 1 135 ? -10.180 2.593   -4.108  1.00 26.07 ? 135  ASN A OD1 1 
ATOM   1085 N ND2 . ASN A 1 135 ? -11.791 2.449   -5.707  1.00 27.02 ? 135  ASN A ND2 1 
ATOM   1086 N N   . MET A 1 136 ? -8.830  -2.302  -5.105  1.00 18.70 ? 136  MET A N   1 
ATOM   1087 C CA  . MET A 1 136 ? -8.747  -3.755  -5.114  1.00 17.84 ? 136  MET A CA  1 
ATOM   1088 C C   . MET A 1 136 ? -8.168  -4.228  -3.818  1.00 17.17 ? 136  MET A C   1 
ATOM   1089 O O   . MET A 1 136 ? -8.617  -5.228  -3.272  1.00 16.66 ? 136  MET A O   1 
ATOM   1090 C CB  . MET A 1 136 ? -7.892  -4.252  -6.292  1.00 18.28 ? 136  MET A CB  1 
ATOM   1091 C CG  . MET A 1 136 ? -8.497  -3.932  -7.653  1.00 17.13 ? 136  MET A CG  1 
ATOM   1092 S SD  . MET A 1 136 ? -7.441  -3.982  -9.061  1.00 19.17 ? 136  MET A SD  1 
ATOM   1093 C CE  . MET A 1 136 ? -7.074  -5.748  -9.034  1.00 14.60 ? 136  MET A CE  1 
ATOM   1094 N N   . ALA A 1 137 ? -7.163  -3.503  -3.313  1.00 17.27 ? 137  ALA A N   1 
ATOM   1095 C CA  . ALA A 1 137 ? -6.460  -3.877  -2.082  1.00 17.01 ? 137  ALA A CA  1 
ATOM   1096 C C   . ALA A 1 137 ? -7.382  -3.702  -0.877  1.00 17.69 ? 137  ALA A C   1 
ATOM   1097 O O   . ALA A 1 137 ? -7.380  -4.501  0.032   1.00 18.54 ? 137  ALA A O   1 
ATOM   1098 C CB  . ALA A 1 137 ? -5.183  -3.020  -1.904  1.00 15.77 ? 137  ALA A CB  1 
ATOM   1099 N N   . LEU A 1 138 ? -8.200  -2.668  -0.933  1.00 20.13 ? 138  LEU A N   1 
ATOM   1100 C CA  . LEU A 1 138 ? -9.204  -2.376  0.099   1.00 21.66 ? 138  LEU A CA  1 
ATOM   1101 C C   . LEU A 1 138 ? -10.266 -3.465  0.151   1.00 21.23 ? 138  LEU A C   1 
ATOM   1102 O O   . LEU A 1 138 ? -10.529 -4.040  1.199   1.00 21.62 ? 138  LEU A O   1 
ATOM   1103 C CB  . LEU A 1 138 ? -9.818  -1.012  -0.228  1.00 22.58 ? 138  LEU A CB  1 
ATOM   1104 C CG  . LEU A 1 138 ? -10.517 -0.266  0.875   1.00 25.78 ? 138  LEU A CG  1 
ATOM   1105 C CD1 . LEU A 1 138 ? -9.700  -0.274  2.164   1.00 25.19 ? 138  LEU A CD1 1 
ATOM   1106 C CD2 . LEU A 1 138 ? -10.802 1.174   0.361   1.00 26.39 ? 138  LEU A CD2 1 
ATOM   1107 N N   . MET A 1 139 ? -10.812 -3.813  -1.015  1.00 22.30 ? 139  MET A N   1 
ATOM   1108 C CA  . MET A 1 139 ? -11.710 -4.969  -1.138  1.00 22.36 ? 139  MET A CA  1 
ATOM   1109 C C   . MET A 1 139 ? -11.102 -6.227  -0.526  1.00 21.42 ? 139  MET A C   1 
ATOM   1110 O O   . MET A 1 139 ? -11.755 -6.973  0.239   1.00 19.96 ? 139  MET A O   1 
ATOM   1111 C CB  . MET A 1 139 ? -12.111 -5.218  -2.618  1.00 23.07 ? 139  MET A CB  1 
ATOM   1112 C CG  . MET A 1 139 ? -12.620 -6.661  -2.928  1.00 26.94 ? 139  MET A CG  1 
ATOM   1113 S SD  . MET A 1 139 ? -12.795 -7.053  -4.678  1.00 36.86 ? 139  MET A SD  1 
ATOM   1114 C CE  . MET A 1 139 ? -13.447 -8.718  -4.566  1.00 32.89 ? 139  MET A CE  1 
ATOM   1115 N N   . ALA A 1 140 ? -9.841  -6.493  -0.868  1.00 19.55 ? 140  ALA A N   1 
ATOM   1116 C CA  . ALA A 1 140 ? -9.181  -7.660  -0.394  1.00 18.22 ? 140  ALA A CA  1 
ATOM   1117 C C   . ALA A 1 140 ? -8.953  -7.613  1.102   1.00 18.08 ? 140  ALA A C   1 
ATOM   1118 O O   . ALA A 1 140 ? -9.175  -8.592  1.747   1.00 18.25 ? 140  ALA A O   1 
ATOM   1119 C CB  . ALA A 1 140 ? -7.814  -7.851  -1.135  1.00 18.74 ? 140  ALA A CB  1 
ATOM   1120 N N   . MET A 1 141 ? -8.509  -6.477  1.645   1.00 18.16 ? 141  MET A N   1 
ATOM   1121 C CA  . MET A 1 141 ? -8.199  -6.383  3.057   1.00 19.70 ? 141  MET A CA  1 
ATOM   1122 C C   . MET A 1 141 ? -9.455  -6.605  3.911   1.00 21.00 ? 141  MET A C   1 
ATOM   1123 O O   . MET A 1 141 ? -9.432  -7.309  4.902   1.00 20.33 ? 141  MET A O   1 
ATOM   1124 C CB  . MET A 1 141 ? -7.611  -4.997  3.372   1.00 20.38 ? 141  MET A CB  1 
ATOM   1125 C CG  . MET A 1 141 ? -7.132  -4.828  4.826   1.00 22.38 ? 141  MET A CG  1 
ATOM   1126 S SD  . MET A 1 141 ? -5.831  -5.973  5.321   1.00 23.55 ? 141  MET A SD  1 
ATOM   1127 C CE  . MET A 1 141 ? -4.455  -5.249  4.387   1.00 23.22 ? 141  MET A CE  1 
ATOM   1128 N N   . VAL A 1 142 ? -10.549 -5.983  3.498   1.00 22.79 ? 142  VAL A N   1 
ATOM   1129 C CA  . VAL A 1 142 ? -11.821 -6.156  4.217   1.00 24.56 ? 142  VAL A CA  1 
ATOM   1130 C C   . VAL A 1 142 ? -12.187 -7.625  4.269   1.00 24.71 ? 142  VAL A C   1 
ATOM   1131 O O   . VAL A 1 142 ? -12.535 -8.148  5.331   1.00 25.19 ? 142  VAL A O   1 
ATOM   1132 C CB  . VAL A 1 142 ? -12.933 -5.313  3.578   1.00 24.74 ? 142  VAL A CB  1 
ATOM   1133 C CG1 . VAL A 1 142 ? -14.292 -5.666  4.191   1.00 27.80 ? 142  VAL A CG1 1 
ATOM   1134 C CG2 . VAL A 1 142 ? -12.637 -3.833  3.752   1.00 25.39 ? 142  VAL A CG2 1 
ATOM   1135 N N   . ASN A 1 143 ? -12.049 -8.317  3.134   1.00 24.97 ? 143  ASN A N   1 
ATOM   1136 C CA  . ASN A 1 143 ? -12.389 -9.728  3.051   1.00 25.54 ? 143  ASN A CA  1 
ATOM   1137 C C   . ASN A 1 143 ? -11.449 -10.599 3.894   1.00 26.58 ? 143  ASN A C   1 
ATOM   1138 O O   . ASN A 1 143 ? -11.888 -11.518 4.588   1.00 26.63 ? 143  ASN A O   1 
ATOM   1139 C CB  A ASN A 1 143 ? -12.523 -10.156 1.570   0.50 25.62 ? 143  ASN A CB  1 
ATOM   1140 C CB  B ASN A 1 143 ? -12.386 -10.220 1.592   0.50 25.66 ? 143  ASN A CB  1 
ATOM   1141 C CG  A ASN A 1 143 ? -13.782 -9.549  0.893   0.50 26.17 ? 143  ASN A CG  1 
ATOM   1142 C CG  B ASN A 1 143 ? -13.165 -11.509 1.408   0.50 26.09 ? 143  ASN A CG  1 
ATOM   1143 O OD1 A ASN A 1 143 ? -14.951 -9.947  1.379   0.50 26.99 ? 143  ASN A OD1 1 
ATOM   1144 O OD1 B ASN A 1 143 ? -14.380 -11.486 1.192   0.50 28.52 ? 143  ASN A OD1 1 
ATOM   1145 N ND2 A ASN A 1 143 ? -13.700 -8.716  -0.023  0.50 26.61 ? 143  ASN A ND2 1 
ATOM   1146 N ND2 B ASN A 1 143 ? -12.474 -12.639 1.480   0.50 26.78 ? 143  ASN A ND2 1 
ATOM   1147 N N   . ILE A 1 144 ? -10.155 -10.271 3.912   1.00 26.30 ? 144  ILE A N   1 
ATOM   1148 C CA  . ILE A 1 144 ? -9.203  -10.996 4.732   1.00 26.58 ? 144  ILE A CA  1 
ATOM   1149 C C   . ILE A 1 144 ? -9.462  -10.863 6.239   1.00 28.12 ? 144  ILE A C   1 
ATOM   1150 O O   . ILE A 1 144 ? -9.397  -11.854 6.991   1.00 27.82 ? 144  ILE A O   1 
ATOM   1151 C CB  . ILE A 1 144 ? -7.745  -10.530 4.402   1.00 26.16 ? 144  ILE A CB  1 
ATOM   1152 C CG1 . ILE A 1 144 ? -7.383  -11.017 2.998   1.00 25.27 ? 144  ILE A CG1 1 
ATOM   1153 C CG2 . ILE A 1 144 ? -6.746  -11.061 5.419   1.00 25.24 ? 144  ILE A CG2 1 
ATOM   1154 C CD1 . ILE A 1 144 ? -6.218  -10.215 2.333   1.00 24.60 ? 144  ILE A CD1 1 
ATOM   1155 N N   . LEU A 1 145 ? -9.719  -9.639  6.659   1.00 29.91 ? 145  LEU A N   1 
ATOM   1156 C CA  . LEU A 1 145 ? -9.913  -9.322  8.078   1.00 31.63 ? 145  LEU A CA  1 
ATOM   1157 C C   . LEU A 1 145 ? -11.232 -9.925  8.584   1.00 34.34 ? 145  LEU A C   1 
ATOM   1158 O O   . LEU A 1 145 ? -11.293 -10.399 9.724   1.00 34.95 ? 145  LEU A O   1 
ATOM   1159 C CB  . LEU A 1 145 ? -9.871  -7.804  8.295   1.00 31.00 ? 145  LEU A CB  1 
ATOM   1160 C CG  . LEU A 1 145 ? -8.497  -7.159  8.126   1.00 29.12 ? 145  LEU A CG  1 
ATOM   1161 C CD1 . LEU A 1 145 ? -8.567  -5.630  8.169   1.00 28.59 ? 145  LEU A CD1 1 
ATOM   1162 C CD2 . LEU A 1 145 ? -7.555  -7.709  9.186   1.00 30.51 ? 145  LEU A CD2 1 
ATOM   1163 N N   . ALA A 1 146 ? -12.253 -9.941  7.723   1.00 37.12 ? 146  ALA A N   1 
ATOM   1164 C CA  . ALA A 1 146 ? -13.538 -10.612 8.030   1.00 39.67 ? 146  ALA A CA  1 
ATOM   1165 C C   . ALA A 1 146 ? -13.376 -12.117 8.124   1.00 41.82 ? 146  ALA A C   1 
ATOM   1166 O O   . ALA A 1 146 ? -13.986 -12.736 8.986   1.00 42.31 ? 146  ALA A O   1 
ATOM   1167 C CB  . ALA A 1 146 ? -14.613 -10.260 6.988   1.00 39.55 ? 146  ALA A CB  1 
ATOM   1168 N N   . GLU A 1 147 ? -12.560 -12.706 7.246   1.00 44.69 ? 147  GLU A N   1 
ATOM   1169 C CA  . GLU A 1 147 ? -12.228 -14.144 7.319   1.00 46.68 ? 147  GLU A CA  1 
ATOM   1170 C C   . GLU A 1 147 ? -11.509 -14.514 8.615   1.00 48.38 ? 147  GLU A C   1 
ATOM   1171 O O   . GLU A 1 147 ? -11.763 -15.587 9.194   1.00 48.90 ? 147  GLU A O   1 
ATOM   1172 C CB  . GLU A 1 147 ? -11.327 -14.578 6.156   1.00 47.36 ? 147  GLU A CB  1 
ATOM   1173 C CG  . GLU A 1 147 ? -12.027 -15.089 4.913   1.00 49.17 ? 147  GLU A CG  1 
ATOM   1174 C CD  . GLU A 1 147 ? -11.030 -15.694 3.912   1.00 51.90 ? 147  GLU A CD  1 
ATOM   1175 O OE1 . GLU A 1 147 ? -9.910  -15.138 3.760   1.00 52.22 ? 147  GLU A OE1 1 
ATOM   1176 O OE2 . GLU A 1 147 ? -11.362 -16.735 3.295   1.00 53.96 ? 147  GLU A OE2 1 
ATOM   1177 N N   . MET A 1 148 ? -10.593 -13.642 9.046   1.00 49.55 ? 148  MET A N   1 
ATOM   1178 C CA  . MET A 1 148 ? -9.838  -13.848 10.282  1.00 50.46 ? 148  MET A CA  1 
ATOM   1179 C C   . MET A 1 148 ? -10.735 -13.738 11.511  1.00 51.82 ? 148  MET A C   1 
ATOM   1180 O O   . MET A 1 148 ? -10.558 -14.484 12.469  1.00 52.48 ? 148  MET A O   1 
ATOM   1181 C CB  . MET A 1 148 ? -8.674  -12.848 10.388  1.00 50.14 ? 148  MET A CB  1 
ATOM   1182 C CG  . MET A 1 148 ? -7.530  -13.121 9.416   1.00 49.27 ? 148  MET A CG  1 
ATOM   1183 S SD  . MET A 1 148 ? -6.386  -11.726 9.291   1.00 45.76 ? 148  MET A SD  1 
ATOM   1184 C CE  . MET A 1 148 ? -5.767  -11.617 10.964  1.00 44.56 ? 148  MET A CE  1 
ATOM   1185 N N   . LYS A 1 149 ? -11.688 -12.809 11.491  1.00 53.39 ? 149  LYS A N   1 
ATOM   1186 C CA  . LYS A 1 149 ? -12.679 -12.707 12.569  1.00 54.62 ? 149  LYS A CA  1 
ATOM   1187 C C   . LYS A 1 149 ? -13.541 -13.986 12.654  1.00 55.31 ? 149  LYS A C   1 
ATOM   1188 O O   . LYS A 1 149 ? -13.896 -14.427 13.750  1.00 55.91 ? 149  LYS A O   1 
ATOM   1189 C CB  . LYS A 1 149 ? -13.549 -11.456 12.395  1.00 54.81 ? 149  LYS A CB  1 
ATOM   1190 C CG  . LYS A 1 149 ? -14.370 -11.085 13.630  1.00 55.57 ? 149  LYS A CG  1 
ATOM   1191 C CD  . LYS A 1 149 ? -14.268 -9.586  13.954  1.00 56.34 ? 149  LYS A CD  1 
ATOM   1192 C CE  . LYS A 1 149 ? -15.139 -8.716  13.046  1.00 57.11 ? 149  LYS A CE  1 
ATOM   1193 N NZ  . LYS A 1 149 ? -16.413 -8.282  13.718  1.00 57.26 ? 149  LYS A NZ  1 
ATOM   1194 N N   . ALA A 1 150 ? -13.842 -14.593 11.506  1.00 55.89 ? 150  ALA A N   1 
ATOM   1195 C CA  . ALA A 1 150 ? -14.540 -15.884 11.466  1.00 56.16 ? 150  ALA A CA  1 
ATOM   1196 C C   . ALA A 1 150 ? -13.550 -17.050 11.563  1.00 56.35 ? 150  ALA A C   1 
ATOM   1197 O O   . ALA A 1 150 ? -12.773 -17.152 12.527  1.00 56.68 ? 150  ALA A O   1 
ATOM   1198 C CB  . ALA A 1 150 ? -15.380 -15.992 10.198  1.00 56.18 ? 150  ALA A CB  1 
HETATM 1199 C CAA . JPS B 2 .   ? 4.775   9.272   -9.169  1.00 27.38 ? 1151 JPS A CAA 1 
HETATM 1200 C CAG . JPS B 2 .   ? 5.586   7.966   -9.128  1.00 28.15 ? 1151 JPS A CAG 1 
HETATM 1201 C CAH . JPS B 2 .   ? 5.416   7.161   -7.827  1.00 25.31 ? 1151 JPS A CAH 1 
HETATM 1202 C CAM . JPS B 2 .   ? 6.050   5.787   -8.038  1.00 22.73 ? 1151 JPS A CAM 1 
HETATM 1203 C CAI . JPS B 2 .   ? 5.471   4.573   -7.998  1.00 21.49 ? 1151 JPS A CAI 1 
HETATM 1204 S SAK . JPS B 2 .   ? 7.655   5.603   -8.357  1.00 21.58 ? 1151 JPS A SAK 1 
HETATM 1205 C CAO . JPS B 2 .   ? 7.600   3.937   -8.452  1.00 20.71 ? 1151 JPS A CAO 1 
HETATM 1206 C CAN . JPS B 2 .   ? 6.288   3.515   -8.221  1.00 18.99 ? 1151 JPS A CAN 1 
HETATM 1207 C CAR . JPS B 2 .   ? 5.929   2.004   -8.265  1.00 18.97 ? 1151 JPS A CAR 1 
HETATM 1208 C CAL . JPS B 2 .   ? 4.517   1.847   -8.831  1.00 15.35 ? 1151 JPS A CAL 1 
HETATM 1209 O OAC . JPS B 2 .   ? 3.621   2.028   -8.006  1.00 14.70 ? 1151 JPS A OAC 1 
HETATM 1210 O OAB . JPS B 2 .   ? 4.339   1.550   -10.032 1.00 17.43 ? 1151 JPS A OAB 1 
HETATM 1211 O OAF . JPS B 2 .   ? 5.878   1.442   -6.927  1.00 19.67 ? 1151 JPS A OAF 1 
HETATM 1212 C CAJ . JPS B 2 .   ? 6.981   1.196   -9.049  1.00 18.71 ? 1151 JPS A CAJ 1 
HETATM 1213 C CAP . JPS B 2 .   ? 8.392   1.559   -8.522  1.00 20.42 ? 1151 JPS A CAP 1 
HETATM 1214 O OAD . JPS B 2 .   ? 9.376   0.782   -9.229  1.00 19.15 ? 1151 JPS A OAD 1 
HETATM 1215 C CAQ . JPS B 2 .   ? 8.727   3.018   -8.793  1.00 22.57 ? 1151 JPS A CAQ 1 
HETATM 1216 O OAE . JPS B 2 .   ? 9.936   3.484   -8.145  1.00 24.95 ? 1151 JPS A OAE 1 
HETATM 1217 C CA0 . JPS B 2 .   ? 4.651   9.929   -10.547 1.00 27.94 ? 1151 JPS A CA0 1 
HETATM 1218 C CA1 . JPS B 2 .   ? 5.563   10.536  -9.507  1.00 29.67 ? 1151 JPS A CA1 1 
HETATM 1219 O O   . HOH C 3 .   ? 9.892   5.578   -5.700  1.00 16.94 ? 2001 HOH A O   1 
HETATM 1220 O O   . HOH C 3 .   ? 9.593   12.958  -6.693  1.00 23.91 ? 2002 HOH A O   1 
HETATM 1221 O O   . HOH C 3 .   ? -3.468  5.262   -14.357 1.00 35.01 ? 2003 HOH A O   1 
HETATM 1222 O O   . HOH C 3 .   ? -7.353  10.441  -15.345 1.00 40.26 ? 2004 HOH A O   1 
HETATM 1223 O O   . HOH C 3 .   ? -4.460  7.508   -13.332 1.00 27.05 ? 2005 HOH A O   1 
HETATM 1224 O O   . HOH C 3 .   ? 4.171   16.793  -1.836  1.00 36.02 ? 2006 HOH A O   1 
HETATM 1225 O O   . HOH C 3 .   ? 0.901   13.150  -0.074  1.00 32.03 ? 2007 HOH A O   1 
HETATM 1226 O O   . HOH C 3 .   ? 0.076   13.651  -5.740  1.00 21.85 ? 2008 HOH A O   1 
HETATM 1227 O O   . HOH C 3 .   ? -16.728 6.056   6.106   1.00 38.73 ? 2009 HOH A O   1 
HETATM 1228 O O   . HOH C 3 .   ? -2.043  17.145  -4.998  1.00 41.37 ? 2010 HOH A O   1 
HETATM 1229 O O   . HOH C 3 .   ? 1.764   11.048  -12.384 1.00 22.58 ? 2011 HOH A O   1 
HETATM 1230 O O   . HOH C 3 .   ? -10.240 9.009   -10.909 1.00 31.07 ? 2012 HOH A O   1 
HETATM 1231 O O   . HOH C 3 .   ? 2.688   13.917  3.846   1.00 36.52 ? 2013 HOH A O   1 
HETATM 1232 O O   . HOH C 3 .   ? 7.210   16.098  1.386   1.00 30.19 ? 2014 HOH A O   1 
HETATM 1233 O O   . HOH C 3 .   ? 4.512   12.061  -19.166 1.00 47.17 ? 2015 HOH A O   1 
HETATM 1234 O O   . HOH C 3 .   ? 14.568  11.989  9.581   0.33 32.55 ? 2016 HOH A O   1 
HETATM 1235 O O   . HOH C 3 .   ? 5.729   9.951   10.943  1.00 35.59 ? 2017 HOH A O   1 
HETATM 1236 O O   . HOH C 3 .   ? 0.349   3.788   -14.111 1.00 45.51 ? 2018 HOH A O   1 
HETATM 1237 O O   . HOH C 3 .   ? 9.702   5.493   -12.006 1.00 30.89 ? 2019 HOH A O   1 
HETATM 1238 O O   . HOH C 3 .   ? -1.038  5.059   -12.479 1.00 27.42 ? 2020 HOH A O   1 
HETATM 1239 O O   . HOH C 3 .   ? -4.875  9.202   -15.252 1.00 31.82 ? 2021 HOH A O   1 
HETATM 1240 O O   . HOH C 3 .   ? -2.633  8.705   -11.386 1.00 20.73 ? 2022 HOH A O   1 
HETATM 1241 O O   . HOH C 3 .   ? -5.199  16.603  -5.622  1.00 30.41 ? 2023 HOH A O   1 
HETATM 1242 O O   . HOH C 3 .   ? -1.718  14.749  -3.790  1.00 21.66 ? 2024 HOH A O   1 
HETATM 1243 O O   . HOH C 3 .   ? -10.714 11.736  -5.595  1.00 37.61 ? 2025 HOH A O   1 
HETATM 1244 O O   . HOH C 3 .   ? 20.303  -1.735  -2.226  0.33 46.96 ? 2026 HOH A O   1 
HETATM 1245 O O   . HOH C 3 .   ? 19.550  0.068   -0.675  0.33 32.69 ? 2027 HOH A O   1 
HETATM 1246 O O   . HOH C 3 .   ? -10.077 11.480  -10.012 1.00 42.56 ? 2028 HOH A O   1 
HETATM 1247 O O   . HOH C 3 .   ? -3.864  11.979  1.421   1.00 38.20 ? 2029 HOH A O   1 
HETATM 1248 O O   . HOH C 3 .   ? -0.875  11.236  1.768   1.00 38.00 ? 2030 HOH A O   1 
HETATM 1249 O O   . HOH C 3 .   ? 13.854  -9.384  2.253   1.00 21.71 ? 2031 HOH A O   1 
HETATM 1250 O O   . HOH C 3 .   ? -12.292 5.680   6.628   1.00 44.26 ? 2032 HOH A O   1 
HETATM 1251 O O   . HOH C 3 .   ? -15.013 6.735   4.156   1.00 44.17 ? 2033 HOH A O   1 
HETATM 1252 O O   . HOH C 3 .   ? 2.714   -2.953  -18.464 1.00 31.31 ? 2034 HOH A O   1 
HETATM 1253 O O   . HOH C 3 .   ? 10.933  0.170   -19.020 1.00 37.20 ? 2035 HOH A O   1 
HETATM 1254 O O   . HOH C 3 .   ? 7.233   1.830   -18.687 1.00 42.61 ? 2036 HOH A O   1 
HETATM 1255 O O   . HOH C 3 .   ? 17.040  1.673   -17.470 1.00 36.27 ? 2037 HOH A O   1 
HETATM 1256 O O   . HOH C 3 .   ? 15.946  -1.133  -19.032 1.00 40.13 ? 2038 HOH A O   1 
HETATM 1257 O O   . HOH C 3 .   ? 18.055  -0.680  -16.692 1.00 35.44 ? 2039 HOH A O   1 
HETATM 1258 O O   . HOH C 3 .   ? 19.012  -5.728  -10.064 1.00 39.73 ? 2040 HOH A O   1 
HETATM 1259 O O   . HOH C 3 .   ? -19.266 7.164   -4.874  0.50 50.60 ? 2041 HOH A O   1 
HETATM 1260 O O   . HOH C 3 .   ? -18.823 10.367  -4.527  0.50 33.28 ? 2042 HOH A O   1 
HETATM 1261 O O   . HOH C 3 .   ? 12.860  -11.221 -9.417  1.00 35.28 ? 2043 HOH A O   1 
HETATM 1262 O O   . HOH C 3 .   ? 12.696  -11.974 -1.332  1.00 24.78 ? 2044 HOH A O   1 
HETATM 1263 O O   . HOH C 3 .   ? -18.439 3.934   5.999   1.00 45.60 ? 2045 HOH A O   1 
HETATM 1264 O O   . HOH C 3 .   ? -7.123  6.235   -12.635 1.00 34.73 ? 2046 HOH A O   1 
HETATM 1265 O O   . HOH C 3 .   ? -1.019  9.475   9.019   1.00 30.19 ? 2047 HOH A O   1 
HETATM 1266 O O   . HOH C 3 .   ? -5.095  9.918   7.436   1.00 23.53 ? 2048 HOH A O   1 
HETATM 1267 O O   . HOH C 3 .   ? 3.203   13.788  1.356   1.00 21.26 ? 2049 HOH A O   1 
HETATM 1268 O O   . HOH C 3 .   ? 1.434   11.678  5.057   1.00 23.16 ? 2050 HOH A O   1 
HETATM 1269 O O   . HOH C 3 .   ? 6.752   13.513  2.032   1.00 20.09 ? 2051 HOH A O   1 
HETATM 1270 O O   . HOH C 3 .   ? 17.518  -0.439  2.489   1.00 37.70 ? 2052 HOH A O   1 
HETATM 1271 O O   . HOH C 3 .   ? 15.164  6.807   3.127   1.00 25.93 ? 2053 HOH A O   1 
HETATM 1272 O O   . HOH C 3 .   ? 15.378  6.751   6.371   1.00 26.72 ? 2054 HOH A O   1 
HETATM 1273 O O   . HOH C 3 .   ? 8.553   12.843  5.653   1.00 25.02 ? 2055 HOH A O   1 
HETATM 1274 O O   . HOH C 3 .   ? 6.716   7.343   10.883  1.00 19.88 ? 2056 HOH A O   1 
HETATM 1275 O O   . HOH C 3 .   ? 9.990   10.683  11.807  1.00 40.77 ? 2057 HOH A O   1 
HETATM 1276 O O   . HOH C 3 .   ? 12.243  12.407  8.952   1.00 47.11 ? 2058 HOH A O   1 
HETATM 1277 O O   . HOH C 3 .   ? 6.884   3.796   15.681  1.00 36.68 ? 2059 HOH A O   1 
HETATM 1278 O O   . HOH C 3 .   ? 12.012  8.389   14.628  1.00 32.82 ? 2060 HOH A O   1 
HETATM 1279 O O   . HOH C 3 .   ? 9.066   8.409   12.184  1.00 23.58 ? 2061 HOH A O   1 
HETATM 1280 O O   . HOH C 3 .   ? 13.740  4.890   14.243  1.00 14.44 ? 2062 HOH A O   1 
HETATM 1281 O O   . HOH C 3 .   ? 5.081   -4.157  13.664  1.00 39.04 ? 2063 HOH A O   1 
HETATM 1282 O O   . HOH C 3 .   ? 8.933   2.356   16.485  1.00 27.78 ? 2064 HOH A O   1 
HETATM 1283 O O   . HOH C 3 .   ? 5.646   6.699   13.241  1.00 34.58 ? 2065 HOH A O   1 
HETATM 1284 O O   . HOH C 3 .   ? -5.465  -7.609  12.160  1.00 34.72 ? 2066 HOH A O   1 
HETATM 1285 O O   . HOH C 3 .   ? 16.724  -5.703  -5.970  1.00 36.63 ? 2067 HOH A O   1 
HETATM 1286 O O   . HOH C 3 .   ? 16.445  0.882   0.191   1.00 28.17 ? 2068 HOH A O   1 
HETATM 1287 O O   . HOH C 3 .   ? 18.980  -3.931  -1.871  1.00 27.94 ? 2069 HOH A O   1 
HETATM 1288 O O   . HOH C 3 .   ? 17.410  -2.572  3.673   1.00 23.42 ? 2070 HOH A O   1 
HETATM 1289 O O   . HOH C 3 .   ? 13.090  -9.818  4.618   1.00 34.57 ? 2071 HOH A O   1 
HETATM 1290 O O   . HOH C 3 .   ? 7.396   -4.539  12.310  1.00 24.86 ? 2072 HOH A O   1 
HETATM 1291 O O   . HOH C 3 .   ? 9.123   -12.323 10.589  1.00 45.01 ? 2073 HOH A O   1 
HETATM 1292 O O   . HOH C 3 .   ? -3.331  -10.281 12.500  1.00 45.90 ? 2074 HOH A O   1 
HETATM 1293 O O   . HOH C 3 .   ? 2.832   -9.346  7.998   1.00 25.79 ? 2075 HOH A O   1 
HETATM 1294 O O   . HOH C 3 .   ? 0.376   -10.300 4.853   1.00 24.82 ? 2076 HOH A O   1 
HETATM 1295 O O   . HOH C 3 .   ? -2.408  -1.073  -9.321  1.00 15.81 ? 2077 HOH A O   1 
HETATM 1296 O O   . HOH C 3 .   ? -0.647  1.378   -14.580 1.00 26.93 ? 2078 HOH A O   1 
HETATM 1297 O O   . HOH C 3 .   ? 2.602   -1.035  -16.132 1.00 33.13 ? 2079 HOH A O   1 
HETATM 1298 O O   . HOH C 3 .   ? 10.276  -4.729  -14.595 1.00 24.34 ? 2080 HOH A O   1 
HETATM 1299 O O   . HOH C 3 .   ? 6.321   -10.207 -9.642  0.50 27.23 ? 2081 HOH A O   1 
HETATM 1300 O O   . HOH C 3 .   ? 5.615   -1.508  -19.191 1.00 35.39 ? 2082 HOH A O   1 
HETATM 1301 O O   . HOH C 3 .   ? 10.360  -6.280  -18.174 1.00 28.26 ? 2083 HOH A O   1 
HETATM 1302 O O   . HOH C 3 .   ? 9.498   1.748   -17.433 1.00 26.59 ? 2084 HOH A O   1 
HETATM 1303 O O   . HOH C 3 .   ? 15.318  3.521   -16.229 1.00 24.55 ? 2085 HOH A O   1 
HETATM 1304 O O   . HOH C 3 .   ? 10.949  3.631   -16.142 1.00 28.51 ? 2086 HOH A O   1 
HETATM 1305 O O   . HOH C 3 .   ? 15.219  -7.033  -10.071 1.00 20.54 ? 2087 HOH A O   1 
HETATM 1306 O O   . HOH C 3 .   ? 16.239  -3.270  -17.820 1.00 28.34 ? 2088 HOH A O   1 
HETATM 1307 O O   . HOH C 3 .   ? 17.505  -2.763  -15.239 1.00 27.03 ? 2089 HOH A O   1 
HETATM 1308 O O   . HOH C 3 .   ? 16.683  -4.515  -8.327  1.00 23.89 ? 2090 HOH A O   1 
HETATM 1309 O O   . HOH C 3 .   ? 18.486  -5.966  -12.343 1.00 36.20 ? 2091 HOH A O   1 
HETATM 1310 O O   . HOH C 3 .   ? 8.447   -8.846  -10.790 1.00 31.67 ? 2092 HOH A O   1 
HETATM 1311 O O   . HOH C 3 .   ? 9.394   -10.350 -16.835 1.00 32.86 ? 2093 HOH A O   1 
HETATM 1312 O O   . HOH C 3 .   ? 13.898  -11.691 -6.969  1.00 41.52 ? 2094 HOH A O   1 
HETATM 1313 O O   . HOH C 3 .   ? 10.119  -10.420 -5.655  1.00 30.22 ? 2095 HOH A O   1 
HETATM 1314 O O   . HOH C 3 .   ? 11.911  -10.492 0.892   1.00 16.67 ? 2096 HOH A O   1 
HETATM 1315 O O   . HOH C 3 .   ? 19.912  -5.927  -2.600  1.00 32.82 ? 2097 HOH A O   1 
HETATM 1316 O O   . HOH C 3 .   ? 4.751   -13.783 1.507   1.00 26.69 ? 2098 HOH A O   1 
HETATM 1317 O O   . HOH C 3 .   ? 8.907   -14.521 1.339   1.00 37.45 ? 2099 HOH A O   1 
HETATM 1318 O O   . HOH C 3 .   ? 2.835   -10.651 5.366   1.00 35.99 ? 2100 HOH A O   1 
HETATM 1319 O O   . HOH C 3 .   ? 6.270   -12.291 5.665   1.00 38.46 ? 2101 HOH A O   1 
HETATM 1320 O O   . HOH C 3 .   ? 0.039   -15.311 0.398   1.00 35.60 ? 2102 HOH A O   1 
HETATM 1321 O O   . HOH C 3 .   ? -3.585  1.074   -15.379 1.00 31.75 ? 2103 HOH A O   1 
HETATM 1322 O O   . HOH C 3 .   ? -4.227  -2.938  -16.351 1.00 42.57 ? 2104 HOH A O   1 
HETATM 1323 O O   . HOH C 3 .   ? -4.979  3.177   -14.625 1.00 27.95 ? 2105 HOH A O   1 
HETATM 1324 O O   . HOH C 3 .   ? -7.175  -0.481  -13.943 1.00 30.48 ? 2106 HOH A O   1 
HETATM 1325 O O   . HOH C 3 .   ? -8.321  4.367   -5.981  1.00 31.04 ? 2107 HOH A O   1 
HETATM 1326 O O   . HOH C 3 .   ? -7.050  3.273   -12.076 1.00 24.93 ? 2108 HOH A O   1 
HETATM 1327 O O   . HOH C 3 .   ? -13.727 -6.909  7.231   1.00 37.56 ? 2109 HOH A O   1 
HETATM 1328 O O   . HOH C 3 .   ? -9.750  -13.514 1.805   1.00 36.55 ? 2110 HOH A O   1 
# 
loop_
_pdbx_poly_seq_scheme.asym_id 
_pdbx_poly_seq_scheme.entity_id 
_pdbx_poly_seq_scheme.seq_id 
_pdbx_poly_seq_scheme.mon_id 
_pdbx_poly_seq_scheme.ndb_seq_num 
_pdbx_poly_seq_scheme.pdb_seq_num 
_pdbx_poly_seq_scheme.auth_seq_num 
_pdbx_poly_seq_scheme.pdb_mon_id 
_pdbx_poly_seq_scheme.auth_mon_id 
_pdbx_poly_seq_scheme.pdb_strand_id 
_pdbx_poly_seq_scheme.pdb_ins_code 
_pdbx_poly_seq_scheme.hetero 
A 1 1   MET 1   1   1   MET MET A . n 
A 1 2   LYS 2   2   2   LYS LYS A . n 
A 1 3   ILE 3   3   3   ILE ILE A . n 
A 1 4   LEU 4   4   4   LEU LEU A . n 
A 1 5   VAL 5   5   5   VAL VAL A . n 
A 1 6   ILE 6   6   6   ILE ILE A . n 
A 1 7   GLN 7   7   7   GLN GLN A . n 
A 1 8   GLY 8   8   8   GLY GLY A . n 
A 1 9   PRO 9   9   9   PRO PRO A . n 
A 1 10  ASN 10  10  10  ASN ASN A . n 
A 1 11  LEU 11  11  11  LEU LEU A . n 
A 1 12  ASN 12  12  12  ASN ASN A . n 
A 1 13  MET 13  13  13  MET MET A . n 
A 1 14  LEU 14  14  14  LEU LEU A . n 
A 1 15  GLY 15  15  15  GLY GLY A . n 
A 1 16  HIS 16  16  16  HIS HIS A . n 
A 1 17  ARG 17  17  17  ARG ARG A . n 
A 1 18  ASP 18  18  18  ASP ASP A . n 
A 1 19  PRO 19  19  19  PRO PRO A . n 
A 1 20  ARG 20  20  20  ARG ARG A . n 
A 1 21  LEU 21  21  21  LEU LEU A . n 
A 1 22  TYR 22  22  22  TYR TYR A . n 
A 1 23  GLY 23  23  23  GLY GLY A . n 
A 1 24  MET 24  24  24  MET MET A . n 
A 1 25  VAL 25  25  25  VAL VAL A . n 
A 1 26  THR 26  26  26  THR THR A . n 
A 1 27  LEU 27  27  27  LEU LEU A . n 
A 1 28  ASP 28  28  28  ASP ASP A . n 
A 1 29  GLN 29  29  29  GLN GLN A . n 
A 1 30  ILE 30  30  30  ILE ILE A . n 
A 1 31  HIS 31  31  31  HIS HIS A . n 
A 1 32  GLU 32  32  32  GLU GLU A . n 
A 1 33  ILE 33  33  33  ILE ILE A . n 
A 1 34  MET 34  34  34  MET MET A . n 
A 1 35  GLN 35  35  35  GLN GLN A . n 
A 1 36  THR 36  36  36  THR THR A . n 
A 1 37  PHE 37  37  37  PHE PHE A . n 
A 1 38  VAL 38  38  38  VAL VAL A . n 
A 1 39  LYS 39  39  39  LYS LYS A . n 
A 1 40  GLN 40  40  40  GLN GLN A . n 
A 1 41  GLY 41  41  41  GLY GLY A . n 
A 1 42  ASN 42  42  42  ASN ASN A . n 
A 1 43  LEU 43  43  43  LEU LEU A . n 
A 1 44  ASP 44  44  44  ASP ASP A . n 
A 1 45  VAL 45  45  45  VAL VAL A . n 
A 1 46  GLU 46  46  46  GLU GLU A . n 
A 1 47  LEU 47  47  47  LEU LEU A . n 
A 1 48  GLU 48  48  48  GLU GLU A . n 
A 1 49  PHE 49  49  49  PHE PHE A . n 
A 1 50  PHE 50  50  50  PHE PHE A . n 
A 1 51  GLN 51  51  51  GLN GLN A . n 
A 1 52  THR 52  52  52  THR THR A . n 
A 1 53  ASN 53  53  53  ASN ASN A . n 
A 1 54  PHE 54  54  54  PHE PHE A . n 
A 1 55  GLU 55  55  55  GLU GLU A . n 
A 1 56  GLY 56  56  56  GLY GLY A . n 
A 1 57  GLU 57  57  57  GLU GLU A . n 
A 1 58  ILE 58  58  58  ILE ILE A . n 
A 1 59  ILE 59  59  59  ILE ILE A . n 
A 1 60  ASP 60  60  60  ASP ASP A . n 
A 1 61  LYS 61  61  61  LYS LYS A . n 
A 1 62  ILE 62  62  62  ILE ILE A . n 
A 1 63  GLN 63  63  63  GLN GLN A . n 
A 1 64  GLU 64  64  64  GLU GLU A . n 
A 1 65  SER 65  65  65  SER SER A . n 
A 1 66  VAL 66  66  66  VAL VAL A . n 
A 1 67  GLY 67  67  67  GLY GLY A . n 
A 1 68  SER 68  68  68  SER SER A . n 
A 1 69  ASP 69  69  69  ASP ASP A . n 
A 1 70  TYR 70  70  70  TYR TYR A . n 
A 1 71  GLU 71  71  71  GLU GLU A . n 
A 1 72  GLY 72  72  72  GLY GLY A . n 
A 1 73  ILE 73  73  73  ILE ILE A . n 
A 1 74  ILE 74  74  74  ILE ILE A . n 
A 1 75  ILE 75  75  75  ILE ILE A . n 
A 1 76  ASN 76  76  76  ASN ASN A . n 
A 1 77  PRO 77  77  77  PRO PRO A . n 
A 1 78  GLY 78  78  78  GLY GLY A . n 
A 1 79  ALA 79  79  79  ALA ALA A . n 
A 1 80  PHE 80  80  80  PHE PHE A . n 
A 1 81  SER 81  81  81  SER SER A . n 
A 1 82  HIS 82  82  82  HIS HIS A . n 
A 1 83  THR 83  83  83  THR THR A . n 
A 1 84  SER 84  84  84  SER SER A . n 
A 1 85  ILE 85  85  85  ILE ILE A . n 
A 1 86  ALA 86  86  86  ALA ALA A . n 
A 1 87  ILE 87  87  87  ILE ILE A . n 
A 1 88  ALA 88  88  88  ALA ALA A . n 
A 1 89  ASP 89  89  89  ASP ASP A . n 
A 1 90  ALA 90  90  90  ALA ALA A . n 
A 1 91  ILE 91  91  91  ILE ILE A . n 
A 1 92  MET 92  92  92  MET MET A . n 
A 1 93  LEU 93  93  93  LEU LEU A . n 
A 1 94  ALA 94  94  94  ALA ALA A . n 
A 1 95  GLY 95  95  95  GLY GLY A . n 
A 1 96  LYS 96  96  96  LYS LYS A . n 
A 1 97  PRO 97  97  97  PRO PRO A . n 
A 1 98  VAL 98  98  98  VAL VAL A . n 
A 1 99  ILE 99  99  99  ILE ILE A . n 
A 1 100 GLU 100 100 100 GLU GLU A . n 
A 1 101 VAL 101 101 101 VAL VAL A . n 
A 1 102 HIS 102 102 102 HIS HIS A . n 
A 1 103 LEU 103 103 103 LEU LEU A . n 
A 1 104 THR 104 104 104 THR THR A . n 
A 1 105 ASN 105 105 105 ASN ASN A . n 
A 1 106 ILE 106 106 106 ILE ILE A . n 
A 1 107 GLN 107 107 107 GLN GLN A . n 
A 1 108 ALA 108 108 108 ALA ALA A . n 
A 1 109 ARG 109 109 109 ARG ARG A . n 
A 1 110 GLU 110 110 110 GLU GLU A . n 
A 1 111 GLU 111 111 111 GLU GLU A . n 
A 1 112 PHE 112 112 112 PHE PHE A . n 
A 1 113 ARG 113 113 113 ARG ARG A . n 
A 1 114 LYS 114 114 114 LYS LYS A . n 
A 1 115 ASN 115 115 115 ASN ASN A . n 
A 1 116 SER 116 116 116 SER SER A . n 
A 1 117 TYR 117 117 117 TYR TYR A . n 
A 1 118 THR 118 118 118 THR THR A . n 
A 1 119 GLY 119 119 119 GLY GLY A . n 
A 1 120 ALA 120 120 120 ALA ALA A . n 
A 1 121 ALA 121 121 121 ALA ALA A . n 
A 1 122 CYS 122 122 122 CYS CYS A . n 
A 1 123 GLY 123 123 123 GLY GLY A . n 
A 1 124 GLY 124 124 124 GLY GLY A . n 
A 1 125 VAL 125 125 125 VAL VAL A . n 
A 1 126 ILE 126 126 126 ILE ILE A . n 
A 1 127 MET 127 127 127 MET MET A . n 
A 1 128 GLY 128 128 128 GLY GLY A . n 
A 1 129 PHE 129 129 129 PHE PHE A . n 
A 1 130 GLY 130 130 130 GLY GLY A . n 
A 1 131 PRO 131 131 131 PRO PRO A . n 
A 1 132 LEU 132 132 132 LEU LEU A . n 
A 1 133 GLY 133 133 133 GLY GLY A . n 
A 1 134 TYR 134 134 134 TYR TYR A . n 
A 1 135 ASN 135 135 135 ASN ASN A . n 
A 1 136 MET 136 136 136 MET MET A . n 
A 1 137 ALA 137 137 137 ALA ALA A . n 
A 1 138 LEU 138 138 138 LEU LEU A . n 
A 1 139 MET 139 139 139 MET MET A . n 
A 1 140 ALA 140 140 140 ALA ALA A . n 
A 1 141 MET 141 141 141 MET MET A . n 
A 1 142 VAL 142 142 142 VAL VAL A . n 
A 1 143 ASN 143 143 143 ASN ASN A . n 
A 1 144 ILE 144 144 144 ILE ILE A . n 
A 1 145 LEU 145 145 145 LEU LEU A . n 
A 1 146 ALA 146 146 146 ALA ALA A . n 
A 1 147 GLU 147 147 147 GLU GLU A . n 
A 1 148 MET 148 148 148 MET MET A . n 
A 1 149 LYS 149 149 149 LYS LYS A . n 
A 1 150 ALA 150 150 150 ALA ALA A . n 
A 1 151 PHE 151 151 ?   ?   ?   A . n 
A 1 152 GLN 152 152 ?   ?   ?   A . n 
A 1 153 GLU 153 153 ?   ?   ?   A . n 
A 1 154 ALA 154 154 ?   ?   ?   A . n 
A 1 155 GLN 155 155 ?   ?   ?   A . n 
A 1 156 LYS 156 156 ?   ?   ?   A . n 
A 1 157 ASN 157 157 ?   ?   ?   A . n 
A 1 158 ASN 158 158 ?   ?   ?   A . n 
A 1 159 PRO 159 159 ?   ?   ?   A . n 
A 1 160 ASN 160 160 ?   ?   ?   A . n 
A 1 161 ASN 161 161 ?   ?   ?   A . n 
A 1 162 PRO 162 162 ?   ?   ?   A . n 
A 1 163 ILE 163 163 ?   ?   ?   A . n 
A 1 164 ASN 164 164 ?   ?   ?   A . n 
A 1 165 ASN 165 165 ?   ?   ?   A . n 
A 1 166 GLN 166 166 ?   ?   ?   A . n 
A 1 167 LYS 167 167 ?   ?   ?   A . n 
# 
loop_
_pdbx_nonpoly_scheme.asym_id 
_pdbx_nonpoly_scheme.entity_id 
_pdbx_nonpoly_scheme.mon_id 
_pdbx_nonpoly_scheme.ndb_seq_num 
_pdbx_nonpoly_scheme.pdb_seq_num 
_pdbx_nonpoly_scheme.auth_seq_num 
_pdbx_nonpoly_scheme.pdb_mon_id 
_pdbx_nonpoly_scheme.auth_mon_id 
_pdbx_nonpoly_scheme.pdb_strand_id 
_pdbx_nonpoly_scheme.pdb_ins_code 
B 2 JPS 1   1151 1151 JPS JPS A . 
C 3 HOH 1   2001 2001 HOH HOH A . 
C 3 HOH 2   2002 2002 HOH HOH A . 
C 3 HOH 3   2003 2003 HOH HOH A . 
C 3 HOH 4   2004 2004 HOH HOH A . 
C 3 HOH 5   2005 2005 HOH HOH A . 
C 3 HOH 6   2006 2006 HOH HOH A . 
C 3 HOH 7   2007 2007 HOH HOH A . 
C 3 HOH 8   2008 2008 HOH HOH A . 
C 3 HOH 9   2009 2009 HOH HOH A . 
C 3 HOH 10  2010 2010 HOH HOH A . 
C 3 HOH 11  2011 2011 HOH HOH A . 
C 3 HOH 12  2012 2012 HOH HOH A . 
C 3 HOH 13  2013 2013 HOH HOH A . 
C 3 HOH 14  2014 2014 HOH HOH A . 
C 3 HOH 15  2015 2015 HOH HOH A . 
C 3 HOH 16  2016 2016 HOH HOH A . 
C 3 HOH 17  2017 2017 HOH HOH A . 
C 3 HOH 18  2018 2018 HOH HOH A . 
C 3 HOH 19  2019 2019 HOH HOH A . 
C 3 HOH 20  2020 2020 HOH HOH A . 
C 3 HOH 21  2021 2021 HOH HOH A . 
C 3 HOH 22  2022 2022 HOH HOH A . 
C 3 HOH 23  2023 2023 HOH HOH A . 
C 3 HOH 24  2024 2024 HOH HOH A . 
C 3 HOH 25  2025 2025 HOH HOH A . 
C 3 HOH 26  2026 2026 HOH HOH A . 
C 3 HOH 27  2027 2027 HOH HOH A . 
C 3 HOH 28  2028 2028 HOH HOH A . 
C 3 HOH 29  2029 2029 HOH HOH A . 
C 3 HOH 30  2030 2030 HOH HOH A . 
C 3 HOH 31  2031 2031 HOH HOH A . 
C 3 HOH 32  2032 2032 HOH HOH A . 
C 3 HOH 33  2033 2033 HOH HOH A . 
C 3 HOH 34  2034 2034 HOH HOH A . 
C 3 HOH 35  2035 2035 HOH HOH A . 
C 3 HOH 36  2036 2036 HOH HOH A . 
C 3 HOH 37  2037 2037 HOH HOH A . 
C 3 HOH 38  2038 2038 HOH HOH A . 
C 3 HOH 39  2039 2039 HOH HOH A . 
C 3 HOH 40  2040 2040 HOH HOH A . 
C 3 HOH 41  2041 2041 HOH HOH A . 
C 3 HOH 42  2042 2042 HOH HOH A . 
C 3 HOH 43  2043 2043 HOH HOH A . 
C 3 HOH 44  2044 2044 HOH HOH A . 
C 3 HOH 45  2045 2045 HOH HOH A . 
C 3 HOH 46  2046 2046 HOH HOH A . 
C 3 HOH 47  2047 2047 HOH HOH A . 
C 3 HOH 48  2048 2048 HOH HOH A . 
C 3 HOH 49  2049 2049 HOH HOH A . 
C 3 HOH 50  2050 2050 HOH HOH A . 
C 3 HOH 51  2051 2051 HOH HOH A . 
C 3 HOH 52  2052 2052 HOH HOH A . 
C 3 HOH 53  2053 2053 HOH HOH A . 
C 3 HOH 54  2054 2054 HOH HOH A . 
C 3 HOH 55  2055 2055 HOH HOH A . 
C 3 HOH 56  2056 2056 HOH HOH A . 
C 3 HOH 57  2057 2057 HOH HOH A . 
C 3 HOH 58  2058 2058 HOH HOH A . 
C 3 HOH 59  2059 2059 HOH HOH A . 
C 3 HOH 60  2060 2060 HOH HOH A . 
C 3 HOH 61  2061 2061 HOH HOH A . 
C 3 HOH 62  2062 2062 HOH HOH A . 
C 3 HOH 63  2063 2063 HOH HOH A . 
C 3 HOH 64  2064 2064 HOH HOH A . 
C 3 HOH 65  2065 2065 HOH HOH A . 
C 3 HOH 66  2066 2066 HOH HOH A . 
C 3 HOH 67  2067 2067 HOH HOH A . 
C 3 HOH 68  2068 2068 HOH HOH A . 
C 3 HOH 69  2069 2069 HOH HOH A . 
C 3 HOH 70  2070 2070 HOH HOH A . 
C 3 HOH 71  2071 2071 HOH HOH A . 
C 3 HOH 72  2072 2072 HOH HOH A . 
C 3 HOH 73  2073 2073 HOH HOH A . 
C 3 HOH 74  2074 2074 HOH HOH A . 
C 3 HOH 75  2075 2075 HOH HOH A . 
C 3 HOH 76  2076 2076 HOH HOH A . 
C 3 HOH 77  2077 2077 HOH HOH A . 
C 3 HOH 78  2078 2078 HOH HOH A . 
C 3 HOH 79  2079 2079 HOH HOH A . 
C 3 HOH 80  2080 2080 HOH HOH A . 
C 3 HOH 81  2081 2081 HOH HOH A . 
C 3 HOH 82  2082 2082 HOH HOH A . 
C 3 HOH 83  2083 2083 HOH HOH A . 
C 3 HOH 84  2084 2084 HOH HOH A . 
C 3 HOH 85  2085 2085 HOH HOH A . 
C 3 HOH 86  2086 2086 HOH HOH A . 
C 3 HOH 87  2087 2087 HOH HOH A . 
C 3 HOH 88  2088 2088 HOH HOH A . 
C 3 HOH 89  2089 2089 HOH HOH A . 
C 3 HOH 90  2090 2090 HOH HOH A . 
C 3 HOH 91  2091 2091 HOH HOH A . 
C 3 HOH 92  2092 2092 HOH HOH A . 
C 3 HOH 93  2093 2093 HOH HOH A . 
C 3 HOH 94  2094 2094 HOH HOH A . 
C 3 HOH 95  2095 2095 HOH HOH A . 
C 3 HOH 96  2096 2096 HOH HOH A . 
C 3 HOH 97  2097 2097 HOH HOH A . 
C 3 HOH 98  2098 2098 HOH HOH A . 
C 3 HOH 99  2099 2099 HOH HOH A . 
C 3 HOH 100 2100 2100 HOH HOH A . 
C 3 HOH 101 2101 2101 HOH HOH A . 
C 3 HOH 102 2102 2102 HOH HOH A . 
C 3 HOH 103 2103 2103 HOH HOH A . 
C 3 HOH 104 2104 2104 HOH HOH A . 
C 3 HOH 105 2105 2105 HOH HOH A . 
C 3 HOH 106 2106 2106 HOH HOH A . 
C 3 HOH 107 2107 2107 HOH HOH A . 
C 3 HOH 108 2108 2108 HOH HOH A . 
C 3 HOH 109 2109 2109 HOH HOH A . 
C 3 HOH 110 2110 2110 HOH HOH A . 
# 
_pdbx_struct_assembly.id                   1 
_pdbx_struct_assembly.details              author_and_software_defined_assembly 
_pdbx_struct_assembly.method_details       PISA 
_pdbx_struct_assembly.oligomeric_details   dodecameric 
_pdbx_struct_assembly.oligomeric_count     12 
# 
_pdbx_struct_assembly_gen.assembly_id       1 
_pdbx_struct_assembly_gen.oper_expression   1,2,3,4,5,6,7,8,9,10,11,12 
_pdbx_struct_assembly_gen.asym_id_list      A,B,C 
# 
loop_
_pdbx_struct_assembly_prop.biol_id 
_pdbx_struct_assembly_prop.type 
_pdbx_struct_assembly_prop.value 
_pdbx_struct_assembly_prop.details 
1 'ABSA (A^2)' 28320  ? 
1 MORE         -179.8 ? 
1 'SSA (A^2)'  65160  ? 
# 
loop_
_pdbx_struct_oper_list.id 
_pdbx_struct_oper_list.type 
_pdbx_struct_oper_list.name 
_pdbx_struct_oper_list.symmetry_operation 
_pdbx_struct_oper_list.matrix[1][1] 
_pdbx_struct_oper_list.matrix[1][2] 
_pdbx_struct_oper_list.matrix[1][3] 
_pdbx_struct_oper_list.vector[1] 
_pdbx_struct_oper_list.matrix[2][1] 
_pdbx_struct_oper_list.matrix[2][2] 
_pdbx_struct_oper_list.matrix[2][3] 
_pdbx_struct_oper_list.vector[2] 
_pdbx_struct_oper_list.matrix[3][1] 
_pdbx_struct_oper_list.matrix[3][2] 
_pdbx_struct_oper_list.matrix[3][3] 
_pdbx_struct_oper_list.vector[3] 
1  'identity operation'         1_555  x,y,z   1.0000000000  0.0000000000  0.0000000000  0.0000000000  0.0000000000  1.0000000000  0.0000000000  0.0000000000   0.0000000000  0.0000000000  1.0000000000  0.0000000000   
2  'crystal symmetry operation' 10_555 -y,z,-x -0.0495121504 -0.1106762293 0.9926224455  38.9824938814 -0.9855095192 0.1668455079  -0.0305542798 12.5668310543  -0.1622329636 -0.9797516771 -0.1173333574 -25.7068508663 
3  'crystal symmetry operation' 6_555  z,-x,-y -0.0427693869 0.9645357339  -0.2604641964 37.8464304671 -0.3032998622 -0.2609341624 -0.9164728891 -23.5380916771 -0.9519348576 0.0398017713  0.3037035493  15.7084110035  
4  'crystal symmetry operation' 2_555  -x,-y,z 0.8154118814  -0.4414833445 -0.3744274565 -6.9450195438 -0.4414833445 -0.8926372877 0.0910556373  -15.7063837780 -0.3744274565 0.0910556373  -0.9227745937 -15.1537075008 
5  'crystal symmetry operation' 5_555  z,x,y   -0.3631761814 -0.8658153228 0.3441901917  26.9410945386 0.2110363883  0.2833713775  0.9355021674  -3.4453740175  -0.9075057598 0.4123887598  0.0798048038  17.0922405465  
6  'crystal symmetry operation' 3_555  -x,y,-z -0.9061856645 0.4208522422  -0.0413634094 54.9960449698 0.4208522422  0.8879482424  -0.1855567544 -15.0809603490 -0.0413634094 -0.1855567544 -0.9817625778 -28.7074634732 
7  'crystal symmetry operation' 12_555 -y,-z,x -0.0427693869 -0.3032998622 -0.9519348576 9.4329526594  0.9645357339  -0.2609341624 0.0398017713  -43.2713494021 -0.2604641964 -0.9164728891 0.3037035493  -16.4850829600 
8  'crystal symmetry operation' 4_555  x,-y,-z -0.9092262169 0.0206311024  0.4157908659  55.3062642991 0.0206311024  -0.9953109547 0.0945011171  -29.1383704847 0.4157908659  0.0945011171  0.9045371715  -10.6284252490 
9  'crystal symmetry operation' 9_555  y,z,x   -0.3631761814 0.2110363883  -0.9075057598 26.0227698697 -0.8658153228 0.2833713775  0.4123887598  17.2536849657  0.3441901917  0.9355021674  0.0798048038  -7.4137485373  
10 'crystal symmetry operation' 7_555  -z,-x,y -0.0495121504 -0.9855095192 -0.1622329636 10.1443401320 -0.1106762293 0.1668455079  -0.9797516771 -22.9686141261 0.9926224455  -0.0305542798 -0.1173333574 -41.3271990562 
11 'crystal symmetry operation' 11_555 y,-z,-x 0.4554577188  0.2029397032  0.8668181720  28.9190733147 0.8867891082  -0.1892827231 -0.4216362513 -46.4748812295 0.0785069683  0.9607223988  -0.2661749957 -4.8839138594  
12 'crystal symmetry operation' 8_555  -z,x,-y 0.4554577188  0.8867891082  0.0785069683  28.4254245875 0.2029397032  -0.1892827231 0.9607223988  -9.9736347910  0.8668181720  -0.4216362513 -0.2661749957 -45.9630487168 
# 
loop_
_pdbx_struct_special_symmetry.id 
_pdbx_struct_special_symmetry.PDB_model_num 
_pdbx_struct_special_symmetry.auth_asym_id 
_pdbx_struct_special_symmetry.auth_comp_id 
_pdbx_struct_special_symmetry.auth_seq_id 
_pdbx_struct_special_symmetry.PDB_ins_code 
_pdbx_struct_special_symmetry.label_asym_id 
_pdbx_struct_special_symmetry.label_comp_id 
_pdbx_struct_special_symmetry.label_seq_id 
1 1 A HOH 2016 ? C HOH . 
2 1 A HOH 2026 ? C HOH . 
3 1 A HOH 2027 ? C HOH . 
4 1 A HOH 2041 ? C HOH . 
5 1 A HOH 2081 ? C HOH . 
# 
loop_
_pdbx_audit_revision_history.ordinal 
_pdbx_audit_revision_history.data_content_type 
_pdbx_audit_revision_history.major_revision 
_pdbx_audit_revision_history.minor_revision 
_pdbx_audit_revision_history.revision_date 
1 'Structure model' 1 0 2010-11-24 
2 'Structure model' 1 1 2011-12-21 
3 'Structure model' 1 2 2012-10-31 
4 'Structure model' 1 3 2018-02-07 
5 'Structure model' 1 4 2023-12-20 
# 
_pdbx_audit_revision_details.ordinal             1 
_pdbx_audit_revision_details.revision_ordinal    1 
_pdbx_audit_revision_details.data_content_type   'Structure model' 
_pdbx_audit_revision_details.provider            repository 
_pdbx_audit_revision_details.type                'Initial release' 
_pdbx_audit_revision_details.description         ? 
_pdbx_audit_revision_details.details             ? 
# 
loop_
_pdbx_audit_revision_group.ordinal 
_pdbx_audit_revision_group.revision_ordinal 
_pdbx_audit_revision_group.data_content_type 
_pdbx_audit_revision_group.group 
1 2 'Structure model' 'Database references'       
2 2 'Structure model' 'Version format compliance' 
3 3 'Structure model' 'Database references'       
4 4 'Structure model' 'Database references'       
5 5 'Structure model' 'Data collection'           
6 5 'Structure model' 'Database references'       
7 5 'Structure model' 'Derived calculations'      
8 5 'Structure model' Other                       
9 5 'Structure model' 'Refinement description'    
# 
loop_
_pdbx_audit_revision_category.ordinal 
_pdbx_audit_revision_category.revision_ordinal 
_pdbx_audit_revision_category.data_content_type 
_pdbx_audit_revision_category.category 
1 4 'Structure model' citation                      
2 4 'Structure model' citation_author               
3 5 'Structure model' chem_comp_atom                
4 5 'Structure model' chem_comp_bond                
5 5 'Structure model' database_2                    
6 5 'Structure model' pdbx_database_status          
7 5 'Structure model' pdbx_initial_refinement_model 
8 5 'Structure model' struct_site                   
# 
loop_
_pdbx_audit_revision_item.ordinal 
_pdbx_audit_revision_item.revision_ordinal 
_pdbx_audit_revision_item.data_content_type 
_pdbx_audit_revision_item.item 
1  4 'Structure model' '_citation.journal_abbrev'             
2  4 'Structure model' '_citation.journal_id_ISSN'            
3  4 'Structure model' '_citation.page_last'                  
4  4 'Structure model' '_citation.pdbx_database_id_DOI'       
5  4 'Structure model' '_citation.title'                      
6  5 'Structure model' '_database_2.pdbx_DOI'                 
7  5 'Structure model' '_database_2.pdbx_database_accession'  
8  5 'Structure model' '_pdbx_database_status.status_code_sf' 
9  5 'Structure model' '_struct_site.pdbx_auth_asym_id'       
10 5 'Structure model' '_struct_site.pdbx_auth_comp_id'       
11 5 'Structure model' '_struct_site.pdbx_auth_seq_id'        
# 
loop_
_software.name 
_software.classification 
_software.version 
_software.citation_id 
_software.pdbx_ordinal 
REFMAC refinement       5.5.0102 ? 1 
MOSFLM 'data reduction' .        ? 2 
SCALA  'data scaling'   .        ? 3 
MOLREP phasing          .        ? 4 
# 
loop_
_pdbx_validate_torsion.id 
_pdbx_validate_torsion.PDB_model_num 
_pdbx_validate_torsion.auth_comp_id 
_pdbx_validate_torsion.auth_asym_id 
_pdbx_validate_torsion.auth_seq_id 
_pdbx_validate_torsion.PDB_ins_code 
_pdbx_validate_torsion.label_alt_id 
_pdbx_validate_torsion.phi 
_pdbx_validate_torsion.psi 
1 1 ASN A 10  ? ? 76.24   -11.76  
2 1 VAL A 66  ? ? -64.57  86.83   
3 1 ARG A 109 ? ? -121.43 -146.90 
# 
_pdbx_distant_solvent_atoms.id                                1 
_pdbx_distant_solvent_atoms.PDB_model_num                     1 
_pdbx_distant_solvent_atoms.auth_atom_id                      O 
_pdbx_distant_solvent_atoms.label_alt_id                      ? 
_pdbx_distant_solvent_atoms.auth_asym_id                      A 
_pdbx_distant_solvent_atoms.auth_comp_id                      HOH 
_pdbx_distant_solvent_atoms.auth_seq_id                       2012 
_pdbx_distant_solvent_atoms.PDB_ins_code                      ? 
_pdbx_distant_solvent_atoms.neighbor_macromolecule_distance   6.06 
_pdbx_distant_solvent_atoms.neighbor_ligand_distance          . 
# 
loop_
_pdbx_unobs_or_zero_occ_residues.id 
_pdbx_unobs_or_zero_occ_residues.PDB_model_num 
_pdbx_unobs_or_zero_occ_residues.polymer_flag 
_pdbx_unobs_or_zero_occ_residues.occupancy_flag 
_pdbx_unobs_or_zero_occ_residues.auth_asym_id 
_pdbx_unobs_or_zero_occ_residues.auth_comp_id 
_pdbx_unobs_or_zero_occ_residues.auth_seq_id 
_pdbx_unobs_or_zero_occ_residues.PDB_ins_code 
_pdbx_unobs_or_zero_occ_residues.label_asym_id 
_pdbx_unobs_or_zero_occ_residues.label_comp_id 
_pdbx_unobs_or_zero_occ_residues.label_seq_id 
1  1 Y 1 A PHE 151 ? A PHE 151 
2  1 Y 1 A GLN 152 ? A GLN 152 
3  1 Y 1 A GLU 153 ? A GLU 153 
4  1 Y 1 A ALA 154 ? A ALA 154 
5  1 Y 1 A GLN 155 ? A GLN 155 
6  1 Y 1 A LYS 156 ? A LYS 156 
7  1 Y 1 A ASN 157 ? A ASN 157 
8  1 Y 1 A ASN 158 ? A ASN 158 
9  1 Y 1 A PRO 159 ? A PRO 159 
10 1 Y 1 A ASN 160 ? A ASN 160 
11 1 Y 1 A ASN 161 ? A ASN 161 
12 1 Y 1 A PRO 162 ? A PRO 162 
13 1 Y 1 A ILE 163 ? A ILE 163 
14 1 Y 1 A ASN 164 ? A ASN 164 
15 1 Y 1 A ASN 165 ? A ASN 165 
16 1 Y 1 A GLN 166 ? A GLN 166 
17 1 Y 1 A LYS 167 ? A LYS 167 
# 
loop_
_chem_comp_atom.comp_id 
_chem_comp_atom.atom_id 
_chem_comp_atom.type_symbol 
_chem_comp_atom.pdbx_aromatic_flag 
_chem_comp_atom.pdbx_stereo_config 
_chem_comp_atom.pdbx_ordinal 
ALA N    N N N 1   
ALA CA   C N S 2   
ALA C    C N N 3   
ALA O    O N N 4   
ALA CB   C N N 5   
ALA OXT  O N N 6   
ALA H    H N N 7   
ALA H2   H N N 8   
ALA HA   H N N 9   
ALA HB1  H N N 10  
ALA HB2  H N N 11  
ALA HB3  H N N 12  
ALA HXT  H N N 13  
ARG N    N N N 14  
ARG CA   C N S 15  
ARG C    C N N 16  
ARG O    O N N 17  
ARG CB   C N N 18  
ARG CG   C N N 19  
ARG CD   C N N 20  
ARG NE   N N N 21  
ARG CZ   C N N 22  
ARG NH1  N N N 23  
ARG NH2  N N N 24  
ARG OXT  O N N 25  
ARG H    H N N 26  
ARG H2   H N N 27  
ARG HA   H N N 28  
ARG HB2  H N N 29  
ARG HB3  H N N 30  
ARG HG2  H N N 31  
ARG HG3  H N N 32  
ARG HD2  H N N 33  
ARG HD3  H N N 34  
ARG HE   H N N 35  
ARG HH11 H N N 36  
ARG HH12 H N N 37  
ARG HH21 H N N 38  
ARG HH22 H N N 39  
ARG HXT  H N N 40  
ASN N    N N N 41  
ASN CA   C N S 42  
ASN C    C N N 43  
ASN O    O N N 44  
ASN CB   C N N 45  
ASN CG   C N N 46  
ASN OD1  O N N 47  
ASN ND2  N N N 48  
ASN OXT  O N N 49  
ASN H    H N N 50  
ASN H2   H N N 51  
ASN HA   H N N 52  
ASN HB2  H N N 53  
ASN HB3  H N N 54  
ASN HD21 H N N 55  
ASN HD22 H N N 56  
ASN HXT  H N N 57  
ASP N    N N N 58  
ASP CA   C N S 59  
ASP C    C N N 60  
ASP O    O N N 61  
ASP CB   C N N 62  
ASP CG   C N N 63  
ASP OD1  O N N 64  
ASP OD2  O N N 65  
ASP OXT  O N N 66  
ASP H    H N N 67  
ASP H2   H N N 68  
ASP HA   H N N 69  
ASP HB2  H N N 70  
ASP HB3  H N N 71  
ASP HD2  H N N 72  
ASP HXT  H N N 73  
CYS N    N N N 74  
CYS CA   C N R 75  
CYS C    C N N 76  
CYS O    O N N 77  
CYS CB   C N N 78  
CYS SG   S N N 79  
CYS OXT  O N N 80  
CYS H    H N N 81  
CYS H2   H N N 82  
CYS HA   H N N 83  
CYS HB2  H N N 84  
CYS HB3  H N N 85  
CYS HG   H N N 86  
CYS HXT  H N N 87  
GLN N    N N N 88  
GLN CA   C N S 89  
GLN C    C N N 90  
GLN O    O N N 91  
GLN CB   C N N 92  
GLN CG   C N N 93  
GLN CD   C N N 94  
GLN OE1  O N N 95  
GLN NE2  N N N 96  
GLN OXT  O N N 97  
GLN H    H N N 98  
GLN H2   H N N 99  
GLN HA   H N N 100 
GLN HB2  H N N 101 
GLN HB3  H N N 102 
GLN HG2  H N N 103 
GLN HG3  H N N 104 
GLN HE21 H N N 105 
GLN HE22 H N N 106 
GLN HXT  H N N 107 
GLU N    N N N 108 
GLU CA   C N S 109 
GLU C    C N N 110 
GLU O    O N N 111 
GLU CB   C N N 112 
GLU CG   C N N 113 
GLU CD   C N N 114 
GLU OE1  O N N 115 
GLU OE2  O N N 116 
GLU OXT  O N N 117 
GLU H    H N N 118 
GLU H2   H N N 119 
GLU HA   H N N 120 
GLU HB2  H N N 121 
GLU HB3  H N N 122 
GLU HG2  H N N 123 
GLU HG3  H N N 124 
GLU HE2  H N N 125 
GLU HXT  H N N 126 
GLY N    N N N 127 
GLY CA   C N N 128 
GLY C    C N N 129 
GLY O    O N N 130 
GLY OXT  O N N 131 
GLY H    H N N 132 
GLY H2   H N N 133 
GLY HA2  H N N 134 
GLY HA3  H N N 135 
GLY HXT  H N N 136 
HIS N    N N N 137 
HIS CA   C N S 138 
HIS C    C N N 139 
HIS O    O N N 140 
HIS CB   C N N 141 
HIS CG   C Y N 142 
HIS ND1  N Y N 143 
HIS CD2  C Y N 144 
HIS CE1  C Y N 145 
HIS NE2  N Y N 146 
HIS OXT  O N N 147 
HIS H    H N N 148 
HIS H2   H N N 149 
HIS HA   H N N 150 
HIS HB2  H N N 151 
HIS HB3  H N N 152 
HIS HD1  H N N 153 
HIS HD2  H N N 154 
HIS HE1  H N N 155 
HIS HE2  H N N 156 
HIS HXT  H N N 157 
HOH O    O N N 158 
HOH H1   H N N 159 
HOH H2   H N N 160 
ILE N    N N N 161 
ILE CA   C N S 162 
ILE C    C N N 163 
ILE O    O N N 164 
ILE CB   C N S 165 
ILE CG1  C N N 166 
ILE CG2  C N N 167 
ILE CD1  C N N 168 
ILE OXT  O N N 169 
ILE H    H N N 170 
ILE H2   H N N 171 
ILE HA   H N N 172 
ILE HB   H N N 173 
ILE HG12 H N N 174 
ILE HG13 H N N 175 
ILE HG21 H N N 176 
ILE HG22 H N N 177 
ILE HG23 H N N 178 
ILE HD11 H N N 179 
ILE HD12 H N N 180 
ILE HD13 H N N 181 
ILE HXT  H N N 182 
JPS CAA  C N N 183 
JPS CAG  C N N 184 
JPS CAH  C N N 185 
JPS CAM  C Y N 186 
JPS CAI  C Y N 187 
JPS SAK  S Y N 188 
JPS CAO  C Y N 189 
JPS CAN  C Y N 190 
JPS CAR  C N R 191 
JPS CAL  C N N 192 
JPS OAC  O N N 193 
JPS OAB  O N N 194 
JPS OAF  O N N 195 
JPS CAJ  C N N 196 
JPS CAP  C N R 197 
JPS OAD  O N N 198 
JPS CAQ  C N S 199 
JPS OAE  O N N 200 
JPS CA0  C N N 201 
JPS CA1  C N N 202 
JPS HAA  H N N 203 
JPS HAG1 H N N 204 
JPS HAG2 H N N 205 
JPS HA01 H N N 206 
JPS HA02 H N N 207 
JPS HA11 H N N 208 
JPS HA12 H N N 209 
JPS HAH1 H N N 210 
JPS HAH2 H N N 211 
JPS HAI  H N N 212 
JPS HAQ  H N N 213 
JPS HAF  H N N 214 
JPS HAJ1 H N N 215 
JPS HAJ2 H N N 216 
JPS HAB  H N N 217 
JPS HAP  H N N 218 
JPS HAD  H N N 219 
JPS HAE  H N N 220 
LEU N    N N N 221 
LEU CA   C N S 222 
LEU C    C N N 223 
LEU O    O N N 224 
LEU CB   C N N 225 
LEU CG   C N N 226 
LEU CD1  C N N 227 
LEU CD2  C N N 228 
LEU OXT  O N N 229 
LEU H    H N N 230 
LEU H2   H N N 231 
LEU HA   H N N 232 
LEU HB2  H N N 233 
LEU HB3  H N N 234 
LEU HG   H N N 235 
LEU HD11 H N N 236 
LEU HD12 H N N 237 
LEU HD13 H N N 238 
LEU HD21 H N N 239 
LEU HD22 H N N 240 
LEU HD23 H N N 241 
LEU HXT  H N N 242 
LYS N    N N N 243 
LYS CA   C N S 244 
LYS C    C N N 245 
LYS O    O N N 246 
LYS CB   C N N 247 
LYS CG   C N N 248 
LYS CD   C N N 249 
LYS CE   C N N 250 
LYS NZ   N N N 251 
LYS OXT  O N N 252 
LYS H    H N N 253 
LYS H2   H N N 254 
LYS HA   H N N 255 
LYS HB2  H N N 256 
LYS HB3  H N N 257 
LYS HG2  H N N 258 
LYS HG3  H N N 259 
LYS HD2  H N N 260 
LYS HD3  H N N 261 
LYS HE2  H N N 262 
LYS HE3  H N N 263 
LYS HZ1  H N N 264 
LYS HZ2  H N N 265 
LYS HZ3  H N N 266 
LYS HXT  H N N 267 
MET N    N N N 268 
MET CA   C N S 269 
MET C    C N N 270 
MET O    O N N 271 
MET CB   C N N 272 
MET CG   C N N 273 
MET SD   S N N 274 
MET CE   C N N 275 
MET OXT  O N N 276 
MET H    H N N 277 
MET H2   H N N 278 
MET HA   H N N 279 
MET HB2  H N N 280 
MET HB3  H N N 281 
MET HG2  H N N 282 
MET HG3  H N N 283 
MET HE1  H N N 284 
MET HE2  H N N 285 
MET HE3  H N N 286 
MET HXT  H N N 287 
PHE N    N N N 288 
PHE CA   C N S 289 
PHE C    C N N 290 
PHE O    O N N 291 
PHE CB   C N N 292 
PHE CG   C Y N 293 
PHE CD1  C Y N 294 
PHE CD2  C Y N 295 
PHE CE1  C Y N 296 
PHE CE2  C Y N 297 
PHE CZ   C Y N 298 
PHE OXT  O N N 299 
PHE H    H N N 300 
PHE H2   H N N 301 
PHE HA   H N N 302 
PHE HB2  H N N 303 
PHE HB3  H N N 304 
PHE HD1  H N N 305 
PHE HD2  H N N 306 
PHE HE1  H N N 307 
PHE HE2  H N N 308 
PHE HZ   H N N 309 
PHE HXT  H N N 310 
PRO N    N N N 311 
PRO CA   C N S 312 
PRO C    C N N 313 
PRO O    O N N 314 
PRO CB   C N N 315 
PRO CG   C N N 316 
PRO CD   C N N 317 
PRO OXT  O N N 318 
PRO H    H N N 319 
PRO HA   H N N 320 
PRO HB2  H N N 321 
PRO HB3  H N N 322 
PRO HG2  H N N 323 
PRO HG3  H N N 324 
PRO HD2  H N N 325 
PRO HD3  H N N 326 
PRO HXT  H N N 327 
SER N    N N N 328 
SER CA   C N S 329 
SER C    C N N 330 
SER O    O N N 331 
SER CB   C N N 332 
SER OG   O N N 333 
SER OXT  O N N 334 
SER H    H N N 335 
SER H2   H N N 336 
SER HA   H N N 337 
SER HB2  H N N 338 
SER HB3  H N N 339 
SER HG   H N N 340 
SER HXT  H N N 341 
THR N    N N N 342 
THR CA   C N S 343 
THR C    C N N 344 
THR O    O N N 345 
THR CB   C N R 346 
THR OG1  O N N 347 
THR CG2  C N N 348 
THR OXT  O N N 349 
THR H    H N N 350 
THR H2   H N N 351 
THR HA   H N N 352 
THR HB   H N N 353 
THR HG1  H N N 354 
THR HG21 H N N 355 
THR HG22 H N N 356 
THR HG23 H N N 357 
THR HXT  H N N 358 
TYR N    N N N 359 
TYR CA   C N S 360 
TYR C    C N N 361 
TYR O    O N N 362 
TYR CB   C N N 363 
TYR CG   C Y N 364 
TYR CD1  C Y N 365 
TYR CD2  C Y N 366 
TYR CE1  C Y N 367 
TYR CE2  C Y N 368 
TYR CZ   C Y N 369 
TYR OH   O N N 370 
TYR OXT  O N N 371 
TYR H    H N N 372 
TYR H2   H N N 373 
TYR HA   H N N 374 
TYR HB2  H N N 375 
TYR HB3  H N N 376 
TYR HD1  H N N 377 
TYR HD2  H N N 378 
TYR HE1  H N N 379 
TYR HE2  H N N 380 
TYR HH   H N N 381 
TYR HXT  H N N 382 
VAL N    N N N 383 
VAL CA   C N S 384 
VAL C    C N N 385 
VAL O    O N N 386 
VAL CB   C N N 387 
VAL CG1  C N N 388 
VAL CG2  C N N 389 
VAL OXT  O N N 390 
VAL H    H N N 391 
VAL H2   H N N 392 
VAL HA   H N N 393 
VAL HB   H N N 394 
VAL HG11 H N N 395 
VAL HG12 H N N 396 
VAL HG13 H N N 397 
VAL HG21 H N N 398 
VAL HG22 H N N 399 
VAL HG23 H N N 400 
VAL HXT  H N N 401 
# 
loop_
_chem_comp_bond.comp_id 
_chem_comp_bond.atom_id_1 
_chem_comp_bond.atom_id_2 
_chem_comp_bond.value_order 
_chem_comp_bond.pdbx_aromatic_flag 
_chem_comp_bond.pdbx_stereo_config 
_chem_comp_bond.pdbx_ordinal 
ALA N   CA   sing N N 1   
ALA N   H    sing N N 2   
ALA N   H2   sing N N 3   
ALA CA  C    sing N N 4   
ALA CA  CB   sing N N 5   
ALA CA  HA   sing N N 6   
ALA C   O    doub N N 7   
ALA C   OXT  sing N N 8   
ALA CB  HB1  sing N N 9   
ALA CB  HB2  sing N N 10  
ALA CB  HB3  sing N N 11  
ALA OXT HXT  sing N N 12  
ARG N   CA   sing N N 13  
ARG N   H    sing N N 14  
ARG N   H2   sing N N 15  
ARG CA  C    sing N N 16  
ARG CA  CB   sing N N 17  
ARG CA  HA   sing N N 18  
ARG C   O    doub N N 19  
ARG C   OXT  sing N N 20  
ARG CB  CG   sing N N 21  
ARG CB  HB2  sing N N 22  
ARG CB  HB3  sing N N 23  
ARG CG  CD   sing N N 24  
ARG CG  HG2  sing N N 25  
ARG CG  HG3  sing N N 26  
ARG CD  NE   sing N N 27  
ARG CD  HD2  sing N N 28  
ARG CD  HD3  sing N N 29  
ARG NE  CZ   sing N N 30  
ARG NE  HE   sing N N 31  
ARG CZ  NH1  sing N N 32  
ARG CZ  NH2  doub N N 33  
ARG NH1 HH11 sing N N 34  
ARG NH1 HH12 sing N N 35  
ARG NH2 HH21 sing N N 36  
ARG NH2 HH22 sing N N 37  
ARG OXT HXT  sing N N 38  
ASN N   CA   sing N N 39  
ASN N   H    sing N N 40  
ASN N   H2   sing N N 41  
ASN CA  C    sing N N 42  
ASN CA  CB   sing N N 43  
ASN CA  HA   sing N N 44  
ASN C   O    doub N N 45  
ASN C   OXT  sing N N 46  
ASN CB  CG   sing N N 47  
ASN CB  HB2  sing N N 48  
ASN CB  HB3  sing N N 49  
ASN CG  OD1  doub N N 50  
ASN CG  ND2  sing N N 51  
ASN ND2 HD21 sing N N 52  
ASN ND2 HD22 sing N N 53  
ASN OXT HXT  sing N N 54  
ASP N   CA   sing N N 55  
ASP N   H    sing N N 56  
ASP N   H2   sing N N 57  
ASP CA  C    sing N N 58  
ASP CA  CB   sing N N 59  
ASP CA  HA   sing N N 60  
ASP C   O    doub N N 61  
ASP C   OXT  sing N N 62  
ASP CB  CG   sing N N 63  
ASP CB  HB2  sing N N 64  
ASP CB  HB3  sing N N 65  
ASP CG  OD1  doub N N 66  
ASP CG  OD2  sing N N 67  
ASP OD2 HD2  sing N N 68  
ASP OXT HXT  sing N N 69  
CYS N   CA   sing N N 70  
CYS N   H    sing N N 71  
CYS N   H2   sing N N 72  
CYS CA  C    sing N N 73  
CYS CA  CB   sing N N 74  
CYS CA  HA   sing N N 75  
CYS C   O    doub N N 76  
CYS C   OXT  sing N N 77  
CYS CB  SG   sing N N 78  
CYS CB  HB2  sing N N 79  
CYS CB  HB3  sing N N 80  
CYS SG  HG   sing N N 81  
CYS OXT HXT  sing N N 82  
GLN N   CA   sing N N 83  
GLN N   H    sing N N 84  
GLN N   H2   sing N N 85  
GLN CA  C    sing N N 86  
GLN CA  CB   sing N N 87  
GLN CA  HA   sing N N 88  
GLN C   O    doub N N 89  
GLN C   OXT  sing N N 90  
GLN CB  CG   sing N N 91  
GLN CB  HB2  sing N N 92  
GLN CB  HB3  sing N N 93  
GLN CG  CD   sing N N 94  
GLN CG  HG2  sing N N 95  
GLN CG  HG3  sing N N 96  
GLN CD  OE1  doub N N 97  
GLN CD  NE2  sing N N 98  
GLN NE2 HE21 sing N N 99  
GLN NE2 HE22 sing N N 100 
GLN OXT HXT  sing N N 101 
GLU N   CA   sing N N 102 
GLU N   H    sing N N 103 
GLU N   H2   sing N N 104 
GLU CA  C    sing N N 105 
GLU CA  CB   sing N N 106 
GLU CA  HA   sing N N 107 
GLU C   O    doub N N 108 
GLU C   OXT  sing N N 109 
GLU CB  CG   sing N N 110 
GLU CB  HB2  sing N N 111 
GLU CB  HB3  sing N N 112 
GLU CG  CD   sing N N 113 
GLU CG  HG2  sing N N 114 
GLU CG  HG3  sing N N 115 
GLU CD  OE1  doub N N 116 
GLU CD  OE2  sing N N 117 
GLU OE2 HE2  sing N N 118 
GLU OXT HXT  sing N N 119 
GLY N   CA   sing N N 120 
GLY N   H    sing N N 121 
GLY N   H2   sing N N 122 
GLY CA  C    sing N N 123 
GLY CA  HA2  sing N N 124 
GLY CA  HA3  sing N N 125 
GLY C   O    doub N N 126 
GLY C   OXT  sing N N 127 
GLY OXT HXT  sing N N 128 
HIS N   CA   sing N N 129 
HIS N   H    sing N N 130 
HIS N   H2   sing N N 131 
HIS CA  C    sing N N 132 
HIS CA  CB   sing N N 133 
HIS CA  HA   sing N N 134 
HIS C   O    doub N N 135 
HIS C   OXT  sing N N 136 
HIS CB  CG   sing N N 137 
HIS CB  HB2  sing N N 138 
HIS CB  HB3  sing N N 139 
HIS CG  ND1  sing Y N 140 
HIS CG  CD2  doub Y N 141 
HIS ND1 CE1  doub Y N 142 
HIS ND1 HD1  sing N N 143 
HIS CD2 NE2  sing Y N 144 
HIS CD2 HD2  sing N N 145 
HIS CE1 NE2  sing Y N 146 
HIS CE1 HE1  sing N N 147 
HIS NE2 HE2  sing N N 148 
HIS OXT HXT  sing N N 149 
HOH O   H1   sing N N 150 
HOH O   H2   sing N N 151 
ILE N   CA   sing N N 152 
ILE N   H    sing N N 153 
ILE N   H2   sing N N 154 
ILE CA  C    sing N N 155 
ILE CA  CB   sing N N 156 
ILE CA  HA   sing N N 157 
ILE C   O    doub N N 158 
ILE C   OXT  sing N N 159 
ILE CB  CG1  sing N N 160 
ILE CB  CG2  sing N N 161 
ILE CB  HB   sing N N 162 
ILE CG1 CD1  sing N N 163 
ILE CG1 HG12 sing N N 164 
ILE CG1 HG13 sing N N 165 
ILE CG2 HG21 sing N N 166 
ILE CG2 HG22 sing N N 167 
ILE CG2 HG23 sing N N 168 
ILE CD1 HD11 sing N N 169 
ILE CD1 HD12 sing N N 170 
ILE CD1 HD13 sing N N 171 
ILE OXT HXT  sing N N 172 
JPS CAA CAG  sing N N 173 
JPS CAA CA0  sing N N 174 
JPS CAA CA1  sing N N 175 
JPS CAG CAH  sing N N 176 
JPS CAH CAM  sing N N 177 
JPS CAM CAI  doub Y N 178 
JPS CAM SAK  sing Y N 179 
JPS CAI CAN  sing Y N 180 
JPS SAK CAO  sing Y N 181 
JPS CAO CAN  doub Y N 182 
JPS CAO CAQ  sing N N 183 
JPS CAN CAR  sing N N 184 
JPS CAR CAL  sing N N 185 
JPS CAR OAF  sing N N 186 
JPS CAR CAJ  sing N N 187 
JPS CAL OAC  doub N N 188 
JPS CAL OAB  sing N N 189 
JPS CAJ CAP  sing N N 190 
JPS CAP OAD  sing N N 191 
JPS CAP CAQ  sing N N 192 
JPS CAQ OAE  sing N N 193 
JPS CA0 CA1  sing N N 194 
JPS CAA HAA  sing N N 195 
JPS CAG HAG1 sing N N 196 
JPS CAG HAG2 sing N N 197 
JPS CA0 HA01 sing N N 198 
JPS CA0 HA02 sing N N 199 
JPS CA1 HA11 sing N N 200 
JPS CA1 HA12 sing N N 201 
JPS CAH HAH1 sing N N 202 
JPS CAH HAH2 sing N N 203 
JPS CAI HAI  sing N N 204 
JPS CAQ HAQ  sing N N 205 
JPS OAF HAF  sing N N 206 
JPS CAJ HAJ1 sing N N 207 
JPS CAJ HAJ2 sing N N 208 
JPS OAB HAB  sing N N 209 
JPS CAP HAP  sing N N 210 
JPS OAD HAD  sing N N 211 
JPS OAE HAE  sing N N 212 
LEU N   CA   sing N N 213 
LEU N   H    sing N N 214 
LEU N   H2   sing N N 215 
LEU CA  C    sing N N 216 
LEU CA  CB   sing N N 217 
LEU CA  HA   sing N N 218 
LEU C   O    doub N N 219 
LEU C   OXT  sing N N 220 
LEU CB  CG   sing N N 221 
LEU CB  HB2  sing N N 222 
LEU CB  HB3  sing N N 223 
LEU CG  CD1  sing N N 224 
LEU CG  CD2  sing N N 225 
LEU CG  HG   sing N N 226 
LEU CD1 HD11 sing N N 227 
LEU CD1 HD12 sing N N 228 
LEU CD1 HD13 sing N N 229 
LEU CD2 HD21 sing N N 230 
LEU CD2 HD22 sing N N 231 
LEU CD2 HD23 sing N N 232 
LEU OXT HXT  sing N N 233 
LYS N   CA   sing N N 234 
LYS N   H    sing N N 235 
LYS N   H2   sing N N 236 
LYS CA  C    sing N N 237 
LYS CA  CB   sing N N 238 
LYS CA  HA   sing N N 239 
LYS C   O    doub N N 240 
LYS C   OXT  sing N N 241 
LYS CB  CG   sing N N 242 
LYS CB  HB2  sing N N 243 
LYS CB  HB3  sing N N 244 
LYS CG  CD   sing N N 245 
LYS CG  HG2  sing N N 246 
LYS CG  HG3  sing N N 247 
LYS CD  CE   sing N N 248 
LYS CD  HD2  sing N N 249 
LYS CD  HD3  sing N N 250 
LYS CE  NZ   sing N N 251 
LYS CE  HE2  sing N N 252 
LYS CE  HE3  sing N N 253 
LYS NZ  HZ1  sing N N 254 
LYS NZ  HZ2  sing N N 255 
LYS NZ  HZ3  sing N N 256 
LYS OXT HXT  sing N N 257 
MET N   CA   sing N N 258 
MET N   H    sing N N 259 
MET N   H2   sing N N 260 
MET CA  C    sing N N 261 
MET CA  CB   sing N N 262 
MET CA  HA   sing N N 263 
MET C   O    doub N N 264 
MET C   OXT  sing N N 265 
MET CB  CG   sing N N 266 
MET CB  HB2  sing N N 267 
MET CB  HB3  sing N N 268 
MET CG  SD   sing N N 269 
MET CG  HG2  sing N N 270 
MET CG  HG3  sing N N 271 
MET SD  CE   sing N N 272 
MET CE  HE1  sing N N 273 
MET CE  HE2  sing N N 274 
MET CE  HE3  sing N N 275 
MET OXT HXT  sing N N 276 
PHE N   CA   sing N N 277 
PHE N   H    sing N N 278 
PHE N   H2   sing N N 279 
PHE CA  C    sing N N 280 
PHE CA  CB   sing N N 281 
PHE CA  HA   sing N N 282 
PHE C   O    doub N N 283 
PHE C   OXT  sing N N 284 
PHE CB  CG   sing N N 285 
PHE CB  HB2  sing N N 286 
PHE CB  HB3  sing N N 287 
PHE CG  CD1  doub Y N 288 
PHE CG  CD2  sing Y N 289 
PHE CD1 CE1  sing Y N 290 
PHE CD1 HD1  sing N N 291 
PHE CD2 CE2  doub Y N 292 
PHE CD2 HD2  sing N N 293 
PHE CE1 CZ   doub Y N 294 
PHE CE1 HE1  sing N N 295 
PHE CE2 CZ   sing Y N 296 
PHE CE2 HE2  sing N N 297 
PHE CZ  HZ   sing N N 298 
PHE OXT HXT  sing N N 299 
PRO N   CA   sing N N 300 
PRO N   CD   sing N N 301 
PRO N   H    sing N N 302 
PRO CA  C    sing N N 303 
PRO CA  CB   sing N N 304 
PRO CA  HA   sing N N 305 
PRO C   O    doub N N 306 
PRO C   OXT  sing N N 307 
PRO CB  CG   sing N N 308 
PRO CB  HB2  sing N N 309 
PRO CB  HB3  sing N N 310 
PRO CG  CD   sing N N 311 
PRO CG  HG2  sing N N 312 
PRO CG  HG3  sing N N 313 
PRO CD  HD2  sing N N 314 
PRO CD  HD3  sing N N 315 
PRO OXT HXT  sing N N 316 
SER N   CA   sing N N 317 
SER N   H    sing N N 318 
SER N   H2   sing N N 319 
SER CA  C    sing N N 320 
SER CA  CB   sing N N 321 
SER CA  HA   sing N N 322 
SER C   O    doub N N 323 
SER C   OXT  sing N N 324 
SER CB  OG   sing N N 325 
SER CB  HB2  sing N N 326 
SER CB  HB3  sing N N 327 
SER OG  HG   sing N N 328 
SER OXT HXT  sing N N 329 
THR N   CA   sing N N 330 
THR N   H    sing N N 331 
THR N   H2   sing N N 332 
THR CA  C    sing N N 333 
THR CA  CB   sing N N 334 
THR CA  HA   sing N N 335 
THR C   O    doub N N 336 
THR C   OXT  sing N N 337 
THR CB  OG1  sing N N 338 
THR CB  CG2  sing N N 339 
THR CB  HB   sing N N 340 
THR OG1 HG1  sing N N 341 
THR CG2 HG21 sing N N 342 
THR CG2 HG22 sing N N 343 
THR CG2 HG23 sing N N 344 
THR OXT HXT  sing N N 345 
TYR N   CA   sing N N 346 
TYR N   H    sing N N 347 
TYR N   H2   sing N N 348 
TYR CA  C    sing N N 349 
TYR CA  CB   sing N N 350 
TYR CA  HA   sing N N 351 
TYR C   O    doub N N 352 
TYR C   OXT  sing N N 353 
TYR CB  CG   sing N N 354 
TYR CB  HB2  sing N N 355 
TYR CB  HB3  sing N N 356 
TYR CG  CD1  doub Y N 357 
TYR CG  CD2  sing Y N 358 
TYR CD1 CE1  sing Y N 359 
TYR CD1 HD1  sing N N 360 
TYR CD2 CE2  doub Y N 361 
TYR CD2 HD2  sing N N 362 
TYR CE1 CZ   doub Y N 363 
TYR CE1 HE1  sing N N 364 
TYR CE2 CZ   sing Y N 365 
TYR CE2 HE2  sing N N 366 
TYR CZ  OH   sing N N 367 
TYR OH  HH   sing N N 368 
TYR OXT HXT  sing N N 369 
VAL N   CA   sing N N 370 
VAL N   H    sing N N 371 
VAL N   H2   sing N N 372 
VAL CA  C    sing N N 373 
VAL CA  CB   sing N N 374 
VAL CA  HA   sing N N 375 
VAL C   O    doub N N 376 
VAL C   OXT  sing N N 377 
VAL CB  CG1  sing N N 378 
VAL CB  CG2  sing N N 379 
VAL CB  HB   sing N N 380 
VAL CG1 HG11 sing N N 381 
VAL CG1 HG12 sing N N 382 
VAL CG1 HG13 sing N N 383 
VAL CG2 HG21 sing N N 384 
VAL CG2 HG22 sing N N 385 
VAL CG2 HG23 sing N N 386 
VAL OXT HXT  sing N N 387 
# 
loop_
_pdbx_entity_nonpoly.entity_id 
_pdbx_entity_nonpoly.name 
_pdbx_entity_nonpoly.comp_id 
2 '(4R,6R,7S)-2-(2-CYCLOPROPYLETHYL)-4,6,7-TRIHYDROXY-4,5,6,7-TETRAHYDRO-1-BENZOTHIOPHENE-4-CARBOXYLIC ACID' JPS 
3 water                                                                                                      HOH 
# 
_pdbx_initial_refinement_model.id               1 
_pdbx_initial_refinement_model.entity_id_list   ? 
_pdbx_initial_refinement_model.type             'experimental model' 
_pdbx_initial_refinement_model.source_name      PDB 
_pdbx_initial_refinement_model.accession_code   2C4V 
_pdbx_initial_refinement_model.details          'PDB ENTRY 2C4V' 
# 
